data_2BCC
#
_entry.id   2BCC
#
_cell.length_a   173.460
_cell.length_b   182.450
_cell.length_c   241.330
_cell.angle_alpha   90.00
_cell.angle_beta   90.00
_cell.angle_gamma   90.00
#
_symmetry.space_group_name_H-M   'P 21 21 21'
#
loop_
_entity.id
_entity.type
_entity.pdbx_description
1 polymer 'UBIQUINOL CYTOCHROME C OXIDOREDUCTASE'
2 polymer 'UBIQUINOL CYTOCHROME C OXIDOREDUCTASE'
3 polymer 'UBIQUINOL CYTOCHROME C OXIDOREDUCTASE'
4 polymer 'UBIQUINOL CYTOCHROME C OXIDOREDUCTASE'
5 polymer 'UBIQUINOL CYTOCHROME C OXIDOREDUCTASE'
6 polymer 'UBIQUINOL CYTOCHROME C OXIDOREDUCTASE'
7 polymer 'UBIQUINOL CYTOCHROME C OXIDOREDUCTASE'
8 polymer 'UBIQUINOL CYTOCHROME C OXIDOREDUCTASE'
9 polymer 'UBIQUINOL CYTOCHROME C OXIDOREDUCTASE'
10 polymer 'UBIQUINOL CYTOCHROME C OXIDOREDUCTASE'
11 non-polymer 'PROTOPORPHYRIN IX CONTAINING FE'
12 non-polymer UBIQUINONE-10
13 non-polymer 1,2-dioleoyl-sn-glycero-3-phosphoethanolamine
14 non-polymer STIGMATELLIN
15 non-polymer 'octyl beta-D-glucopyranoside'
16 non-polymer 'FE2/S2 (INORGANIC) CLUSTER'
#
loop_
_entity_poly.entity_id
_entity_poly.type
_entity_poly.pdbx_seq_one_letter_code
_entity_poly.pdbx_strand_id
1 'polypeptide(L)'
;TAYYAQALQSVPETQVSQLDNGVRVASEQSSQPTCTVGVWIDAGSRYESEKNNGAGYFLEHLAFKGTKNRPQNALEKEVE
SMGAHLNAYSSREHTAYYIKALSKDVPKAVELLADIVQNCSLEDSQIEKERDVIVRELQENDTSMREVVFNYLHATAFQG
TGLAQSVEGPSENIRKLSRADLTEYLSTHYTAPRMVLAAAGGVEHQQLLELAQKHFGGVPFTYDDDAVPTLSKCRFTGSQ
IRHREDGLPLAHVAIAVEGPGWAHPDLVALQVANAIIGHYDRTYGGGLHSSSPLASIAVTNKLCQSFQTFSICYSETGLF
GFYFVCDRMSIDDMMFVLQGQWMRLCTSISESEVLRGKNFLRNALVSHLDGTTPVCEDIGRELLTYGRRIPLEEWEERLA
EVDARMVREVCSKYIYDQCPAVAGPGPIEQLPDYNRIRSGMFWLRF
;
A
2 'polypeptide(L)'
;PPHPQDLEITKLPNGLVIASLENYSPGSTIGVFIKAGSRYENSSNLGTSHLLRLASSLTTKGASSFKITRGIEAVGGKLS
VESTRENMAYTVECLRDDVEILMEFLLNVTTAPEFRPWEVADLQPQLKIDKAVAFQNPQTHVIENLHAAAYRNALADSLY
CPDYRIGKVTSVELHDFVQNHFTSARMALVGLGVSHPVLKNVAEQLLNIRGGLGLSGAKAKYRGGEIREQNGDSLVHAAI
VAESAAIGGAEANAFSVLQHVLGANPHVKRGLNATSSLYQAVAKGVHQPFDVSAFNASYSDSGLFGFYTISQAAYAGQVI
KAAYNQVKTIAQGNVSNENVQAAKNKLKAKYLMSVESSEGFLEEVGSQALAAGSYNPPSTVLQQIDAVADADVIKAAKKF
VSRQKSMAASGNLGHTPFVDEL
;
B
3 'polypeptide(L)'
;MAPNIRKSHPLLKMINNSLIDLPAPSNISAWWNFGSLLAVCLMTQILTGLLLAMHYTADTSLAFSSVAHTCRNVQYGWLI
RNLHANGASFFFICIFLHIGRGLYYGSYLYKETWNTGVILLLTLMATAFVGYVLPWGQMSFWGATVITNLFSAIPYIGHT
LVEWAWGGFSVDNPTLTRFFALHFLLPFAIAGITIIHLTFLHESGSNNPLGISSDSDKIPFHPYYSFKDILGLTLMLTPF
LTLALFSPNLLGDPENFTPANPLVTPPHIKPEWYFLFAYAILRSIPNKLGGVLALAASVLILFLIPFLHKSKQRTMTFRP
LSQTLFWLLVANLLILTWIGSQPVEHPFIIIGQMASLSYFTILLILFPTIGTLENKMLNY
;
C
4 'polypeptide(L)'
;SDLELHPPSYPWSHRGPLSSLDHTSIRRGFQVYKQVCSSCHSMDYVAYRHLVGVCYTEDEAKALAEEVEVQDGPNEDGEM
FMRPGKLSDYFPKPYPNPEAARAANNGALPPDLSYIVRARHGGEDYVFSLLTGYCEPPTGVSVREGLYFNPYFPGQAIGM
APPIYNDVLEFDDGTPATMSQVAKDVCTFLRWAAEPEHDHRKRMGLKMLLMMGLLVPLVYYMKRHKWSVLKSRKLAYRPP
K
;
D
5 'polypeptide(L)'
;SHTDIKVPNFSDYRRPPDDYSTKSSRESDPSRKGFSYLVTAVTTLGVAYAAKNVVTQFVSSMSASADVLAMSKIEIKLSD
IPEGKNMAFKWRGKPLFVRHRTKKEIDQEAAVEVSQLRDPQHDLERVKKPEWVILIGVCTHLGCVPIANAGDFGGYYCPC
HGSHYDASGRIRKGPAPLNLEVPSYEFTSDDMVIVG
;
E
6 'polypeptide(L)'
;AGRPAVSASSRWLEGIRKWYYNAAGFNKYGLMRDDTIYENDDVKEAIRRLPENLYDDRMFRIKRALDLNMRQQILPKEQW
TKYEEDVPYLEPYLKEVIRERKEREEWDK
;
F
7 'polypeptide(L)'
;GRQFGHLTRVRHLITYSLSPFEQRPFPHYFSKGVPNVWRRLRACILRVAPPFLAFYLLYTWGTQEFEKSKRKNPAAYVND
R
;
G
8 'polypeptide(L)' GDPKEEEEEEEELVDPLTTVREQCEQLEKCVKARERLELCDERVSSRSQTEEDCTEELFDFLHARDHCVAHKLFNSLK H
9 'polypeptide(L)'
;(UNK)(UNK)(UNK)(UNK)(UNK)(UNK)(UNK)(UNK)(UNK)(UNK)(UNK)(UNK)(UNK)(UNK)(UNK)(UNK)
(UNK)(UNK)(UNK)(UNK)(UNK)(UNK)(UNK)(UNK)(UNK)(UNK)(UNK)(UNK)(UNK)(UNK)(UNK)(UNK)
(UNK)
;
I
10 'polypeptide(L)' VAPTLTARLYSLLFRRTSTFALTIVVGALLFERAFDQGADAIYEHINEGKLWKHIKHKYENK J
#
loop_
_chem_comp.id
_chem_comp.type
_chem_comp.name
_chem_comp.formula
BOG D-saccharide 'octyl beta-D-glucopyranoside' 'C14 H28 O6'
FES non-polymer 'FE2/S2 (INORGANIC) CLUSTER' 'Fe2 S2'
HEM non-polymer 'PROTOPORPHYRIN IX CONTAINING FE' 'C34 H32 Fe N4 O4'
PEE non-polymer 1,2-dioleoyl-sn-glycero-3-phosphoethanolamine 'C41 H78 N O8 P'
SIG non-polymer STIGMATELLIN 'C30 H42 O5'
U10 non-polymer UBIQUINONE-10 'C59 H90 O4'
#
# COMPACT_ATOMS: atom_id res chain seq x y z
N TYR A 4 -49.06 7.50 17.69
CA TYR A 4 -47.70 6.89 17.91
C TYR A 4 -46.89 7.58 19.00
N ALA A 5 -46.39 8.77 18.68
CA ALA A 5 -45.59 9.54 19.61
C ALA A 5 -46.33 9.42 20.93
N GLN A 6 -47.65 9.31 20.81
CA GLN A 6 -48.51 9.17 21.96
C GLN A 6 -48.20 7.81 22.58
N ALA A 7 -48.20 6.77 21.75
CA ALA A 7 -47.89 5.42 22.21
C ALA A 7 -46.64 5.50 23.09
N LEU A 8 -45.74 6.40 22.73
CA LEU A 8 -44.49 6.59 23.46
C LEU A 8 -44.66 7.32 24.79
N GLN A 9 -45.44 8.38 24.77
CA GLN A 9 -45.71 9.20 25.94
C GLN A 9 -46.57 8.46 26.97
N SER A 10 -47.52 7.68 26.46
CA SER A 10 -48.45 6.91 27.30
C SER A 10 -47.75 5.72 27.95
N VAL A 11 -46.46 5.55 27.67
CA VAL A 11 -45.71 4.46 28.28
C VAL A 11 -45.32 4.89 29.70
N PRO A 12 -45.54 4.01 30.68
CA PRO A 12 -45.26 4.21 32.10
C PRO A 12 -43.81 4.60 32.42
N GLU A 13 -43.67 5.57 33.31
CA GLU A 13 -42.36 6.06 33.71
C GLU A 13 -41.59 5.02 34.52
N THR A 14 -40.28 5.13 34.50
CA THR A 14 -39.46 4.18 35.24
C THR A 14 -39.13 4.74 36.62
N GLN A 15 -39.57 4.01 37.63
CA GLN A 15 -39.35 4.40 39.01
C GLN A 15 -38.01 3.94 39.55
N VAL A 16 -37.38 4.83 40.30
CA VAL A 16 -36.09 4.56 40.90
C VAL A 16 -36.11 5.13 42.32
N SER A 17 -35.25 4.60 43.18
CA SER A 17 -35.14 5.11 44.55
C SER A 17 -33.97 4.40 45.23
N GLN A 18 -33.02 5.21 45.70
CA GLN A 18 -31.82 4.71 46.36
C GLN A 18 -32.03 4.44 47.84
N LEU A 19 -31.27 3.48 48.38
CA LEU A 19 -31.35 3.13 49.79
C LEU A 19 -30.25 3.91 50.50
N ASP A 20 -30.35 4.00 51.81
CA ASP A 20 -29.35 4.69 52.60
C ASP A 20 -28.17 3.72 52.60
N ASN A 21 -28.36 2.68 51.80
CA ASN A 21 -27.40 1.60 51.62
C ASN A 21 -26.45 2.00 50.49
N GLY A 22 -27.01 2.15 49.31
CA GLY A 22 -26.26 2.49 48.12
C GLY A 22 -27.00 1.89 46.93
N VAL A 23 -27.70 0.79 47.19
CA VAL A 23 -28.48 0.08 46.17
C VAL A 23 -29.60 0.94 45.61
N ARG A 24 -29.59 1.11 44.30
CA ARG A 24 -30.63 1.89 43.65
C ARG A 24 -31.68 0.86 43.23
N VAL A 25 -32.94 1.13 43.50
CA VAL A 25 -33.99 0.20 43.10
C VAL A 25 -34.88 0.88 42.08
N ALA A 26 -34.92 0.31 40.89
CA ALA A 26 -35.73 0.86 39.81
C ALA A 26 -36.62 -0.22 39.23
N SER A 27 -37.67 0.21 38.56
CA SER A 27 -38.60 -0.75 38.01
C SER A 27 -39.66 -0.11 37.14
N GLU A 28 -40.12 -0.87 36.16
CA GLU A 28 -41.15 -0.40 35.25
C GLU A 28 -42.31 -1.37 35.37
N GLN A 29 -43.49 -0.81 35.57
CA GLN A 29 -44.69 -1.60 35.76
C GLN A 29 -45.54 -1.85 34.52
N SER A 30 -46.26 -2.96 34.54
CA SER A 30 -47.14 -3.35 33.45
C SER A 30 -48.24 -4.24 33.99
N SER A 31 -49.11 -4.70 33.11
CA SER A 31 -50.20 -5.59 33.49
C SER A 31 -49.63 -6.99 33.71
N GLN A 32 -48.82 -7.41 32.75
CA GLN A 32 -48.19 -8.73 32.75
C GLN A 32 -48.04 -9.42 34.09
N PRO A 33 -48.61 -10.63 34.20
CA PRO A 33 -48.60 -11.50 35.37
C PRO A 33 -47.16 -11.75 35.72
N THR A 34 -46.48 -12.40 34.78
CA THR A 34 -45.08 -12.71 34.87
C THR A 34 -44.27 -11.43 34.99
N CYS A 35 -42.96 -11.60 35.13
CA CYS A 35 -42.04 -10.47 35.23
C CYS A 35 -40.61 -11.00 35.35
N THR A 36 -39.68 -10.07 35.51
CA THR A 36 -38.29 -10.43 35.67
C THR A 36 -37.70 -9.42 36.65
N VAL A 37 -36.77 -9.86 37.48
CA VAL A 37 -36.13 -9.00 38.45
C VAL A 37 -34.66 -9.40 38.59
N GLY A 38 -33.81 -8.44 38.92
CA GLY A 38 -32.41 -8.77 39.06
C GLY A 38 -31.51 -7.68 39.56
N VAL A 39 -30.29 -8.09 39.87
CA VAL A 39 -29.23 -7.22 40.36
C VAL A 39 -28.16 -7.13 39.26
N TRP A 40 -27.84 -5.90 38.83
CA TRP A 40 -26.85 -5.66 37.77
C TRP A 40 -25.66 -4.95 38.38
N ILE A 41 -24.61 -5.72 38.64
CA ILE A 41 -23.40 -5.21 39.25
C ILE A 41 -22.48 -4.44 38.29
N ASP A 42 -21.74 -3.48 38.84
CA ASP A 42 -20.78 -2.68 38.10
C ASP A 42 -19.46 -3.40 38.26
N ALA A 43 -19.46 -4.68 37.91
CA ALA A 43 -18.26 -5.49 38.01
C ALA A 43 -17.93 -6.02 36.63
N GLY A 44 -16.71 -6.50 36.48
CA GLY A 44 -16.28 -7.03 35.21
C GLY A 44 -14.84 -7.47 35.19
N SER A 45 -14.37 -7.86 34.03
CA SER A 45 -13.00 -8.29 33.88
C SER A 45 -12.14 -7.03 33.87
N ARG A 46 -12.77 -5.89 33.61
CA ARG A 46 -12.01 -4.66 33.58
C ARG A 46 -11.57 -4.32 34.96
N TYR A 47 -12.23 -4.93 35.95
CA TYR A 47 -11.89 -4.67 37.34
C TYR A 47 -10.96 -5.74 37.85
N GLU A 48 -10.58 -6.67 37.01
CA GLU A 48 -9.71 -7.71 37.51
C GLU A 48 -8.26 -7.27 37.34
N SER A 49 -7.35 -7.96 38.03
CA SER A 49 -5.93 -7.67 37.96
C SER A 49 -5.27 -8.65 37.02
N GLU A 50 -3.95 -8.79 37.15
CA GLU A 50 -3.19 -9.71 36.30
C GLU A 50 -3.33 -11.12 36.85
N LYS A 51 -3.50 -11.22 38.17
CA LYS A 51 -3.61 -12.51 38.83
C LYS A 51 -5.05 -12.70 39.25
N ASN A 52 -5.79 -11.61 39.20
CA ASN A 52 -7.18 -11.59 39.57
C ASN A 52 -8.10 -11.88 38.35
N ASN A 53 -7.57 -11.78 37.13
CA ASN A 53 -8.32 -12.00 35.88
C ASN A 53 -9.01 -13.34 35.78
N GLY A 54 -10.34 -13.33 35.75
CA GLY A 54 -11.09 -14.56 35.66
C GLY A 54 -12.16 -14.60 36.74
N ALA A 55 -11.79 -14.20 37.94
CA ALA A 55 -12.70 -14.15 39.09
C ALA A 55 -14.16 -13.95 38.70
N GLY A 56 -14.51 -12.72 38.34
CA GLY A 56 -15.88 -12.41 37.95
C GLY A 56 -16.64 -13.48 37.18
N TYR A 57 -15.91 -14.29 36.43
CA TYR A 57 -16.51 -15.34 35.62
C TYR A 57 -16.59 -16.62 36.41
N PHE A 58 -15.44 -17.03 36.95
CA PHE A 58 -15.36 -18.26 37.75
C PHE A 58 -16.42 -18.11 38.84
N LEU A 59 -16.64 -16.87 39.24
CA LEU A 59 -17.63 -16.56 40.25
C LEU A 59 -19.01 -16.79 39.64
N GLU A 60 -19.25 -16.22 38.46
CA GLU A 60 -20.54 -16.37 37.80
C GLU A 60 -20.96 -17.82 37.88
N HIS A 61 -20.01 -18.72 37.64
CA HIS A 61 -20.30 -20.14 37.65
C HIS A 61 -20.57 -20.82 38.99
N LEU A 62 -20.59 -20.05 40.07
CA LEU A 62 -20.86 -20.59 41.40
C LEU A 62 -21.98 -19.79 42.04
N ALA A 63 -22.26 -18.62 41.47
CA ALA A 63 -23.30 -17.74 41.99
C ALA A 63 -24.63 -18.48 42.07
N PHE A 64 -24.75 -19.53 41.27
CA PHE A 64 -25.98 -20.31 41.24
C PHE A 64 -25.89 -21.63 42.02
N LYS A 65 -24.72 -22.23 42.05
CA LYS A 65 -24.55 -23.49 42.75
C LYS A 65 -24.79 -23.46 44.27
N GLY A 66 -25.63 -22.53 44.72
CA GLY A 66 -26.00 -22.46 46.12
C GLY A 66 -25.34 -21.46 47.07
N THR A 67 -26.07 -21.14 48.13
CA THR A 67 -25.60 -20.21 49.17
C THR A 67 -25.53 -20.94 50.51
N LYS A 68 -24.96 -20.28 51.52
CA LYS A 68 -24.83 -20.89 52.83
C LYS A 68 -26.23 -21.12 53.37
N ASN A 69 -27.04 -20.07 53.33
CA ASN A 69 -28.40 -20.14 53.81
C ASN A 69 -29.11 -21.38 53.24
N ARG A 70 -28.97 -21.60 51.93
CA ARG A 70 -29.62 -22.73 51.28
C ARG A 70 -28.76 -23.41 50.22
N PRO A 71 -28.08 -24.51 50.60
CA PRO A 71 -27.20 -25.29 49.74
C PRO A 71 -27.77 -25.57 48.36
N GLN A 72 -26.91 -26.08 47.49
CA GLN A 72 -27.29 -26.36 46.10
C GLN A 72 -28.67 -26.94 45.93
N ASN A 73 -28.78 -28.23 46.19
CA ASN A 73 -30.06 -28.93 46.06
C ASN A 73 -31.21 -27.95 46.35
N ALA A 74 -31.16 -27.33 47.52
CA ALA A 74 -32.20 -26.40 47.97
C ALA A 74 -32.49 -25.19 47.06
N LEU A 75 -31.45 -24.43 46.69
CA LEU A 75 -31.62 -23.25 45.83
C LEU A 75 -32.31 -23.69 44.55
N GLU A 76 -31.63 -24.53 43.77
CA GLU A 76 -32.20 -25.00 42.52
C GLU A 76 -33.60 -25.56 42.77
N LYS A 77 -33.72 -26.46 43.73
CA LYS A 77 -35.01 -27.05 44.02
C LYS A 77 -36.05 -25.97 44.28
N GLU A 78 -35.73 -25.06 45.18
CA GLU A 78 -36.67 -24.00 45.49
C GLU A 78 -36.99 -23.13 44.27
N VAL A 79 -36.02 -23.01 43.36
CA VAL A 79 -36.21 -22.20 42.14
C VAL A 79 -36.93 -23.03 41.09
N GLU A 80 -36.37 -24.19 40.76
CA GLU A 80 -36.97 -25.08 39.78
C GLU A 80 -38.47 -25.15 40.12
N SER A 81 -38.73 -25.69 41.30
CA SER A 81 -40.07 -25.88 41.83
C SER A 81 -41.06 -24.71 41.68
N MET A 82 -40.56 -23.47 41.61
CA MET A 82 -41.47 -22.33 41.46
C MET A 82 -41.53 -21.81 40.03
N GLY A 83 -41.08 -22.65 39.10
CA GLY A 83 -41.10 -22.31 37.69
C GLY A 83 -40.45 -21.00 37.31
N ALA A 84 -39.37 -20.64 38.00
CA ALA A 84 -38.66 -19.40 37.71
C ALA A 84 -37.34 -19.69 37.02
N HIS A 85 -36.89 -18.74 36.21
CA HIS A 85 -35.62 -18.89 35.51
C HIS A 85 -34.61 -17.90 36.07
N LEU A 86 -33.50 -18.43 36.57
CA LEU A 86 -32.44 -17.61 37.12
C LEU A 86 -31.26 -17.81 36.18
N ASN A 87 -30.96 -16.78 35.39
CA ASN A 87 -29.86 -16.84 34.43
C ASN A 87 -29.02 -15.60 34.62
N ALA A 88 -27.86 -15.54 33.98
CA ALA A 88 -27.01 -14.36 34.14
C ALA A 88 -25.77 -14.28 33.25
N TYR A 89 -24.98 -13.24 33.46
CA TYR A 89 -23.79 -13.01 32.65
C TYR A 89 -22.72 -12.09 33.25
N SER A 90 -21.53 -12.10 32.65
CA SER A 90 -20.42 -11.24 33.09
C SER A 90 -19.59 -10.66 31.92
N SER A 91 -19.74 -9.36 31.66
CA SER A 91 -19.01 -8.72 30.56
C SER A 91 -17.71 -8.12 31.08
N ARG A 92 -17.21 -7.08 30.41
CA ARG A 92 -15.96 -6.47 30.83
C ARG A 92 -16.21 -5.39 31.86
N GLU A 93 -17.34 -4.72 31.78
CA GLU A 93 -17.66 -3.65 32.73
C GLU A 93 -19.06 -3.76 33.31
N HIS A 94 -19.70 -4.92 33.20
CA HIS A 94 -21.10 -5.00 33.57
C HIS A 94 -21.43 -6.46 33.91
N THR A 95 -21.85 -6.73 35.14
CA THR A 95 -22.22 -8.10 35.51
C THR A 95 -23.69 -8.09 35.89
N ALA A 96 -24.42 -9.16 35.61
CA ALA A 96 -25.82 -9.18 35.98
C ALA A 96 -26.37 -10.57 36.34
N TYR A 97 -27.29 -10.60 37.32
CA TYR A 97 -27.97 -11.80 37.79
C TYR A 97 -29.47 -11.57 37.81
N TYR A 98 -30.22 -12.40 37.07
CA TYR A 98 -31.65 -12.18 37.02
C TYR A 98 -32.55 -13.41 36.98
N ILE A 99 -33.74 -13.23 37.53
CA ILE A 99 -34.77 -14.25 37.60
C ILE A 99 -36.06 -13.75 36.97
N LYS A 100 -36.81 -14.68 36.37
CA LYS A 100 -38.10 -14.35 35.82
C LYS A 100 -39.12 -15.28 36.45
N ALA A 101 -39.95 -14.66 37.28
CA ALA A 101 -40.99 -15.34 38.03
C ALA A 101 -42.34 -14.71 37.70
N LEU A 102 -43.37 -15.10 38.45
CA LEU A 102 -44.71 -14.62 38.19
C LEU A 102 -45.09 -13.35 38.93
N SER A 103 -44.11 -12.54 39.30
CA SER A 103 -44.33 -11.30 40.05
C SER A 103 -45.07 -11.58 41.35
N LYS A 104 -45.76 -12.71 41.39
CA LYS A 104 -46.47 -13.13 42.58
C LYS A 104 -45.34 -13.56 43.50
N ASP A 105 -44.12 -13.29 43.06
CA ASP A 105 -42.97 -13.68 43.84
C ASP A 105 -41.88 -12.61 43.94
N VAL A 106 -42.23 -11.37 43.61
CA VAL A 106 -41.27 -10.25 43.70
C VAL A 106 -40.43 -10.47 44.93
N PRO A 107 -41.07 -10.61 46.11
CA PRO A 107 -40.41 -10.83 47.40
C PRO A 107 -39.50 -12.04 47.45
N LYS A 108 -40.04 -13.20 47.11
CA LYS A 108 -39.26 -14.44 47.13
C LYS A 108 -38.03 -14.31 46.21
N ALA A 109 -38.24 -13.83 44.98
CA ALA A 109 -37.14 -13.66 44.04
C ALA A 109 -36.12 -12.70 44.67
N VAL A 110 -36.56 -11.50 45.02
CA VAL A 110 -35.67 -10.51 45.62
C VAL A 110 -34.76 -11.11 46.68
N GLU A 111 -35.35 -11.88 47.58
CA GLU A 111 -34.59 -12.53 48.66
C GLU A 111 -33.54 -13.47 48.07
N LEU A 112 -33.97 -14.28 47.10
CA LEU A 112 -33.09 -15.22 46.45
C LEU A 112 -31.91 -14.45 45.83
N LEU A 113 -32.22 -13.42 45.05
CA LEU A 113 -31.21 -12.59 44.41
C LEU A 113 -30.21 -12.16 45.47
N ALA A 114 -30.73 -11.51 46.50
CA ALA A 114 -29.93 -11.02 47.61
C ALA A 114 -29.05 -12.09 48.21
N ASP A 115 -29.61 -13.28 48.40
CA ASP A 115 -28.85 -14.36 49.01
C ASP A 115 -27.65 -14.77 48.16
N ILE A 116 -27.68 -14.44 46.87
CA ILE A 116 -26.57 -14.80 45.98
C ILE A 116 -25.51 -13.73 45.88
N VAL A 117 -25.92 -12.49 45.62
CA VAL A 117 -24.97 -11.41 45.54
C VAL A 117 -24.27 -11.28 46.90
N GLN A 118 -24.87 -11.88 47.91
CA GLN A 118 -24.33 -11.81 49.27
C GLN A 118 -23.74 -13.06 49.92
N ASN A 119 -24.44 -14.19 49.87
CA ASN A 119 -23.94 -15.42 50.51
C ASN A 119 -23.66 -16.65 49.67
N CYS A 120 -22.71 -16.59 48.75
CA CYS A 120 -22.46 -17.79 47.96
C CYS A 120 -21.71 -18.84 48.74
N SER A 121 -22.20 -20.08 48.63
CA SER A 121 -21.57 -21.19 49.32
C SER A 121 -20.10 -21.11 49.02
N LEU A 122 -19.77 -21.19 47.73
CA LEU A 122 -18.39 -21.14 47.28
C LEU A 122 -17.70 -22.34 47.88
N GLU A 123 -18.47 -23.42 47.93
CA GLU A 123 -17.97 -24.65 48.47
C GLU A 123 -16.67 -24.98 47.78
N ASP A 124 -15.59 -25.01 48.56
CA ASP A 124 -14.27 -25.29 48.04
C ASP A 124 -14.25 -26.57 47.17
N SER A 125 -15.27 -27.40 47.31
CA SER A 125 -15.36 -28.65 46.53
C SER A 125 -16.06 -28.43 45.21
N GLN A 126 -17.09 -27.59 45.26
CA GLN A 126 -17.88 -27.24 44.09
C GLN A 126 -17.00 -26.40 43.17
N ILE A 127 -16.08 -25.65 43.77
CA ILE A 127 -15.14 -24.83 43.02
C ILE A 127 -14.28 -25.73 42.15
N GLU A 128 -13.38 -26.45 42.81
CA GLU A 128 -12.46 -27.35 42.15
C GLU A 128 -13.09 -28.08 40.98
N LYS A 129 -14.42 -28.21 40.99
CA LYS A 129 -15.14 -28.90 39.90
C LYS A 129 -15.44 -27.94 38.75
N GLU A 130 -15.90 -26.73 39.10
CA GLU A 130 -16.22 -25.71 38.12
C GLU A 130 -14.94 -25.28 37.45
N ARG A 131 -13.82 -25.53 38.11
CA ARG A 131 -12.54 -25.17 37.57
C ARG A 131 -12.38 -25.92 36.28
N ASP A 132 -12.37 -27.25 36.38
CA ASP A 132 -12.22 -28.10 35.21
C ASP A 132 -13.33 -27.91 34.17
N VAL A 133 -14.47 -27.37 34.59
CA VAL A 133 -15.60 -27.12 33.69
C VAL A 133 -15.31 -25.91 32.81
N ILE A 134 -15.04 -24.78 33.46
CA ILE A 134 -14.71 -23.58 32.72
C ILE A 134 -13.58 -23.92 31.78
N VAL A 135 -12.47 -24.41 32.33
CA VAL A 135 -11.31 -24.78 31.52
C VAL A 135 -11.72 -25.54 30.24
N ARG A 136 -12.86 -26.22 30.28
CA ARG A 136 -13.37 -26.97 29.13
C ARG A 136 -14.21 -26.00 28.30
N GLU A 137 -15.24 -25.49 28.95
CA GLU A 137 -16.16 -24.51 28.38
C GLU A 137 -15.35 -23.44 27.62
N LEU A 138 -14.15 -23.18 28.13
CA LEU A 138 -13.26 -22.19 27.55
C LEU A 138 -12.69 -22.74 26.25
N GLN A 139 -12.45 -24.04 26.22
CA GLN A 139 -11.94 -24.67 25.02
C GLN A 139 -12.99 -24.67 23.92
N GLU A 140 -14.26 -24.59 24.30
CA GLU A 140 -15.33 -24.55 23.30
C GLU A 140 -15.24 -23.11 22.78
N ASN A 141 -15.46 -22.12 23.64
CA ASN A 141 -15.39 -20.70 23.29
C ASN A 141 -14.34 -20.41 22.23
N ASP A 142 -13.25 -21.18 22.26
CA ASP A 142 -12.13 -20.99 21.34
C ASP A 142 -12.47 -21.20 19.87
N THR A 143 -13.20 -22.26 19.55
CA THR A 143 -13.55 -22.49 18.15
C THR A 143 -14.79 -21.73 17.69
N SER A 144 -15.07 -20.59 18.33
CA SER A 144 -16.17 -19.71 17.92
C SER A 144 -15.43 -18.55 17.32
N MET A 145 -14.79 -18.79 16.18
CA MET A 145 -13.99 -17.78 15.51
C MET A 145 -14.67 -16.40 15.57
N ARG A 146 -15.99 -16.43 15.53
CA ARG A 146 -16.83 -15.23 15.57
C ARG A 146 -16.52 -14.43 16.84
N GLU A 147 -16.09 -15.15 17.88
CA GLU A 147 -15.75 -14.57 19.17
C GLU A 147 -14.28 -14.25 19.34
N VAL A 148 -13.42 -15.26 19.24
CA VAL A 148 -11.99 -15.04 19.38
C VAL A 148 -11.56 -13.80 18.62
N VAL A 149 -12.20 -13.57 17.48
CA VAL A 149 -11.89 -12.42 16.65
C VAL A 149 -12.13 -11.09 17.40
N PHE A 150 -13.15 -11.03 18.23
CA PHE A 150 -13.39 -9.80 19.00
C PHE A 150 -12.45 -9.65 20.19
N ASN A 151 -12.22 -10.73 20.91
CA ASN A 151 -11.32 -10.66 22.05
C ASN A 151 -10.02 -10.07 21.51
N TYR A 152 -9.48 -10.70 20.47
CA TYR A 152 -8.26 -10.21 19.90
C TYR A 152 -8.39 -8.74 19.59
N LEU A 153 -9.50 -8.35 18.99
CA LEU A 153 -9.68 -6.95 18.68
C LEU A 153 -9.35 -6.15 19.94
N HIS A 154 -10.12 -6.40 21.00
CA HIS A 154 -9.87 -5.71 22.26
C HIS A 154 -8.41 -5.92 22.63
N ALA A 155 -8.00 -7.18 22.58
CA ALA A 155 -6.64 -7.56 22.92
C ALA A 155 -5.59 -6.62 22.36
N THR A 156 -5.82 -6.07 21.17
CA THR A 156 -4.83 -5.19 20.58
C THR A 156 -5.28 -3.74 20.58
N ALA A 157 -6.59 -3.50 20.39
CA ALA A 157 -7.12 -2.13 20.37
C ALA A 157 -6.86 -1.46 21.71
N PHE A 158 -6.97 -2.23 22.78
CA PHE A 158 -6.74 -1.72 24.12
C PHE A 158 -5.51 -2.38 24.71
N GLN A 159 -4.64 -2.84 23.83
CA GLN A 159 -3.41 -3.48 24.26
C GLN A 159 -2.82 -2.75 25.47
N GLY A 160 -2.37 -3.50 26.46
CA GLY A 160 -1.77 -2.89 27.62
C GLY A 160 -2.69 -2.45 28.75
N THR A 161 -3.98 -2.31 28.50
CA THR A 161 -4.89 -1.88 29.56
C THR A 161 -5.84 -2.99 30.00
N GLY A 162 -6.65 -2.69 31.00
CA GLY A 162 -7.58 -3.67 31.53
C GLY A 162 -8.56 -4.20 30.51
N LEU A 163 -8.93 -3.34 29.56
CA LEU A 163 -9.87 -3.73 28.55
C LEU A 163 -9.40 -4.77 27.55
N ALA A 164 -8.09 -4.96 27.44
CA ALA A 164 -7.58 -5.94 26.49
C ALA A 164 -7.65 -7.32 27.09
N GLN A 165 -7.98 -7.40 28.37
CA GLN A 165 -8.10 -8.68 29.06
C GLN A 165 -9.50 -9.21 28.71
N SER A 166 -9.61 -10.50 28.43
CA SER A 166 -10.91 -11.07 28.09
C SER A 166 -11.68 -11.36 29.38
N VAL A 167 -13.00 -11.48 29.26
CA VAL A 167 -13.82 -11.74 30.43
C VAL A 167 -13.56 -13.09 31.09
N GLU A 168 -13.50 -14.15 30.30
CA GLU A 168 -13.24 -15.49 30.83
C GLU A 168 -11.94 -15.60 31.62
N GLY A 169 -10.86 -14.97 31.13
CA GLY A 169 -9.56 -15.01 31.81
C GLY A 169 -8.61 -16.08 31.30
N PRO A 170 -7.27 -15.96 31.49
CA PRO A 170 -6.31 -16.97 31.02
C PRO A 170 -6.54 -18.35 31.62
N SER A 171 -6.11 -19.39 30.91
CA SER A 171 -6.30 -20.74 31.41
C SER A 171 -5.41 -21.01 32.60
N GLU A 172 -4.47 -20.10 32.86
CA GLU A 172 -3.57 -20.29 34.01
C GLU A 172 -4.33 -19.85 35.28
N ASN A 173 -4.95 -18.68 35.22
CA ASN A 173 -5.72 -18.17 36.34
C ASN A 173 -6.88 -19.11 36.73
N ILE A 174 -7.59 -19.63 35.73
CA ILE A 174 -8.70 -20.51 36.01
C ILE A 174 -8.22 -21.76 36.69
N ARG A 175 -7.04 -22.23 36.30
CA ARG A 175 -6.46 -23.42 36.92
C ARG A 175 -6.00 -23.14 38.34
N LYS A 176 -5.73 -21.88 38.67
CA LYS A 176 -5.20 -21.59 40.00
C LYS A 176 -5.89 -20.57 40.89
N LEU A 177 -7.10 -20.13 40.57
CA LEU A 177 -7.72 -19.15 41.47
C LEU A 177 -7.99 -19.89 42.79
N SER A 178 -7.91 -19.17 43.91
CA SER A 178 -8.16 -19.78 45.22
C SER A 178 -9.51 -19.42 45.80
N ARG A 179 -10.05 -20.35 46.58
CA ARG A 179 -11.33 -20.18 47.23
C ARG A 179 -11.37 -18.73 47.70
N ALA A 180 -10.23 -18.28 48.21
CA ALA A 180 -10.10 -16.92 48.70
C ALA A 180 -10.36 -15.85 47.62
N ASP A 181 -9.61 -15.93 46.51
CA ASP A 181 -9.70 -14.98 45.39
C ASP A 181 -11.13 -14.66 44.95
N LEU A 182 -11.97 -15.70 44.90
CA LEU A 182 -13.36 -15.54 44.50
C LEU A 182 -14.07 -14.68 45.53
N THR A 183 -13.73 -14.90 46.80
CA THR A 183 -14.31 -14.15 47.90
C THR A 183 -13.81 -12.72 47.83
N GLU A 184 -12.52 -12.58 47.60
CA GLU A 184 -11.89 -11.29 47.49
C GLU A 184 -12.68 -10.51 46.45
N TYR A 185 -12.83 -11.10 45.26
CA TYR A 185 -13.56 -10.48 44.17
C TYR A 185 -14.95 -10.08 44.66
N LEU A 186 -15.69 -11.04 45.18
CA LEU A 186 -17.05 -10.82 45.71
C LEU A 186 -17.20 -9.67 46.68
N SER A 187 -16.48 -9.76 47.78
CA SER A 187 -16.55 -8.76 48.82
C SER A 187 -16.09 -7.38 48.33
N THR A 188 -15.21 -7.37 47.34
CA THR A 188 -14.69 -6.10 46.83
C THR A 188 -15.60 -5.34 45.86
N HIS A 189 -16.22 -6.05 44.92
CA HIS A 189 -17.06 -5.40 43.92
C HIS A 189 -18.57 -5.48 44.01
N TYR A 190 -19.10 -6.47 44.71
CA TYR A 190 -20.56 -6.56 44.82
C TYR A 190 -21.12 -5.71 45.95
N THR A 191 -20.92 -4.40 45.86
CA THR A 191 -21.41 -3.50 46.90
C THR A 191 -22.54 -2.60 46.40
N ALA A 192 -23.59 -2.53 47.21
CA ALA A 192 -24.78 -1.74 46.92
C ALA A 192 -24.64 -0.53 46.00
N PRO A 193 -23.76 0.42 46.35
CA PRO A 193 -23.57 1.63 45.56
C PRO A 193 -23.28 1.36 44.08
N ARG A 194 -23.04 0.09 43.76
CA ARG A 194 -22.75 -0.32 42.40
C ARG A 194 -23.77 -1.28 41.82
N MET A 195 -24.48 -2.01 42.68
CA MET A 195 -25.48 -2.96 42.21
C MET A 195 -26.79 -2.22 41.98
N VAL A 196 -27.66 -2.81 41.17
CA VAL A 196 -28.96 -2.21 40.88
C VAL A 196 -30.08 -3.23 40.89
N LEU A 197 -31.08 -3.00 41.75
CA LEU A 197 -32.22 -3.90 41.85
C LEU A 197 -33.25 -3.32 40.87
N ALA A 198 -33.40 -4.01 39.75
CA ALA A 198 -34.32 -3.60 38.71
C ALA A 198 -35.30 -4.71 38.41
N ALA A 199 -36.47 -4.35 37.89
CA ALA A 199 -37.48 -5.34 37.60
C ALA A 199 -38.55 -4.78 36.68
N ALA A 200 -39.23 -5.66 35.97
CA ALA A 200 -40.28 -5.23 35.06
C ALA A 200 -41.37 -6.26 34.97
N GLY A 201 -42.62 -5.79 35.04
CA GLY A 201 -43.77 -6.65 34.97
C GLY A 201 -44.95 -6.07 35.73
N GLY A 202 -45.77 -6.94 36.30
CA GLY A 202 -46.94 -6.50 37.06
C GLY A 202 -46.58 -6.19 38.49
N VAL A 203 -45.32 -5.82 38.71
CA VAL A 203 -44.82 -5.49 40.03
C VAL A 203 -45.13 -4.04 40.42
N GLU A 204 -45.35 -3.83 41.73
CA GLU A 204 -45.63 -2.50 42.27
C GLU A 204 -44.34 -2.04 42.93
N HIS A 205 -43.78 -0.94 42.43
CA HIS A 205 -42.52 -0.43 42.95
C HIS A 205 -42.34 -0.53 44.47
N GLN A 206 -43.25 0.08 45.23
CA GLN A 206 -43.15 0.04 46.68
C GLN A 206 -42.84 -1.37 47.21
N GLN A 207 -43.74 -2.32 46.94
CA GLN A 207 -43.52 -3.68 47.42
C GLN A 207 -42.10 -4.11 47.11
N LEU A 208 -41.59 -3.69 45.95
CA LEU A 208 -40.24 -4.03 45.56
C LEU A 208 -39.24 -3.34 46.47
N LEU A 209 -39.45 -2.04 46.72
CA LEU A 209 -38.56 -1.30 47.60
C LEU A 209 -38.42 -2.08 48.89
N GLU A 210 -39.51 -2.07 49.66
CA GLU A 210 -39.62 -2.75 50.95
C GLU A 210 -39.04 -4.14 50.97
N LEU A 211 -39.12 -4.82 49.83
CA LEU A 211 -38.58 -6.17 49.73
C LEU A 211 -37.07 -6.07 49.67
N ALA A 212 -36.57 -5.19 48.81
CA ALA A 212 -35.15 -4.97 48.66
C ALA A 212 -34.66 -4.42 50.00
N GLN A 213 -35.35 -3.38 50.44
CA GLN A 213 -35.08 -2.68 51.68
C GLN A 213 -35.02 -3.67 52.84
N LYS A 214 -35.63 -4.82 52.64
CA LYS A 214 -35.72 -5.85 53.65
C LYS A 214 -34.71 -7.00 53.62
N HIS A 215 -34.26 -7.40 52.43
CA HIS A 215 -33.29 -8.49 52.33
C HIS A 215 -31.89 -8.01 52.00
N PHE A 216 -31.80 -6.75 51.58
CA PHE A 216 -30.53 -6.09 51.26
C PHE A 216 -30.26 -5.17 52.45
N GLY A 217 -30.12 -5.78 53.62
CA GLY A 217 -29.89 -5.04 54.83
C GLY A 217 -28.45 -4.62 54.95
N GLY A 218 -27.89 -4.08 53.87
CA GLY A 218 -26.52 -3.63 53.90
C GLY A 218 -26.41 -2.37 54.73
N VAL A 219 -25.22 -2.12 55.29
CA VAL A 219 -25.00 -0.95 56.12
C VAL A 219 -23.60 -0.37 55.92
N PRO A 220 -23.53 0.90 55.49
CA PRO A 220 -22.26 1.58 55.27
C PRO A 220 -21.85 2.45 56.47
N PHE A 221 -20.63 2.26 56.96
CA PHE A 221 -20.13 3.08 58.06
C PHE A 221 -19.27 4.21 57.48
N THR A 222 -18.09 3.84 57.02
CA THR A 222 -17.11 4.77 56.45
C THR A 222 -17.59 5.51 55.21
N TYR A 223 -16.80 6.51 54.81
CA TYR A 223 -17.11 7.31 53.64
C TYR A 223 -16.80 6.49 52.40
N ASP A 224 -15.75 5.68 52.50
CA ASP A 224 -15.31 4.81 51.41
C ASP A 224 -16.49 3.94 50.99
N ASP A 225 -17.03 3.19 51.94
CA ASP A 225 -18.17 2.31 51.68
C ASP A 225 -19.15 2.95 50.70
N ASP A 226 -19.47 4.21 50.97
CA ASP A 226 -20.42 4.96 50.16
C ASP A 226 -19.96 5.41 48.77
N ALA A 227 -18.66 5.38 48.50
CA ALA A 227 -18.15 5.81 47.20
C ALA A 227 -17.83 4.71 46.21
N VAL A 228 -17.98 5.04 44.93
CA VAL A 228 -17.71 4.12 43.83
C VAL A 228 -16.47 4.59 43.07
N PRO A 229 -15.44 3.75 43.02
CA PRO A 229 -14.14 3.95 42.37
C PRO A 229 -14.18 4.11 40.85
N THR A 230 -13.47 5.10 40.32
CA THR A 230 -13.44 5.25 38.87
C THR A 230 -12.23 4.45 38.40
N LEU A 231 -12.41 3.70 37.32
CA LEU A 231 -11.34 2.86 36.79
C LEU A 231 -10.24 3.62 36.12
N SER A 232 -9.18 2.90 35.82
CA SER A 232 -8.07 3.52 35.15
C SER A 232 -8.53 3.69 33.73
N LYS A 233 -8.03 4.73 33.06
CA LYS A 233 -8.37 5.03 31.67
C LYS A 233 -7.70 3.97 30.78
N CYS A 234 -8.34 3.60 29.67
CA CYS A 234 -7.74 2.61 28.77
C CYS A 234 -7.23 3.22 27.46
N ARG A 235 -5.92 3.10 27.24
CA ARG A 235 -5.27 3.65 26.05
C ARG A 235 -5.53 2.91 24.74
N PHE A 236 -6.22 3.57 23.81
CA PHE A 236 -6.48 2.95 22.51
C PHE A 236 -5.19 2.97 21.72
N THR A 237 -5.02 2.04 20.79
CA THR A 237 -3.80 1.99 20.02
C THR A 237 -4.01 1.45 18.62
N GLY A 238 -4.09 2.34 17.65
CA GLY A 238 -4.26 1.89 16.29
C GLY A 238 -3.21 0.85 16.02
N SER A 239 -3.64 -0.41 15.93
CA SER A 239 -2.72 -1.52 15.68
C SER A 239 -3.45 -2.72 15.10
N GLN A 240 -2.72 -3.82 14.96
CA GLN A 240 -3.31 -5.03 14.42
C GLN A 240 -2.77 -6.30 15.06
N ILE A 241 -3.59 -7.35 14.98
CA ILE A 241 -3.22 -8.67 15.46
C ILE A 241 -3.76 -9.66 14.42
N ARG A 242 -2.85 -10.42 13.84
CA ARG A 242 -3.21 -11.37 12.82
C ARG A 242 -2.85 -12.75 13.27
N HIS A 243 -3.86 -13.55 13.56
CA HIS A 243 -3.67 -14.93 13.99
C HIS A 243 -4.08 -15.76 12.80
N ARG A 244 -3.11 -16.09 11.95
CA ARG A 244 -3.40 -16.81 10.75
C ARG A 244 -3.41 -18.32 10.85
N GLU A 245 -4.32 -18.89 10.06
CA GLU A 245 -4.45 -20.33 9.92
C GLU A 245 -5.24 -20.61 8.66
N ASP A 246 -4.54 -21.00 7.61
CA ASP A 246 -5.18 -21.30 6.35
C ASP A 246 -5.90 -22.62 6.47
N GLY A 247 -5.96 -23.16 7.68
CA GLY A 247 -6.64 -24.42 7.90
C GLY A 247 -8.12 -24.18 8.04
N LEU A 248 -8.49 -23.01 8.57
CA LEU A 248 -9.90 -22.69 8.77
C LEU A 248 -10.65 -22.47 7.49
N PRO A 249 -11.96 -22.76 7.50
CA PRO A 249 -12.90 -22.64 6.39
C PRO A 249 -12.84 -21.27 5.79
N LEU A 250 -12.87 -20.25 6.64
CA LEU A 250 -12.76 -18.90 6.13
C LEU A 250 -12.26 -17.96 7.20
N ALA A 251 -12.12 -16.69 6.86
CA ALA A 251 -11.57 -15.72 7.77
C ALA A 251 -12.51 -14.66 8.29
N HIS A 252 -12.20 -14.20 9.50
CA HIS A 252 -12.97 -13.15 10.15
C HIS A 252 -12.09 -11.93 10.19
N VAL A 253 -12.72 -10.78 10.08
CA VAL A 253 -12.02 -9.52 10.11
C VAL A 253 -12.84 -8.50 10.87
N ALA A 254 -12.19 -7.80 11.77
CA ALA A 254 -12.86 -6.77 12.55
C ALA A 254 -11.88 -5.61 12.67
N ILE A 255 -12.40 -4.40 12.43
CA ILE A 255 -11.59 -3.19 12.49
C ILE A 255 -12.42 -2.12 13.19
N ALA A 256 -11.78 -1.30 14.01
CA ALA A 256 -12.51 -0.27 14.71
C ALA A 256 -11.66 0.91 15.14
N VAL A 257 -12.37 1.97 15.56
CA VAL A 257 -11.77 3.21 16.02
C VAL A 257 -12.20 3.34 17.46
N GLU A 258 -11.49 4.15 18.24
CA GLU A 258 -11.90 4.32 19.63
C GLU A 258 -13.24 5.03 19.60
N GLY A 259 -14.17 4.55 20.40
CA GLY A 259 -15.48 5.16 20.49
C GLY A 259 -15.50 6.10 21.68
N PRO A 260 -16.49 7.00 21.77
CA PRO A 260 -16.58 7.95 22.89
C PRO A 260 -16.90 7.41 24.29
N GLY A 261 -17.94 6.60 24.43
CA GLY A 261 -18.28 6.11 25.76
C GLY A 261 -19.73 6.44 26.09
N TRP A 262 -20.39 5.56 26.85
CA TRP A 262 -21.80 5.72 27.18
C TRP A 262 -22.33 7.14 27.31
N ALA A 263 -21.71 7.91 28.21
CA ALA A 263 -22.11 9.28 28.46
C ALA A 263 -22.34 10.17 27.23
N HIS A 264 -21.35 10.19 26.35
CA HIS A 264 -21.38 11.02 25.16
C HIS A 264 -22.60 10.92 24.26
N PRO A 265 -23.31 12.04 24.09
CA PRO A 265 -24.51 12.22 23.28
C PRO A 265 -24.36 11.88 21.79
N ASP A 266 -23.14 11.96 21.26
CA ASP A 266 -22.98 11.63 19.86
C ASP A 266 -23.29 10.18 19.60
N LEU A 267 -23.04 9.30 20.59
CA LEU A 267 -23.29 7.89 20.39
C LEU A 267 -24.66 7.67 19.74
N VAL A 268 -25.48 8.72 19.73
CA VAL A 268 -26.77 8.63 19.10
C VAL A 268 -26.53 8.79 17.61
N ALA A 269 -25.97 9.95 17.23
CA ALA A 269 -25.67 10.24 15.83
C ALA A 269 -24.88 9.05 15.29
N LEU A 270 -23.84 8.69 16.03
CA LEU A 270 -22.98 7.59 15.67
C LEU A 270 -23.79 6.31 15.52
N GLN A 271 -24.81 6.13 16.36
CA GLN A 271 -25.63 4.93 16.29
C GLN A 271 -26.40 4.86 14.96
N VAL A 272 -26.84 6.04 14.51
CA VAL A 272 -27.59 6.18 13.28
C VAL A 272 -26.72 5.82 12.09
N ALA A 273 -25.42 6.11 12.21
CA ALA A 273 -24.48 5.81 11.13
C ALA A 273 -24.47 4.31 10.88
N ASN A 274 -24.09 3.55 11.90
CA ASN A 274 -24.06 2.10 11.79
C ASN A 274 -25.39 1.57 11.29
N ALA A 275 -26.43 2.34 11.55
CA ALA A 275 -27.76 1.96 11.10
C ALA A 275 -27.78 1.99 9.58
N ILE A 276 -27.00 2.90 9.03
CA ILE A 276 -26.92 3.08 7.59
C ILE A 276 -26.34 1.91 6.80
N ILE A 277 -25.10 1.51 7.08
CA ILE A 277 -24.52 0.42 6.33
C ILE A 277 -25.08 -0.90 6.81
N GLY A 278 -25.59 -0.90 8.04
CA GLY A 278 -26.21 -2.09 8.62
C GLY A 278 -25.41 -3.38 8.67
N HIS A 279 -26.10 -4.52 8.52
CA HIS A 279 -25.43 -5.81 8.51
C HIS A 279 -26.07 -6.76 7.51
N TYR A 280 -25.29 -7.71 7.01
CA TYR A 280 -25.76 -8.65 6.01
C TYR A 280 -25.40 -10.08 6.37
N ASP A 281 -26.15 -11.01 5.79
CA ASP A 281 -25.96 -12.44 6.01
C ASP A 281 -26.57 -13.17 4.82
N ARG A 282 -25.87 -14.17 4.30
CA ARG A 282 -26.36 -14.91 3.14
C ARG A 282 -27.71 -15.58 3.19
N THR A 283 -28.57 -15.23 4.15
CA THR A 283 -29.88 -15.86 4.20
C THR A 283 -30.96 -14.82 3.91
N TYR A 284 -30.60 -13.56 4.02
CA TYR A 284 -31.54 -12.45 3.80
C TYR A 284 -32.67 -12.53 2.78
N GLY A 285 -32.54 -11.81 1.67
CA GLY A 285 -33.59 -11.83 0.68
C GLY A 285 -33.61 -10.43 0.12
N GLY A 286 -32.54 -10.06 -0.57
CA GLY A 286 -32.49 -8.74 -1.13
C GLY A 286 -31.18 -8.33 -1.75
N GLY A 287 -30.87 -8.84 -2.93
CA GLY A 287 -29.66 -8.39 -3.59
C GLY A 287 -30.02 -6.97 -4.04
N LEU A 288 -31.18 -6.55 -3.58
CA LEU A 288 -31.75 -5.24 -3.87
C LEU A 288 -31.83 -4.48 -2.54
N HIS A 289 -31.12 -4.97 -1.54
CA HIS A 289 -31.16 -4.34 -0.23
C HIS A 289 -31.22 -2.86 -0.14
N SER A 290 -31.69 -2.41 1.00
CA SER A 290 -31.79 -1.00 1.28
C SER A 290 -30.38 -0.48 1.07
N SER A 291 -30.25 0.84 1.07
CA SER A 291 -28.95 1.49 0.87
C SER A 291 -27.83 0.51 1.16
N SER A 292 -27.54 0.25 2.45
CA SER A 292 -26.48 -0.68 2.84
C SER A 292 -25.82 -1.27 1.60
N PRO A 293 -25.06 -0.44 0.87
CA PRO A 293 -24.41 -0.95 -0.34
C PRO A 293 -23.51 -2.10 0.03
N LEU A 294 -22.78 -1.94 1.12
CA LEU A 294 -21.89 -2.98 1.56
C LEU A 294 -22.69 -4.26 1.35
N ALA A 295 -23.89 -4.30 1.92
CA ALA A 295 -24.74 -5.47 1.77
C ALA A 295 -24.90 -5.72 0.28
N SER A 296 -25.50 -4.74 -0.40
CA SER A 296 -25.76 -4.81 -1.84
C SER A 296 -24.53 -5.24 -2.63
N ILE A 297 -23.44 -4.53 -2.43
CA ILE A 297 -22.21 -4.85 -3.10
C ILE A 297 -21.78 -6.22 -2.59
N ALA A 298 -22.03 -6.49 -1.33
CA ALA A 298 -21.65 -7.77 -0.80
C ALA A 298 -22.36 -8.82 -1.64
N VAL A 299 -23.62 -8.56 -1.94
CA VAL A 299 -24.43 -9.50 -2.70
C VAL A 299 -24.04 -9.63 -4.16
N THR A 300 -23.88 -8.49 -4.83
CA THR A 300 -23.52 -8.47 -6.26
C THR A 300 -22.17 -9.14 -6.50
N ASN A 301 -21.19 -8.76 -5.71
CA ASN A 301 -19.84 -9.27 -5.84
C ASN A 301 -19.50 -10.45 -4.93
N LYS A 302 -20.51 -11.00 -4.26
CA LYS A 302 -20.32 -12.15 -3.36
C LYS A 302 -19.05 -11.91 -2.53
N LEU A 303 -19.12 -10.88 -1.71
CA LEU A 303 -18.02 -10.44 -0.87
C LEU A 303 -17.87 -11.14 0.46
N CYS A 304 -18.98 -11.37 1.15
CA CYS A 304 -18.89 -12.01 2.46
C CYS A 304 -19.99 -13.00 2.78
N GLN A 305 -19.78 -13.80 3.82
CA GLN A 305 -20.78 -14.78 4.24
C GLN A 305 -21.66 -13.96 5.14
N SER A 306 -21.07 -12.92 5.71
CA SER A 306 -21.74 -12.01 6.65
C SER A 306 -20.83 -10.89 7.08
N PHE A 307 -21.43 -9.79 7.52
CA PHE A 307 -20.69 -8.64 8.00
C PHE A 307 -21.65 -7.87 8.88
N GLN A 308 -21.12 -7.26 9.94
CA GLN A 308 -21.95 -6.49 10.84
C GLN A 308 -21.23 -5.27 11.32
N THR A 309 -22.02 -4.26 11.63
CA THR A 309 -21.51 -2.99 12.12
C THR A 309 -21.72 -2.98 13.64
N PHE A 310 -20.97 -2.14 14.37
CA PHE A 310 -21.11 -2.09 15.82
C PHE A 310 -20.46 -0.91 16.53
N SER A 311 -21.10 -0.44 17.61
CA SER A 311 -20.58 0.66 18.43
C SER A 311 -20.42 0.21 19.87
N ILE A 312 -19.92 -1.01 20.10
CA ILE A 312 -19.71 -1.50 21.46
C ILE A 312 -19.05 -0.38 22.27
N CYS A 313 -19.68 0.02 23.36
CA CYS A 313 -19.15 1.11 24.17
C CYS A 313 -18.97 0.83 25.65
N TYR A 314 -18.12 1.63 26.28
CA TYR A 314 -17.84 1.47 27.68
C TYR A 314 -18.01 2.77 28.44
N SER A 315 -17.67 2.75 29.72
CA SER A 315 -17.79 3.91 30.59
C SER A 315 -17.17 5.18 30.02
N GLU A 316 -15.88 5.10 29.70
CA GLU A 316 -15.16 6.24 29.16
C GLU A 316 -14.44 6.04 27.82
N THR A 317 -14.72 4.93 27.15
CA THR A 317 -14.12 4.63 25.85
C THR A 317 -15.10 3.83 24.99
N GLY A 318 -14.60 2.98 24.10
CA GLY A 318 -15.47 2.19 23.23
C GLY A 318 -14.88 1.84 21.87
N LEU A 319 -15.54 0.93 21.14
CA LEU A 319 -15.06 0.50 19.84
C LEU A 319 -16.12 0.63 18.76
N PHE A 320 -15.92 1.57 17.84
CA PHE A 320 -16.82 1.78 16.72
C PHE A 320 -16.10 1.15 15.55
N GLY A 321 -16.70 0.12 14.95
CA GLY A 321 -16.05 -0.53 13.83
C GLY A 321 -17.00 -1.41 13.05
N PHE A 322 -16.47 -2.50 12.51
CA PHE A 322 -17.26 -3.47 11.77
C PHE A 322 -16.51 -4.80 11.68
N TYR A 323 -17.28 -5.83 11.35
CA TYR A 323 -16.75 -7.19 11.30
C TYR A 323 -17.38 -7.97 10.17
N PHE A 324 -16.56 -8.74 9.48
CA PHE A 324 -17.07 -9.57 8.42
C PHE A 324 -16.39 -10.93 8.38
N VAL A 325 -17.10 -11.89 7.79
CA VAL A 325 -16.64 -13.25 7.64
C VAL A 325 -16.61 -13.44 6.12
N CYS A 326 -15.57 -14.07 5.60
CA CYS A 326 -15.50 -14.24 4.15
C CYS A 326 -14.54 -15.30 3.72
N ASP A 327 -14.76 -15.76 2.49
CA ASP A 327 -13.92 -16.79 1.88
C ASP A 327 -12.51 -16.29 1.79
N ARG A 328 -11.58 -17.22 1.88
CA ARG A 328 -10.19 -16.87 1.81
C ARG A 328 -9.94 -15.85 0.70
N MET A 329 -10.74 -15.96 -0.36
CA MET A 329 -10.59 -15.14 -1.56
C MET A 329 -11.12 -13.74 -1.72
N SER A 330 -12.18 -13.41 -1.01
CA SER A 330 -12.75 -12.08 -1.16
C SER A 330 -12.48 -11.16 0.00
N ILE A 331 -11.55 -11.53 0.87
CA ILE A 331 -11.24 -10.70 2.01
C ILE A 331 -11.02 -9.27 1.57
N ASP A 332 -10.09 -9.06 0.64
CA ASP A 332 -9.78 -7.69 0.20
C ASP A 332 -10.94 -6.87 -0.33
N ASP A 333 -11.47 -7.25 -1.50
CA ASP A 333 -12.58 -6.49 -2.06
C ASP A 333 -13.55 -6.11 -0.94
N MET A 334 -13.81 -7.04 -0.03
CA MET A 334 -14.71 -6.79 1.07
C MET A 334 -14.23 -5.62 1.93
N MET A 335 -12.99 -5.72 2.43
CA MET A 335 -12.43 -4.64 3.26
C MET A 335 -12.53 -3.37 2.44
N PHE A 336 -11.97 -3.43 1.25
CA PHE A 336 -12.00 -2.30 0.36
C PHE A 336 -13.39 -1.73 0.20
N VAL A 337 -14.31 -2.56 -0.28
CA VAL A 337 -15.66 -2.07 -0.51
C VAL A 337 -16.29 -1.53 0.79
N LEU A 338 -16.02 -2.17 1.91
CA LEU A 338 -16.59 -1.74 3.20
C LEU A 338 -15.96 -0.47 3.78
N GLN A 339 -14.63 -0.46 3.82
CA GLN A 339 -13.87 0.66 4.34
C GLN A 339 -14.26 1.87 3.48
N GLY A 340 -14.63 1.60 2.24
CA GLY A 340 -15.04 2.66 1.36
C GLY A 340 -16.32 3.26 1.90
N GLN A 341 -17.20 2.41 2.38
CA GLN A 341 -18.47 2.89 2.93
C GLN A 341 -18.25 3.73 4.16
N TRP A 342 -17.19 3.47 4.90
CA TRP A 342 -16.95 4.32 6.06
C TRP A 342 -16.68 5.72 5.53
N MET A 343 -15.83 5.82 4.51
CA MET A 343 -15.56 7.14 4.00
C MET A 343 -16.85 7.79 3.53
N ARG A 344 -17.54 7.12 2.61
CA ARG A 344 -18.79 7.66 2.06
C ARG A 344 -19.67 8.21 3.17
N LEU A 345 -19.68 7.48 4.27
CA LEU A 345 -20.48 7.81 5.44
C LEU A 345 -20.15 9.15 6.09
N CYS A 346 -18.87 9.48 6.18
CA CYS A 346 -18.44 10.73 6.79
C CYS A 346 -17.88 11.70 5.77
N THR A 347 -18.20 11.46 4.52
CA THR A 347 -17.71 12.30 3.45
C THR A 347 -18.83 12.77 2.52
N SER A 348 -19.85 11.94 2.35
CA SER A 348 -20.93 12.31 1.43
C SER A 348 -22.24 11.59 1.69
N ILE A 349 -22.64 11.48 2.95
CA ILE A 349 -23.88 10.80 3.30
C ILE A 349 -25.05 11.73 2.98
N SER A 350 -26.18 11.15 2.54
CA SER A 350 -27.37 11.93 2.17
C SER A 350 -28.52 11.86 3.17
N GLU A 351 -29.44 12.81 3.08
CA GLU A 351 -30.59 12.86 3.97
C GLU A 351 -31.42 11.62 3.79
N SER A 352 -31.65 11.27 2.53
CA SER A 352 -32.42 10.08 2.15
C SER A 352 -32.04 8.88 3.02
N GLU A 353 -30.73 8.73 3.25
CA GLU A 353 -30.17 7.65 4.04
C GLU A 353 -30.49 7.75 5.53
N VAL A 354 -30.05 8.84 6.15
CA VAL A 354 -30.30 9.04 7.57
C VAL A 354 -31.79 8.79 7.83
N LEU A 355 -32.64 9.37 6.97
CA LEU A 355 -34.08 9.20 7.10
C LEU A 355 -34.37 7.75 7.37
N ARG A 356 -33.89 6.88 6.50
CA ARG A 356 -34.11 5.45 6.68
C ARG A 356 -33.36 5.00 7.92
N GLY A 357 -32.10 5.39 7.96
CA GLY A 357 -31.26 5.04 9.10
C GLY A 357 -32.03 5.18 10.38
N LYS A 358 -32.45 6.41 10.67
CA LYS A 358 -33.21 6.70 11.88
C LYS A 358 -34.31 5.67 12.08
N ASN A 359 -35.36 5.71 11.26
CA ASN A 359 -36.44 4.74 11.42
C ASN A 359 -35.96 3.34 11.76
N PHE A 360 -35.03 2.81 10.97
CA PHE A 360 -34.54 1.47 11.26
C PHE A 360 -34.13 1.38 12.74
N LEU A 361 -33.45 2.42 13.22
CA LEU A 361 -32.98 2.46 14.61
C LEU A 361 -34.20 2.44 15.53
N ARG A 362 -35.05 3.44 15.36
CA ARG A 362 -36.27 3.53 16.16
C ARG A 362 -37.01 2.20 16.20
N ASN A 363 -36.77 1.35 15.22
CA ASN A 363 -37.44 0.05 15.19
C ASN A 363 -36.73 -0.94 16.12
N ALA A 364 -35.42 -0.79 16.26
CA ALA A 364 -34.67 -1.66 17.15
C ALA A 364 -34.74 -1.02 18.53
N LEU A 365 -34.65 0.30 18.53
CA LEU A 365 -34.73 1.11 19.73
C LEU A 365 -35.87 0.52 20.56
N VAL A 366 -36.98 0.27 19.86
CA VAL A 366 -38.18 -0.27 20.43
C VAL A 366 -38.10 -1.73 20.80
N SER A 367 -37.87 -2.57 19.80
CA SER A 367 -37.81 -4.00 20.06
C SER A 367 -36.64 -4.36 20.98
N HIS A 368 -36.00 -3.34 21.53
CA HIS A 368 -34.89 -3.56 22.45
C HIS A 368 -35.56 -3.92 23.77
N LEU A 369 -36.75 -3.35 23.96
CA LEU A 369 -37.57 -3.56 25.14
C LEU A 369 -38.77 -4.39 24.72
N ASP A 370 -38.52 -5.65 24.39
CA ASP A 370 -39.59 -6.53 23.94
C ASP A 370 -39.77 -7.64 24.95
N GLY A 371 -40.44 -7.32 26.06
CA GLY A 371 -40.67 -8.30 27.10
C GLY A 371 -40.18 -7.81 28.44
N THR A 372 -40.41 -8.59 29.50
CA THR A 372 -39.96 -8.16 30.81
C THR A 372 -38.44 -8.15 30.88
N THR A 373 -37.83 -9.32 30.74
CA THR A 373 -36.38 -9.44 30.81
C THR A 373 -35.68 -8.29 30.09
N PRO A 374 -35.85 -8.20 28.77
CA PRO A 374 -35.16 -7.10 28.07
C PRO A 374 -35.35 -5.73 28.75
N VAL A 375 -36.59 -5.36 29.05
CA VAL A 375 -36.84 -4.08 29.68
C VAL A 375 -35.98 -3.95 30.91
N CYS A 376 -36.01 -4.99 31.73
CA CYS A 376 -35.23 -5.01 32.94
C CYS A 376 -33.77 -4.75 32.56
N GLU A 377 -33.30 -5.44 31.53
CA GLU A 377 -31.94 -5.29 31.04
C GLU A 377 -31.56 -3.85 30.74
N ASP A 378 -32.52 -3.03 30.36
CA ASP A 378 -32.19 -1.64 30.07
C ASP A 378 -32.13 -0.80 31.31
N ILE A 379 -33.12 -0.94 32.19
CA ILE A 379 -33.17 -0.19 33.43
C ILE A 379 -31.85 -0.46 34.16
N GLY A 380 -31.51 -1.74 34.26
CA GLY A 380 -30.28 -2.14 34.90
C GLY A 380 -29.13 -1.35 34.31
N ARG A 381 -28.90 -1.56 33.01
CA ARG A 381 -27.84 -0.87 32.30
C ARG A 381 -27.98 0.63 32.42
N GLU A 382 -29.09 1.15 31.92
CA GLU A 382 -29.37 2.58 31.97
C GLU A 382 -28.75 3.24 33.20
N LEU A 383 -29.35 3.00 34.37
CA LEU A 383 -28.86 3.57 35.63
C LEU A 383 -27.36 3.38 35.82
N LEU A 384 -26.95 2.12 35.74
CA LEU A 384 -25.56 1.73 35.92
C LEU A 384 -24.57 2.54 35.08
N THR A 385 -24.94 2.82 33.82
CA THR A 385 -24.09 3.57 32.89
C THR A 385 -24.56 5.01 32.55
N TYR A 386 -25.84 5.21 32.27
CA TYR A 386 -26.34 6.55 31.95
C TYR A 386 -26.68 7.37 33.18
N GLY A 387 -26.97 6.72 34.30
CA GLY A 387 -27.31 7.46 35.50
C GLY A 387 -28.78 7.26 35.83
N ARG A 388 -29.65 7.69 34.94
CA ARG A 388 -31.09 7.51 35.14
C ARG A 388 -31.55 6.61 34.01
N ARG A 389 -32.86 6.59 33.78
CA ARG A 389 -33.43 5.79 32.71
C ARG A 389 -33.61 6.66 31.51
N ILE A 390 -33.46 6.08 30.31
CA ILE A 390 -33.64 6.86 29.10
C ILE A 390 -34.91 6.34 28.44
N PRO A 391 -36.00 7.15 28.46
CA PRO A 391 -37.31 6.82 27.87
C PRO A 391 -37.27 6.80 26.36
N LEU A 392 -37.90 5.80 25.76
CA LEU A 392 -37.93 5.72 24.31
C LEU A 392 -38.40 7.07 23.77
N GLU A 393 -39.07 7.85 24.62
CA GLU A 393 -39.54 9.18 24.20
C GLU A 393 -38.34 10.11 24.12
N GLU A 394 -37.33 9.82 24.93
CA GLU A 394 -36.11 10.63 24.92
C GLU A 394 -35.34 10.15 23.69
N TRP A 395 -34.93 8.89 23.69
CA TRP A 395 -34.21 8.32 22.55
C TRP A 395 -34.87 8.84 21.29
N GLU A 396 -36.20 8.82 21.28
CA GLU A 396 -36.92 9.34 20.14
C GLU A 396 -36.39 10.70 19.76
N GLU A 397 -36.50 11.66 20.68
CA GLU A 397 -36.02 13.00 20.41
C GLU A 397 -34.56 12.97 19.97
N ARG A 398 -33.67 12.65 20.91
CA ARG A 398 -32.25 12.54 20.62
C ARG A 398 -31.97 12.24 19.15
N LEU A 399 -32.37 11.03 18.74
CA LEU A 399 -32.13 10.54 17.40
C LEU A 399 -33.11 10.97 16.32
N ALA A 400 -34.20 11.63 16.70
CA ALA A 400 -35.16 12.08 15.70
C ALA A 400 -34.68 13.42 15.20
N GLU A 401 -33.58 13.91 15.79
CA GLU A 401 -33.05 15.21 15.41
C GLU A 401 -31.73 15.10 14.66
N VAL A 402 -31.35 13.88 14.30
CA VAL A 402 -30.11 13.66 13.58
C VAL A 402 -30.35 13.91 12.10
N ASP A 403 -29.53 14.77 11.52
CA ASP A 403 -29.64 15.06 10.10
C ASP A 403 -28.40 14.49 9.43
N ALA A 404 -28.40 14.39 8.10
CA ALA A 404 -27.23 13.87 7.40
C ALA A 404 -26.01 14.64 7.87
N ARG A 405 -26.01 15.93 7.61
CA ARG A 405 -24.90 16.80 7.98
C ARG A 405 -24.29 16.46 9.33
N MET A 406 -25.14 16.13 10.29
CA MET A 406 -24.68 15.79 11.62
C MET A 406 -23.92 14.45 11.61
N VAL A 407 -24.43 13.46 10.87
CA VAL A 407 -23.77 12.16 10.77
C VAL A 407 -22.36 12.35 10.25
N ARG A 408 -22.24 13.05 9.12
CA ARG A 408 -20.93 13.33 8.54
C ARG A 408 -20.07 13.95 9.63
N GLU A 409 -20.55 15.07 10.18
CA GLU A 409 -19.84 15.75 11.24
C GLU A 409 -19.21 14.76 12.19
N VAL A 410 -20.04 13.92 12.79
CA VAL A 410 -19.58 12.94 13.75
C VAL A 410 -18.72 11.81 13.21
N CYS A 411 -19.23 11.05 12.25
CA CYS A 411 -18.45 9.93 11.70
C CYS A 411 -17.04 10.38 11.32
N SER A 412 -16.96 11.52 10.64
CA SER A 412 -15.67 12.05 10.25
C SER A 412 -14.88 12.34 11.52
N LYS A 413 -15.56 12.87 12.52
CA LYS A 413 -14.94 13.19 13.81
C LYS A 413 -14.28 11.96 14.45
N TYR A 414 -14.95 10.80 14.37
CA TYR A 414 -14.43 9.56 14.96
C TYR A 414 -13.76 8.57 14.00
N ILE A 415 -13.99 8.75 12.71
CA ILE A 415 -13.43 7.85 11.70
C ILE A 415 -12.26 8.42 10.86
N TYR A 416 -12.50 9.55 10.21
CA TYR A 416 -11.51 10.13 9.32
C TYR A 416 -10.09 10.32 9.78
N ASP A 417 -9.19 9.67 9.06
CA ASP A 417 -7.77 9.74 9.31
C ASP A 417 -7.40 9.35 10.72
N GLN A 418 -8.03 8.29 11.23
CA GLN A 418 -7.69 7.83 12.56
C GLN A 418 -6.90 6.54 12.29
N CYS A 419 -6.09 6.09 13.24
CA CYS A 419 -5.33 4.87 13.02
C CYS A 419 -6.21 3.81 13.64
N PRO A 420 -6.85 2.96 12.81
CA PRO A 420 -7.74 1.87 13.20
C PRO A 420 -7.09 0.66 13.87
N ALA A 421 -7.93 -0.21 14.43
CA ALA A 421 -7.47 -1.42 15.09
C ALA A 421 -8.02 -2.59 14.27
N VAL A 422 -7.14 -3.46 13.77
CA VAL A 422 -7.62 -4.59 12.98
C VAL A 422 -7.30 -5.91 13.66
N ALA A 423 -8.20 -6.87 13.46
CA ALA A 423 -8.05 -8.20 14.01
C ALA A 423 -8.46 -9.14 12.89
N GLY A 424 -7.75 -10.25 12.74
CA GLY A 424 -8.10 -11.19 11.70
C GLY A 424 -7.53 -12.58 11.84
N PRO A 425 -8.33 -13.60 12.23
CA PRO A 425 -7.90 -14.99 12.38
C PRO A 425 -8.28 -15.64 11.04
N GLY A 426 -7.75 -16.83 10.77
CA GLY A 426 -8.09 -17.53 9.55
C GLY A 426 -7.14 -17.39 8.38
N PRO A 427 -7.52 -17.87 7.18
CA PRO A 427 -6.82 -17.86 5.87
C PRO A 427 -6.81 -16.45 5.32
N ILE A 428 -6.18 -15.57 6.08
CA ILE A 428 -6.10 -14.16 5.80
C ILE A 428 -4.94 -13.66 4.91
N GLU A 429 -4.32 -14.55 4.13
CA GLU A 429 -3.22 -14.08 3.32
C GLU A 429 -3.62 -12.95 2.39
N GLN A 430 -4.86 -12.93 1.95
CA GLN A 430 -5.20 -11.87 1.02
C GLN A 430 -5.42 -10.51 1.63
N LEU A 431 -5.44 -10.40 2.96
CA LEU A 431 -5.68 -9.08 3.56
C LEU A 431 -4.37 -8.29 3.53
N PRO A 432 -4.36 -7.12 2.85
CA PRO A 432 -3.19 -6.25 2.72
C PRO A 432 -2.65 -5.66 4.03
N ASP A 433 -1.36 -5.34 4.03
CA ASP A 433 -0.70 -4.81 5.22
C ASP A 433 -1.45 -3.63 5.80
N TYR A 434 -1.06 -3.29 7.03
CA TYR A 434 -1.67 -2.21 7.81
C TYR A 434 -1.74 -0.87 7.12
N ASN A 435 -0.63 -0.47 6.50
CA ASN A 435 -0.58 0.81 5.80
C ASN A 435 -1.69 0.91 4.79
N ARG A 436 -1.82 -0.11 3.94
CA ARG A 436 -2.86 -0.11 2.94
C ARG A 436 -4.20 0.15 3.60
N ILE A 437 -4.58 -0.70 4.56
CA ILE A 437 -5.86 -0.50 5.20
C ILE A 437 -5.85 0.74 6.10
N ARG A 438 -4.71 1.41 6.16
CA ARG A 438 -4.60 2.57 7.02
C ARG A 438 -4.92 3.80 6.19
N SER A 439 -4.32 3.86 5.02
CA SER A 439 -4.57 4.96 4.12
C SER A 439 -6.01 4.80 3.61
N GLY A 440 -6.65 3.72 4.03
CA GLY A 440 -8.03 3.49 3.64
C GLY A 440 -8.96 4.34 4.50
N MET A 441 -8.37 4.99 5.50
CA MET A 441 -9.10 5.83 6.44
C MET A 441 -9.34 7.25 5.93
N PHE A 442 -8.57 7.68 4.94
CA PHE A 442 -8.79 9.01 4.40
C PHE A 442 -9.11 8.88 2.93
N TRP A 443 -10.17 9.57 2.52
CA TRP A 443 -10.68 9.56 1.15
C TRP A 443 -9.88 10.53 0.31
N LEU A 444 -9.50 10.08 -0.87
CA LEU A 444 -8.75 10.90 -1.80
C LEU A 444 -9.75 11.97 -2.22
N ARG A 445 -10.45 12.56 -1.26
CA ARG A 445 -11.44 13.60 -1.55
C ARG A 445 -10.96 14.42 -2.74
N PRO B 1 -55.33 4.68 28.55
CA PRO B 1 -55.82 4.92 29.95
C PRO B 1 -55.64 3.73 30.88
N PRO B 2 -55.36 2.57 30.29
CA PRO B 2 -55.16 1.35 31.05
C PRO B 2 -54.68 0.25 30.13
N HIS B 3 -54.86 0.49 28.82
CA HIS B 3 -54.46 -0.45 27.79
C HIS B 3 -55.34 -1.70 27.64
N PRO B 4 -56.41 -1.85 28.45
CA PRO B 4 -57.23 -3.05 28.28
C PRO B 4 -58.25 -2.80 27.17
N GLN B 5 -58.15 -3.59 26.10
CA GLN B 5 -59.07 -3.45 24.98
C GLN B 5 -59.26 -4.80 24.30
N ASP B 6 -60.04 -5.63 24.96
CA ASP B 6 -60.37 -6.99 24.53
C ASP B 6 -60.01 -7.27 23.08
N LEU B 7 -59.37 -8.41 22.82
CA LEU B 7 -58.99 -8.75 21.44
C LEU B 7 -60.22 -9.21 20.66
N GLU B 8 -60.68 -8.37 19.74
CA GLU B 8 -61.84 -8.71 18.93
C GLU B 8 -61.48 -9.66 17.80
N ILE B 9 -62.45 -10.51 17.45
CA ILE B 9 -62.31 -11.49 16.39
C ILE B 9 -63.56 -11.34 15.55
N THR B 10 -63.43 -11.33 14.22
CA THR B 10 -64.61 -11.23 13.36
C THR B 10 -64.45 -12.05 12.08
N LYS B 11 -64.93 -13.29 12.13
CA LYS B 11 -64.89 -14.23 11.01
C LYS B 11 -65.70 -13.75 9.81
N LEU B 12 -65.01 -13.30 8.76
CA LEU B 12 -65.67 -12.81 7.55
C LEU B 12 -66.41 -13.98 6.85
N PRO B 13 -67.35 -13.66 5.94
CA PRO B 13 -68.12 -14.69 5.23
C PRO B 13 -67.25 -15.76 4.56
N ASN B 14 -66.03 -15.39 4.20
CA ASN B 14 -65.09 -16.32 3.56
C ASN B 14 -64.71 -17.43 4.52
N GLY B 15 -64.20 -17.00 5.67
CA GLY B 15 -63.72 -17.90 6.71
C GLY B 15 -62.38 -17.34 7.15
N LEU B 16 -62.11 -16.11 6.68
CA LEU B 16 -60.87 -15.40 6.97
C LEU B 16 -60.89 -14.80 8.39
N VAL B 17 -60.67 -15.62 9.39
CA VAL B 17 -60.66 -15.12 10.75
C VAL B 17 -59.78 -13.87 10.83
N ILE B 18 -60.22 -12.88 11.59
CA ILE B 18 -59.49 -11.62 11.75
C ILE B 18 -59.39 -11.29 13.24
N ALA B 19 -58.21 -11.46 13.83
CA ALA B 19 -58.05 -11.18 15.25
C ALA B 19 -57.02 -10.08 15.49
N SER B 20 -57.45 -8.99 16.14
CA SER B 20 -56.55 -7.87 16.44
C SER B 20 -56.38 -7.74 17.94
N LEU B 21 -55.85 -6.60 18.37
CA LEU B 21 -55.63 -6.34 19.77
C LEU B 21 -54.72 -5.15 20.02
N GLU B 22 -55.32 -3.98 20.15
CA GLU B 22 -54.54 -2.78 20.42
C GLU B 22 -53.96 -2.94 21.83
N ASN B 23 -52.64 -2.91 21.90
CA ASN B 23 -51.96 -3.04 23.19
C ASN B 23 -51.13 -1.78 23.37
N TYR B 24 -51.42 -0.80 22.54
CA TYR B 24 -50.76 0.50 22.57
C TYR B 24 -49.25 0.52 22.43
N SER B 25 -48.65 -0.64 22.19
CA SER B 25 -47.20 -0.68 22.01
C SER B 25 -46.90 0.24 20.83
N PRO B 26 -45.74 0.88 20.85
CA PRO B 26 -45.37 1.78 19.75
C PRO B 26 -45.28 1.00 18.42
N GLY B 27 -44.63 -0.14 18.48
CA GLY B 27 -44.49 -0.96 17.29
C GLY B 27 -45.54 -2.04 17.21
N SER B 28 -46.28 -2.06 16.12
CA SER B 28 -47.30 -3.08 15.91
C SER B 28 -46.79 -4.12 14.92
N THR B 29 -47.34 -5.33 14.95
CA THR B 29 -46.91 -6.34 13.98
C THR B 29 -48.10 -7.13 13.51
N ILE B 30 -48.35 -7.07 12.21
CA ILE B 30 -49.45 -7.77 11.59
C ILE B 30 -48.93 -9.12 11.09
N GLY B 31 -49.82 -10.04 10.77
CA GLY B 31 -49.37 -11.33 10.30
C GLY B 31 -50.44 -12.22 9.70
N VAL B 32 -50.10 -12.89 8.60
CA VAL B 32 -51.04 -13.78 7.92
C VAL B 32 -50.77 -15.26 8.20
N PHE B 33 -51.52 -15.84 9.14
CA PHE B 33 -51.37 -17.25 9.49
C PHE B 33 -52.11 -18.12 8.48
N ILE B 34 -51.46 -19.18 8.02
CA ILE B 34 -52.07 -20.05 7.02
C ILE B 34 -51.95 -21.52 7.35
N LYS B 35 -52.96 -22.30 6.98
CA LYS B 35 -52.90 -23.74 7.23
C LYS B 35 -52.15 -24.45 6.09
N ALA B 36 -51.04 -23.86 5.66
CA ALA B 36 -50.23 -24.45 4.59
C ALA B 36 -49.15 -25.32 5.23
N GLY B 37 -48.23 -25.87 4.43
CA GLY B 37 -47.19 -26.68 5.02
C GLY B 37 -46.57 -27.78 4.16
N SER B 38 -45.53 -28.43 4.68
CA SER B 38 -44.84 -29.49 3.96
C SER B 38 -45.60 -30.80 4.11
N ARG B 39 -46.72 -30.72 4.78
CA ARG B 39 -47.56 -31.86 5.05
C ARG B 39 -48.46 -32.17 3.83
N TYR B 40 -48.65 -31.15 3.00
CA TYR B 40 -49.50 -31.26 1.82
C TYR B 40 -48.71 -31.52 0.55
N GLU B 41 -47.53 -32.12 0.70
CA GLU B 41 -46.72 -32.40 -0.47
C GLU B 41 -46.85 -33.86 -0.86
N ASN B 42 -46.51 -34.17 -2.11
CA ASN B 42 -46.58 -35.53 -2.65
C ASN B 42 -45.21 -36.07 -2.90
N SER B 43 -45.14 -37.24 -3.53
CA SER B 43 -43.85 -37.82 -3.86
C SER B 43 -43.16 -36.69 -4.60
N SER B 44 -43.92 -36.01 -5.46
CA SER B 44 -43.40 -34.89 -6.24
C SER B 44 -43.75 -33.57 -5.57
N ASN B 45 -43.35 -32.48 -6.20
CA ASN B 45 -43.54 -31.13 -5.69
C ASN B 45 -42.82 -30.90 -4.35
N LEU B 46 -42.39 -32.00 -3.72
CA LEU B 46 -41.69 -31.98 -2.44
C LEU B 46 -40.87 -30.71 -2.31
N GLY B 47 -40.80 -30.20 -1.09
CA GLY B 47 -40.02 -28.98 -0.86
C GLY B 47 -40.64 -27.71 -1.44
N THR B 48 -41.66 -27.83 -2.27
CA THR B 48 -42.26 -26.62 -2.81
C THR B 48 -42.57 -25.67 -1.65
N SER B 49 -42.90 -26.27 -0.50
CA SER B 49 -43.22 -25.55 0.74
C SER B 49 -42.07 -24.60 1.09
N HIS B 50 -40.91 -25.21 1.21
CA HIS B 50 -39.65 -24.57 1.53
C HIS B 50 -39.34 -23.45 0.55
N LEU B 51 -39.38 -23.77 -0.74
CA LEU B 51 -39.07 -22.78 -1.76
C LEU B 51 -40.07 -21.64 -1.72
N LEU B 52 -41.30 -21.94 -1.32
CA LEU B 52 -42.36 -20.96 -1.23
C LEU B 52 -41.99 -20.05 -0.06
N ARG B 53 -41.40 -20.66 0.95
CA ARG B 53 -41.00 -19.96 2.15
C ARG B 53 -39.94 -18.89 1.87
N LEU B 54 -39.12 -19.13 0.85
CA LEU B 54 -38.06 -18.19 0.48
C LEU B 54 -38.49 -17.23 -0.62
N ALA B 55 -39.54 -17.56 -1.36
CA ALA B 55 -39.99 -16.68 -2.43
C ALA B 55 -40.70 -15.46 -1.85
N SER B 56 -40.59 -15.33 -0.54
CA SER B 56 -41.19 -14.23 0.22
C SER B 56 -40.97 -12.88 -0.43
N SER B 57 -39.76 -12.67 -0.91
CA SER B 57 -39.43 -11.39 -1.50
C SER B 57 -39.50 -11.28 -3.00
N LEU B 58 -39.98 -12.33 -3.66
CA LEU B 58 -40.10 -12.28 -5.11
C LEU B 58 -41.27 -11.40 -5.48
N THR B 59 -41.15 -10.77 -6.64
CA THR B 59 -42.17 -9.87 -7.16
C THR B 59 -43.60 -10.36 -7.02
N THR B 60 -44.52 -9.40 -6.91
CA THR B 60 -45.95 -9.67 -6.80
C THR B 60 -46.61 -8.89 -7.93
N LYS B 61 -47.94 -8.86 -7.94
CA LYS B 61 -48.66 -8.14 -8.98
C LYS B 61 -48.88 -6.68 -8.61
N GLY B 62 -48.48 -6.30 -7.39
CA GLY B 62 -48.68 -4.94 -6.95
C GLY B 62 -47.36 -4.26 -6.66
N ALA B 63 -46.34 -5.07 -6.43
CA ALA B 63 -45.04 -4.51 -6.13
C ALA B 63 -43.93 -5.46 -6.52
N SER B 64 -42.86 -4.87 -7.03
CA SER B 64 -41.70 -5.60 -7.48
C SER B 64 -40.77 -6.03 -6.35
N SER B 65 -39.96 -7.05 -6.64
CA SER B 65 -38.98 -7.57 -5.70
C SER B 65 -38.25 -6.39 -5.10
N PHE B 66 -37.89 -5.45 -5.97
CA PHE B 66 -37.18 -4.25 -5.58
C PHE B 66 -38.00 -3.46 -4.56
N LYS B 67 -39.00 -2.75 -5.07
CA LYS B 67 -39.87 -1.94 -4.24
C LYS B 67 -40.20 -2.65 -2.92
N ILE B 68 -40.59 -3.92 -2.98
CA ILE B 68 -40.94 -4.63 -1.77
C ILE B 68 -39.84 -4.63 -0.71
N THR B 69 -38.63 -4.98 -1.09
CA THR B 69 -37.55 -4.97 -0.12
C THR B 69 -37.16 -3.55 0.26
N ARG B 70 -36.99 -2.68 -0.72
CA ARG B 70 -36.60 -1.33 -0.34
C ARG B 70 -37.71 -0.52 0.25
N GLY B 71 -38.95 -0.96 0.02
CA GLY B 71 -40.09 -0.25 0.55
C GLY B 71 -40.25 -0.56 2.03
N ILE B 72 -40.10 -1.83 2.36
CA ILE B 72 -40.20 -2.25 3.75
C ILE B 72 -39.05 -1.66 4.53
N GLU B 73 -37.89 -1.58 3.89
CA GLU B 73 -36.72 -1.05 4.55
C GLU B 73 -36.73 0.45 4.69
N ALA B 74 -37.36 1.14 3.75
CA ALA B 74 -37.41 2.60 3.80
C ALA B 74 -38.07 3.07 5.09
N VAL B 75 -38.88 2.21 5.67
CA VAL B 75 -39.60 2.50 6.90
C VAL B 75 -38.97 1.88 8.14
N GLY B 76 -38.02 0.98 7.92
CA GLY B 76 -37.40 0.35 9.06
C GLY B 76 -38.32 -0.80 9.39
N GLY B 77 -38.80 -1.45 8.34
CA GLY B 77 -39.69 -2.57 8.53
C GLY B 77 -38.95 -3.88 8.69
N LYS B 78 -39.73 -4.95 8.68
CA LYS B 78 -39.26 -6.32 8.79
C LYS B 78 -40.34 -7.16 8.15
N LEU B 79 -39.93 -8.02 7.23
CA LEU B 79 -40.88 -8.92 6.58
C LEU B 79 -40.20 -10.26 6.68
N SER B 80 -40.87 -11.22 7.28
CA SER B 80 -40.26 -12.54 7.41
C SER B 80 -41.32 -13.64 7.46
N VAL B 81 -40.90 -14.86 7.19
CA VAL B 81 -41.84 -15.96 7.20
C VAL B 81 -41.40 -17.12 8.09
N GLU B 82 -42.24 -17.50 9.04
CA GLU B 82 -41.95 -18.63 9.92
C GLU B 82 -42.87 -19.79 9.51
N SER B 83 -42.31 -20.98 9.33
CA SER B 83 -43.13 -22.11 8.89
C SER B 83 -42.88 -23.51 9.52
N THR B 84 -43.97 -24.24 9.74
CA THR B 84 -43.96 -25.59 10.32
C THR B 84 -44.50 -26.58 9.30
N ARG B 85 -44.32 -27.87 9.57
CA ARG B 85 -44.81 -28.90 8.68
C ARG B 85 -46.28 -28.71 8.35
N GLU B 86 -47.04 -28.00 9.19
CA GLU B 86 -48.46 -27.82 8.90
C GLU B 86 -49.04 -26.42 9.11
N ASN B 87 -48.20 -25.39 8.92
CA ASN B 87 -48.68 -24.03 9.07
C ASN B 87 -47.62 -22.99 8.72
N MET B 88 -48.03 -21.96 7.99
CA MET B 88 -47.12 -20.90 7.60
C MET B 88 -47.62 -19.56 8.09
N ALA B 89 -46.75 -18.84 8.80
CA ALA B 89 -47.11 -17.53 9.33
C ALA B 89 -46.22 -16.43 8.71
N TYR B 90 -46.83 -15.56 7.91
CA TYR B 90 -46.16 -14.44 7.25
C TYR B 90 -46.33 -13.17 8.07
N THR B 91 -45.41 -12.90 8.99
CA THR B 91 -45.55 -11.71 9.80
C THR B 91 -44.76 -10.53 9.21
N VAL B 92 -45.03 -9.34 9.73
CA VAL B 92 -44.39 -8.12 9.26
C VAL B 92 -44.49 -7.17 10.45
N GLU B 93 -43.50 -6.31 10.68
CA GLU B 93 -43.58 -5.42 11.84
C GLU B 93 -42.95 -4.07 11.60
N CYS B 94 -43.50 -3.04 12.24
CA CYS B 94 -42.95 -1.70 12.10
C CYS B 94 -43.39 -0.75 13.20
N LEU B 95 -44.31 0.17 12.91
CA LEU B 95 -44.76 1.10 13.93
C LEU B 95 -45.69 2.19 13.41
N ARG B 96 -46.15 3.05 14.33
CA ARG B 96 -47.03 4.16 14.01
C ARG B 96 -47.78 3.97 12.72
N ASP B 97 -47.82 5.03 11.93
CA ASP B 97 -48.51 5.02 10.64
C ASP B 97 -47.93 4.01 9.67
N ASP B 98 -46.62 3.82 9.73
CA ASP B 98 -45.96 2.91 8.81
C ASP B 98 -46.55 1.50 8.69
N VAL B 99 -47.46 1.14 9.59
CA VAL B 99 -48.11 -0.17 9.57
C VAL B 99 -48.96 -0.24 8.31
N GLU B 100 -49.69 0.84 8.09
CA GLU B 100 -50.55 1.00 6.94
C GLU B 100 -49.75 0.75 5.68
N ILE B 101 -48.59 1.41 5.60
CA ILE B 101 -47.67 1.29 4.47
C ILE B 101 -47.13 -0.14 4.33
N LEU B 102 -46.57 -0.63 5.43
CA LEU B 102 -46.00 -1.96 5.50
C LEU B 102 -46.96 -3.08 5.06
N MET B 103 -48.25 -2.78 5.06
CA MET B 103 -49.25 -3.76 4.66
C MET B 103 -49.26 -4.11 3.18
N GLU B 104 -49.40 -3.09 2.32
CA GLU B 104 -49.44 -3.31 0.88
C GLU B 104 -48.53 -4.48 0.54
N PHE B 105 -47.28 -4.34 0.94
CA PHE B 105 -46.29 -5.36 0.69
C PHE B 105 -46.74 -6.72 1.24
N LEU B 106 -47.16 -6.78 2.50
CA LEU B 106 -47.61 -8.05 3.07
C LEU B 106 -48.74 -8.63 2.24
N LEU B 107 -49.75 -7.80 1.98
CA LEU B 107 -50.89 -8.24 1.19
C LEU B 107 -50.40 -8.96 -0.07
N ASN B 108 -49.70 -8.22 -0.93
CA ASN B 108 -49.19 -8.75 -2.17
C ASN B 108 -48.40 -10.04 -2.02
N VAL B 109 -47.53 -10.07 -1.03
CA VAL B 109 -46.70 -11.24 -0.81
C VAL B 109 -47.49 -12.53 -0.62
N THR B 110 -48.65 -12.44 0.02
CA THR B 110 -49.48 -13.63 0.28
C THR B 110 -50.64 -13.90 -0.68
N THR B 111 -50.92 -12.97 -1.57
CA THR B 111 -52.06 -13.18 -2.47
C THR B 111 -51.79 -12.92 -3.95
N ALA B 112 -50.80 -12.06 -4.22
CA ALA B 112 -50.46 -11.73 -5.60
C ALA B 112 -49.06 -12.15 -5.97
N PRO B 113 -48.67 -13.38 -5.62
CA PRO B 113 -47.32 -13.78 -5.99
C PRO B 113 -47.41 -14.12 -7.47
N GLU B 114 -46.51 -13.58 -8.29
CA GLU B 114 -46.57 -13.98 -9.68
C GLU B 114 -45.30 -14.74 -10.03
N PHE B 115 -44.85 -15.52 -9.06
CA PHE B 115 -43.66 -16.36 -9.17
C PHE B 115 -43.11 -16.41 -10.58
N ARG B 116 -42.23 -15.47 -10.90
CA ARG B 116 -41.62 -15.40 -12.23
C ARG B 116 -40.60 -16.51 -12.46
N PRO B 117 -40.72 -17.23 -13.58
CA PRO B 117 -39.86 -18.34 -13.98
C PRO B 117 -38.37 -18.10 -13.79
N TRP B 118 -37.93 -16.86 -13.94
CA TRP B 118 -36.52 -16.56 -13.76
C TRP B 118 -36.26 -16.36 -12.27
N GLU B 119 -36.95 -15.40 -11.67
CA GLU B 119 -36.78 -15.13 -10.25
C GLU B 119 -36.71 -16.42 -9.43
N VAL B 120 -37.46 -17.46 -9.82
CA VAL B 120 -37.41 -18.72 -9.09
C VAL B 120 -36.24 -19.59 -9.56
N ALA B 121 -36.21 -19.91 -10.85
CA ALA B 121 -35.14 -20.74 -11.39
C ALA B 121 -33.84 -20.11 -10.92
N ASP B 122 -33.93 -18.83 -10.56
CA ASP B 122 -32.79 -18.03 -10.11
C ASP B 122 -32.65 -17.95 -8.58
N LEU B 123 -33.58 -18.58 -7.86
CA LEU B 123 -33.58 -18.56 -6.42
C LEU B 123 -33.34 -19.93 -5.82
N GLN B 124 -33.79 -20.96 -6.52
CA GLN B 124 -33.65 -22.32 -6.02
C GLN B 124 -32.28 -22.69 -5.46
N PRO B 125 -31.20 -22.18 -6.06
CA PRO B 125 -29.91 -22.57 -5.49
C PRO B 125 -29.78 -22.12 -4.02
N GLN B 126 -30.67 -21.23 -3.59
CA GLN B 126 -30.66 -20.74 -2.22
C GLN B 126 -31.02 -21.85 -1.22
N LEU B 127 -31.92 -22.74 -1.63
CA LEU B 127 -32.32 -23.84 -0.76
C LEU B 127 -31.04 -24.47 -0.26
N LYS B 128 -30.16 -24.81 -1.20
CA LYS B 128 -28.89 -25.43 -0.84
C LYS B 128 -28.32 -24.86 0.45
N ILE B 129 -28.11 -23.55 0.49
CA ILE B 129 -27.55 -22.96 1.70
C ILE B 129 -28.52 -22.81 2.85
N ASP B 130 -29.70 -22.26 2.58
CA ASP B 130 -30.66 -22.08 3.66
C ASP B 130 -30.65 -23.36 4.46
N LYS B 131 -30.57 -24.46 3.74
CA LYS B 131 -30.58 -25.79 4.35
C LYS B 131 -29.23 -26.07 5.00
N ALA B 132 -28.16 -25.73 4.30
CA ALA B 132 -26.82 -25.96 4.83
C ALA B 132 -26.61 -25.33 6.21
N VAL B 133 -27.17 -24.15 6.42
CA VAL B 133 -27.01 -23.49 7.71
C VAL B 133 -27.88 -24.17 8.74
N ALA B 134 -29.13 -24.44 8.34
CA ALA B 134 -30.05 -25.08 9.25
C ALA B 134 -29.40 -26.32 9.84
N PHE B 135 -28.98 -27.22 8.96
CA PHE B 135 -28.35 -28.46 9.39
C PHE B 135 -27.07 -28.34 10.19
N GLN B 136 -26.68 -27.12 10.53
CA GLN B 136 -25.47 -26.95 11.31
C GLN B 136 -25.73 -27.39 12.75
N ASN B 137 -27.01 -27.47 13.11
CA ASN B 137 -27.43 -27.88 14.44
C ASN B 137 -27.83 -29.33 14.27
N PRO B 138 -27.11 -30.27 14.89
CA PRO B 138 -27.48 -31.67 14.74
C PRO B 138 -28.94 -31.93 15.11
N GLN B 139 -29.45 -31.11 16.02
CA GLN B 139 -30.82 -31.25 16.45
C GLN B 139 -31.76 -31.33 15.25
N THR B 140 -31.62 -30.43 14.30
CA THR B 140 -32.48 -30.42 13.12
C THR B 140 -32.40 -31.68 12.28
N HIS B 141 -31.19 -32.20 12.09
CA HIS B 141 -31.00 -33.41 11.28
C HIS B 141 -31.81 -34.54 11.88
N VAL B 142 -31.58 -34.80 13.16
CA VAL B 142 -32.28 -35.87 13.88
C VAL B 142 -33.77 -35.71 13.72
N ILE B 143 -34.31 -34.59 14.16
CA ILE B 143 -35.73 -34.34 14.05
C ILE B 143 -36.30 -34.52 12.62
N GLU B 144 -35.58 -34.04 11.60
CA GLU B 144 -36.05 -34.20 10.23
C GLU B 144 -36.33 -35.68 9.99
N ASN B 145 -35.37 -36.52 10.37
CA ASN B 145 -35.49 -37.95 10.21
C ASN B 145 -36.51 -38.57 11.15
N LEU B 146 -36.52 -38.13 12.39
CA LEU B 146 -37.48 -38.65 13.37
C LEU B 146 -38.81 -38.73 12.65
N HIS B 147 -39.36 -37.57 12.27
CA HIS B 147 -40.63 -37.53 11.56
C HIS B 147 -40.72 -38.49 10.38
N ALA B 148 -39.58 -38.80 9.76
CA ALA B 148 -39.55 -39.69 8.62
C ALA B 148 -39.83 -41.12 9.04
N ALA B 149 -39.37 -41.46 10.24
CA ALA B 149 -39.55 -42.81 10.77
C ALA B 149 -40.85 -42.92 11.58
N ALA B 150 -41.31 -41.82 12.14
CA ALA B 150 -42.53 -41.82 12.92
C ALA B 150 -43.73 -41.88 11.99
N TYR B 151 -43.58 -41.39 10.77
CA TYR B 151 -44.70 -41.42 9.85
C TYR B 151 -44.41 -42.05 8.51
N ARG B 152 -45.49 -42.30 7.78
CA ARG B 152 -45.44 -42.91 6.46
C ARG B 152 -46.48 -42.18 5.62
N ASN B 153 -46.15 -40.95 5.24
CA ASN B 153 -47.05 -40.11 4.43
C ASN B 153 -46.96 -38.72 5.00
N ALA B 154 -47.80 -37.83 4.47
CA ALA B 154 -47.86 -36.43 4.89
C ALA B 154 -47.40 -36.26 6.33
N LEU B 155 -46.76 -35.11 6.61
CA LEU B 155 -46.26 -34.84 7.95
C LEU B 155 -44.93 -35.55 8.13
N ALA B 156 -44.73 -36.63 7.39
CA ALA B 156 -43.49 -37.37 7.47
C ALA B 156 -42.62 -36.79 6.36
N ASP B 157 -43.16 -35.80 5.66
CA ASP B 157 -42.41 -35.15 4.61
C ASP B 157 -41.41 -34.19 5.26
N SER B 158 -40.32 -33.89 4.56
CA SER B 158 -39.29 -33.00 5.08
C SER B 158 -39.76 -31.55 5.15
N LEU B 159 -39.21 -30.79 6.13
CA LEU B 159 -39.56 -29.37 6.30
C LEU B 159 -38.60 -28.52 5.46
N TYR B 160 -37.45 -29.12 5.18
CA TYR B 160 -36.39 -28.52 4.37
C TYR B 160 -36.31 -29.40 3.12
N CYS B 161 -36.59 -28.78 1.97
CA CYS B 161 -36.58 -29.46 0.68
C CYS B 161 -35.48 -30.49 0.49
N PRO B 162 -35.85 -31.71 0.06
CA PRO B 162 -34.83 -32.75 -0.15
C PRO B 162 -33.85 -32.28 -1.22
N ASP B 163 -32.62 -32.78 -1.14
CA ASP B 163 -31.59 -32.38 -2.08
C ASP B 163 -31.90 -32.64 -3.54
N TYR B 164 -32.08 -33.91 -3.92
CA TYR B 164 -32.36 -34.29 -5.31
C TYR B 164 -33.40 -33.39 -5.99
N ARG B 165 -34.18 -32.67 -5.21
CA ARG B 165 -35.20 -31.80 -5.76
C ARG B 165 -34.87 -30.33 -5.69
N ILE B 166 -33.66 -29.99 -5.29
CA ILE B 166 -33.29 -28.59 -5.15
C ILE B 166 -33.52 -27.72 -6.38
N GLY B 167 -33.13 -28.18 -7.55
CA GLY B 167 -33.35 -27.33 -8.72
C GLY B 167 -34.54 -27.69 -9.57
N LYS B 168 -35.38 -28.60 -9.08
CA LYS B 168 -36.52 -29.07 -9.85
C LYS B 168 -37.93 -28.54 -9.52
N VAL B 169 -38.05 -27.72 -8.47
CA VAL B 169 -39.34 -27.14 -8.13
C VAL B 169 -39.73 -26.22 -9.30
N THR B 170 -40.90 -26.42 -9.91
CA THR B 170 -41.29 -25.57 -11.05
C THR B 170 -42.00 -24.30 -10.60
N SER B 171 -42.02 -23.31 -11.49
CA SER B 171 -42.70 -22.06 -11.15
C SER B 171 -44.16 -22.43 -10.95
N VAL B 172 -44.58 -23.42 -11.71
CA VAL B 172 -45.94 -23.93 -11.65
C VAL B 172 -46.26 -24.45 -10.26
N GLU B 173 -45.62 -25.56 -9.89
CA GLU B 173 -45.84 -26.19 -8.59
C GLU B 173 -46.09 -25.18 -7.48
N LEU B 174 -45.47 -24.00 -7.59
CA LEU B 174 -45.68 -22.96 -6.59
C LEU B 174 -47.11 -22.42 -6.62
N HIS B 175 -47.53 -21.85 -7.75
CA HIS B 175 -48.90 -21.33 -7.84
C HIS B 175 -49.88 -22.40 -7.40
N ASP B 176 -49.76 -23.57 -8.01
CA ASP B 176 -50.63 -24.67 -7.68
C ASP B 176 -50.64 -24.92 -6.17
N PHE B 177 -49.49 -24.76 -5.52
CA PHE B 177 -49.44 -24.97 -4.07
C PHE B 177 -50.16 -23.83 -3.34
N VAL B 178 -49.94 -22.60 -3.77
CA VAL B 178 -50.59 -21.46 -3.14
C VAL B 178 -52.10 -21.56 -3.31
N GLN B 179 -52.51 -21.62 -4.56
CA GLN B 179 -53.92 -21.69 -4.91
C GLN B 179 -54.68 -22.71 -4.07
N ASN B 180 -54.07 -23.87 -3.88
CA ASN B 180 -54.72 -24.96 -3.14
C ASN B 180 -54.63 -24.88 -1.62
N HIS B 181 -54.03 -23.83 -1.07
CA HIS B 181 -53.94 -23.73 0.37
C HIS B 181 -54.08 -22.34 0.89
N PHE B 182 -53.56 -21.40 0.14
CA PHE B 182 -53.65 -20.02 0.54
C PHE B 182 -55.04 -19.51 0.20
N THR B 183 -56.03 -20.05 0.93
CA THR B 183 -57.44 -19.70 0.73
C THR B 183 -58.12 -19.19 2.01
N SER B 184 -58.92 -18.15 1.83
CA SER B 184 -59.66 -17.50 2.90
C SER B 184 -60.07 -18.38 4.08
N ALA B 185 -60.60 -19.56 3.80
CA ALA B 185 -61.07 -20.45 4.84
C ALA B 185 -59.99 -21.07 5.73
N ARG B 186 -58.74 -21.00 5.30
CA ARG B 186 -57.64 -21.55 6.10
C ARG B 186 -56.54 -20.52 6.33
N MET B 187 -56.97 -19.26 6.44
CA MET B 187 -56.10 -18.13 6.69
C MET B 187 -56.62 -17.30 7.87
N ALA B 188 -55.76 -16.43 8.39
CA ALA B 188 -56.11 -15.58 9.52
C ALA B 188 -55.28 -14.29 9.54
N LEU B 189 -55.95 -13.15 9.49
CA LEU B 189 -55.26 -11.88 9.51
C LEU B 189 -55.07 -11.34 10.93
N VAL B 190 -54.14 -11.95 11.66
CA VAL B 190 -53.86 -11.57 13.04
C VAL B 190 -52.91 -10.36 13.13
N GLY B 191 -52.95 -9.65 14.26
CA GLY B 191 -52.08 -8.49 14.42
C GLY B 191 -52.12 -7.82 15.79
N LEU B 192 -51.10 -7.03 16.09
CA LEU B 192 -50.99 -6.30 17.37
C LEU B 192 -50.96 -4.80 17.14
N GLY B 193 -50.72 -4.06 18.21
CA GLY B 193 -50.68 -2.61 18.13
C GLY B 193 -51.59 -1.96 17.09
N VAL B 194 -52.73 -2.60 16.82
CA VAL B 194 -53.69 -2.09 15.84
C VAL B 194 -55.14 -2.06 16.33
N SER B 195 -55.91 -1.15 15.74
CA SER B 195 -57.32 -1.03 16.06
C SER B 195 -57.96 -2.09 15.16
N HIS B 196 -58.93 -2.83 15.67
CA HIS B 196 -59.56 -3.88 14.89
C HIS B 196 -60.30 -3.39 13.63
N PRO B 197 -61.02 -2.26 13.73
CA PRO B 197 -61.73 -1.77 12.54
C PRO B 197 -60.75 -1.57 11.38
N VAL B 198 -59.59 -1.02 11.72
CA VAL B 198 -58.55 -0.76 10.75
C VAL B 198 -58.09 -2.09 10.13
N LEU B 199 -57.66 -3.05 10.96
CA LEU B 199 -57.19 -4.35 10.45
C LEU B 199 -58.24 -5.12 9.65
N LYS B 200 -59.52 -4.85 9.88
CA LYS B 200 -60.57 -5.52 9.14
C LYS B 200 -60.71 -4.86 7.78
N ASN B 201 -60.78 -3.53 7.80
CA ASN B 201 -60.92 -2.72 6.58
C ASN B 201 -59.83 -3.01 5.55
N VAL B 202 -59.03 -4.04 5.83
CA VAL B 202 -57.95 -4.44 4.93
C VAL B 202 -58.21 -5.84 4.37
N ALA B 203 -58.80 -6.70 5.21
CA ALA B 203 -59.12 -8.06 4.78
C ALA B 203 -60.11 -8.02 3.63
N GLU B 204 -60.48 -6.79 3.25
CA GLU B 204 -61.41 -6.54 2.15
C GLU B 204 -60.66 -6.69 0.82
N GLN B 205 -59.40 -6.26 0.81
CA GLN B 205 -58.56 -6.38 -0.38
C GLN B 205 -58.08 -7.81 -0.41
N LEU B 206 -57.72 -8.29 0.77
CA LEU B 206 -57.23 -9.65 0.98
C LEU B 206 -58.23 -10.66 0.45
N LEU B 207 -59.42 -10.20 0.10
CA LEU B 207 -60.44 -11.08 -0.46
C LEU B 207 -60.14 -11.23 -1.95
N ASN B 208 -59.53 -12.36 -2.29
CA ASN B 208 -59.16 -12.67 -3.66
C ASN B 208 -58.98 -14.20 -3.81
N ILE B 209 -59.58 -14.96 -2.90
CA ILE B 209 -59.53 -16.44 -2.92
C ILE B 209 -60.63 -16.97 -2.00
N ARG B 210 -61.16 -18.17 -2.28
CA ARG B 210 -62.23 -18.70 -1.44
C ARG B 210 -62.14 -20.19 -1.10
N GLY B 211 -62.03 -21.01 -2.14
CA GLY B 211 -61.96 -22.46 -2.01
C GLY B 211 -61.63 -23.07 -0.66
N GLY B 212 -62.56 -22.97 0.30
CA GLY B 212 -62.37 -23.53 1.63
C GLY B 212 -61.01 -24.18 1.83
N LEU B 213 -60.97 -25.51 1.86
CA LEU B 213 -59.71 -26.23 2.01
C LEU B 213 -59.39 -26.77 0.63
N GLY B 214 -58.39 -26.18 -0.02
CA GLY B 214 -58.04 -26.60 -1.36
C GLY B 214 -57.46 -27.98 -1.63
N LEU B 215 -56.71 -28.53 -0.69
CA LEU B 215 -56.12 -29.84 -0.97
C LEU B 215 -56.14 -30.78 0.22
N SER B 216 -56.48 -30.25 1.39
CA SER B 216 -56.57 -31.03 2.63
C SER B 216 -55.65 -32.26 2.69
N GLY B 217 -54.55 -32.13 3.43
CA GLY B 217 -53.58 -33.22 3.55
C GLY B 217 -54.22 -34.53 3.97
N ALA B 218 -53.62 -35.64 3.54
CA ALA B 218 -54.13 -36.96 3.89
C ALA B 218 -53.81 -37.24 5.35
N LYS B 219 -54.69 -37.98 6.03
CA LYS B 219 -54.48 -38.31 7.44
C LYS B 219 -53.06 -38.81 7.63
N ALA B 220 -52.53 -38.65 8.85
CA ALA B 220 -51.18 -39.08 9.14
C ALA B 220 -51.11 -40.52 9.65
N LYS B 221 -50.55 -41.42 8.84
CA LYS B 221 -50.41 -42.81 9.25
C LYS B 221 -49.15 -42.94 10.09
N TYR B 222 -49.25 -43.61 11.23
CA TYR B 222 -48.09 -43.78 12.10
C TYR B 222 -47.29 -45.04 11.75
N ARG B 223 -46.05 -45.08 12.22
CA ARG B 223 -45.14 -46.20 11.98
C ARG B 223 -44.02 -46.13 13.00
N GLY B 224 -43.48 -47.29 13.38
CA GLY B 224 -42.40 -47.32 14.35
C GLY B 224 -41.08 -47.26 13.62
N GLY B 225 -40.91 -46.26 12.78
CA GLY B 225 -39.69 -46.12 12.02
C GLY B 225 -38.44 -46.06 12.86
N GLU B 226 -37.30 -46.21 12.21
CA GLU B 226 -36.05 -46.18 12.93
C GLU B 226 -34.94 -45.97 11.94
N ILE B 227 -34.36 -44.77 11.92
CA ILE B 227 -33.25 -44.49 11.01
C ILE B 227 -32.00 -44.00 11.72
N ARG B 228 -30.87 -44.61 11.37
CA ARG B 228 -29.59 -44.30 11.97
C ARG B 228 -28.65 -43.66 10.98
N GLU B 229 -28.05 -42.54 11.39
CA GLU B 229 -27.12 -41.79 10.53
C GLU B 229 -25.71 -41.88 11.08
N GLN B 230 -24.94 -42.84 10.57
CA GLN B 230 -23.57 -43.01 11.00
C GLN B 230 -22.79 -41.86 10.40
N ASN B 231 -22.12 -41.06 11.25
CA ASN B 231 -21.36 -39.90 10.77
C ASN B 231 -20.20 -39.47 11.66
N GLY B 232 -20.09 -40.07 12.85
CA GLY B 232 -19.02 -39.75 13.77
C GLY B 232 -18.84 -38.29 14.19
N ASP B 233 -19.63 -37.83 15.16
CA ASP B 233 -19.47 -36.45 15.63
C ASP B 233 -19.02 -36.31 17.06
N SER B 234 -18.36 -37.36 17.58
CA SER B 234 -17.85 -37.32 18.94
C SER B 234 -19.01 -37.38 19.92
N LEU B 235 -20.20 -37.08 19.44
CA LEU B 235 -21.35 -37.14 20.30
C LEU B 235 -22.62 -37.40 19.52
N VAL B 236 -23.36 -38.38 20.05
CA VAL B 236 -24.61 -38.86 19.50
C VAL B 236 -25.83 -38.01 19.82
N HIS B 237 -26.80 -38.07 18.93
CA HIS B 237 -28.06 -37.40 19.13
C HIS B 237 -29.07 -38.52 18.98
N ALA B 238 -30.04 -38.57 19.87
CA ALA B 238 -31.04 -39.62 19.82
C ALA B 238 -32.39 -39.06 20.23
N ALA B 239 -33.44 -39.58 19.63
CA ALA B 239 -34.80 -39.14 19.94
C ALA B 239 -35.71 -40.37 19.89
N ILE B 240 -36.47 -40.58 20.95
CA ILE B 240 -37.39 -41.71 21.01
C ILE B 240 -38.80 -41.23 21.25
N VAL B 241 -39.72 -41.69 20.42
CA VAL B 241 -41.11 -41.28 20.51
C VAL B 241 -42.11 -42.42 20.34
N ALA B 242 -43.36 -42.08 20.61
CA ALA B 242 -44.51 -42.98 20.48
C ALA B 242 -45.66 -42.05 20.12
N GLU B 243 -46.27 -42.28 18.96
CA GLU B 243 -47.41 -41.48 18.49
C GLU B 243 -48.25 -41.03 19.69
N SER B 244 -48.83 -39.82 19.65
CA SER B 244 -49.68 -39.33 20.75
C SER B 244 -49.93 -37.84 20.92
N ALA B 245 -51.13 -37.51 21.37
CA ALA B 245 -51.54 -36.13 21.65
C ALA B 245 -51.77 -35.22 20.45
N ALA B 246 -53.02 -34.89 20.18
CA ALA B 246 -53.32 -34.01 19.06
C ALA B 246 -53.66 -32.64 19.61
N ILE B 247 -53.36 -31.59 18.86
CA ILE B 247 -53.67 -30.25 19.34
C ILE B 247 -55.17 -30.14 19.54
N GLY B 248 -55.56 -29.56 20.67
CA GLY B 248 -56.95 -29.43 21.02
C GLY B 248 -57.34 -30.73 21.68
N GLY B 249 -56.71 -31.82 21.22
CA GLY B 249 -56.97 -33.16 21.75
C GLY B 249 -56.81 -33.32 23.25
N ALA B 250 -57.95 -33.39 23.93
CA ALA B 250 -58.01 -33.54 25.39
C ALA B 250 -56.80 -34.21 26.04
N GLU B 251 -56.49 -35.42 25.59
CA GLU B 251 -55.37 -36.18 26.14
C GLU B 251 -54.02 -35.45 26.13
N ALA B 252 -53.96 -34.30 25.47
CA ALA B 252 -52.72 -33.50 25.35
C ALA B 252 -52.10 -32.95 26.63
N ASN B 253 -52.81 -32.05 27.30
CA ASN B 253 -52.33 -31.44 28.53
C ASN B 253 -51.64 -32.43 29.45
N ALA B 254 -52.02 -33.69 29.35
CA ALA B 254 -51.43 -34.72 30.19
C ALA B 254 -49.93 -34.77 29.96
N PHE B 255 -49.53 -34.92 28.71
CA PHE B 255 -48.10 -34.99 28.37
C PHE B 255 -47.35 -33.70 28.62
N SER B 256 -48.00 -32.57 28.39
CA SER B 256 -47.35 -31.29 28.64
C SER B 256 -46.96 -31.35 30.11
N VAL B 257 -47.88 -31.82 30.93
CA VAL B 257 -47.64 -31.96 32.35
C VAL B 257 -46.62 -33.06 32.59
N LEU B 258 -46.76 -34.17 31.87
CA LEU B 258 -45.81 -35.27 32.02
C LEU B 258 -44.46 -34.79 31.52
N GLN B 259 -44.52 -33.84 30.58
CA GLN B 259 -43.36 -33.24 29.96
C GLN B 259 -42.53 -32.59 31.03
N HIS B 260 -43.18 -31.87 31.94
CA HIS B 260 -42.47 -31.22 33.03
C HIS B 260 -42.29 -32.20 34.19
N VAL B 261 -43.27 -33.07 34.39
CA VAL B 261 -43.19 -34.07 35.45
C VAL B 261 -41.88 -34.76 35.15
N LEU B 262 -41.67 -35.02 33.86
CA LEU B 262 -40.44 -35.64 33.38
C LEU B 262 -39.40 -34.54 33.16
N GLY B 263 -38.14 -34.89 33.33
CA GLY B 263 -37.09 -33.90 33.17
C GLY B 263 -36.16 -33.96 34.36
N ALA B 264 -36.51 -33.24 35.44
CA ALA B 264 -35.69 -33.28 36.64
C ALA B 264 -35.45 -34.76 36.85
N ASN B 265 -36.36 -35.58 36.33
CA ASN B 265 -36.26 -37.03 36.41
C ASN B 265 -35.24 -37.65 35.43
N PRO B 266 -35.50 -37.62 34.09
CA PRO B 266 -34.54 -38.20 33.16
C PRO B 266 -33.11 -37.69 33.30
N HIS B 267 -32.99 -36.37 33.47
CA HIS B 267 -31.69 -35.74 33.61
C HIS B 267 -31.09 -36.28 34.89
N VAL B 268 -31.72 -35.98 36.03
CA VAL B 268 -31.21 -36.44 37.32
C VAL B 268 -31.17 -37.97 37.44
N LYS B 269 -31.60 -38.65 36.38
CA LYS B 269 -31.59 -40.11 36.39
C LYS B 269 -30.45 -40.66 35.54
N ARG B 270 -29.64 -39.76 35.00
CA ARG B 270 -28.51 -40.17 34.18
C ARG B 270 -27.29 -39.42 34.69
N GLY B 271 -26.26 -40.13 35.15
CA GLY B 271 -25.05 -39.45 35.65
C GLY B 271 -23.78 -39.50 34.72
N ASN B 273 -23.13 -38.33 34.54
CA ASN B 273 -21.91 -38.06 33.71
C ASN B 273 -22.11 -36.80 32.79
N PRO B 289 -21.14 -36.47 31.89
CA PRO B 289 -21.25 -35.29 30.98
C PRO B 289 -22.22 -35.46 29.76
N PHE B 290 -23.45 -34.95 29.87
CA PHE B 290 -24.46 -35.15 28.81
C PHE B 290 -25.58 -34.09 28.79
N ASP B 291 -26.72 -34.50 28.20
CA ASP B 291 -27.97 -33.72 28.12
C ASP B 291 -29.13 -34.59 27.64
N VAL B 292 -30.27 -34.51 28.34
CA VAL B 292 -31.46 -35.29 28.01
C VAL B 292 -32.75 -34.56 28.39
N SER B 293 -33.79 -34.65 27.55
CA SER B 293 -35.07 -33.97 27.82
C SER B 293 -36.32 -34.71 27.36
N ALA B 294 -37.48 -34.15 27.69
CA ALA B 294 -38.75 -34.73 27.32
C ALA B 294 -39.31 -34.05 26.07
N PHE B 295 -39.31 -34.79 24.97
CA PHE B 295 -39.79 -34.27 23.71
C PHE B 295 -41.30 -34.30 23.59
N ASN B 296 -41.88 -33.26 23.00
CA ASN B 296 -43.32 -33.23 22.82
C ASN B 296 -43.84 -32.30 21.71
N ALA B 297 -44.28 -32.91 20.61
CA ALA B 297 -44.84 -32.18 19.48
C ALA B 297 -46.30 -32.60 19.38
N SER B 298 -47.19 -31.61 19.34
CA SER B 298 -48.62 -31.87 19.21
C SER B 298 -49.05 -31.30 17.85
N TYR B 299 -49.52 -32.17 16.96
CA TYR B 299 -49.95 -31.77 15.62
C TYR B 299 -51.46 -31.78 15.46
N SER B 300 -51.93 -31.47 14.26
CA SER B 300 -53.36 -31.42 13.97
C SER B 300 -54.11 -32.73 14.19
N ASP B 301 -53.68 -33.80 13.54
CA ASP B 301 -54.34 -35.09 13.70
C ASP B 301 -53.39 -36.14 14.23
N SER B 302 -52.47 -35.69 15.07
CA SER B 302 -51.50 -36.61 15.67
C SER B 302 -50.42 -35.84 16.40
N GLY B 303 -49.47 -36.57 17.00
CA GLY B 303 -48.38 -35.94 17.72
C GLY B 303 -47.29 -36.93 18.04
N LEU B 304 -46.26 -36.45 18.74
CA LEU B 304 -45.14 -37.31 19.13
C LEU B 304 -44.74 -37.03 20.58
N PHE B 305 -44.25 -38.04 21.27
CA PHE B 305 -43.83 -37.86 22.65
C PHE B 305 -42.68 -38.78 23.01
N GLY B 306 -41.68 -38.22 23.68
CA GLY B 306 -40.52 -39.01 24.06
C GLY B 306 -39.38 -38.20 24.62
N PHE B 307 -38.17 -38.39 24.09
CA PHE B 307 -37.02 -37.69 24.65
C PHE B 307 -35.75 -37.71 23.80
N TYR B 308 -35.10 -36.56 23.59
CA TYR B 308 -33.82 -36.57 22.86
C TYR B 308 -32.67 -36.46 23.84
N THR B 309 -31.57 -37.12 23.50
CA THR B 309 -30.42 -37.13 24.36
C THR B 309 -29.10 -36.95 23.66
N ILE B 310 -28.52 -35.77 23.86
CA ILE B 310 -27.23 -35.44 23.33
C ILE B 310 -26.37 -36.08 24.41
N SER B 311 -25.49 -36.97 23.99
CA SER B 311 -24.67 -37.69 24.94
C SER B 311 -23.33 -37.93 24.33
N GLN B 312 -22.35 -38.20 25.16
CA GLN B 312 -21.04 -38.47 24.63
C GLN B 312 -21.25 -39.81 23.92
N ALA B 313 -20.41 -40.08 22.94
CA ALA B 313 -20.48 -41.29 22.14
C ALA B 313 -20.68 -42.61 22.86
N ALA B 314 -19.61 -43.12 23.45
CA ALA B 314 -19.66 -44.39 24.16
C ALA B 314 -20.72 -44.45 25.27
N TYR B 315 -20.98 -43.31 25.88
CA TYR B 315 -21.98 -43.28 26.94
C TYR B 315 -23.35 -43.10 26.29
N ALA B 316 -23.43 -43.42 25.00
CA ALA B 316 -24.68 -43.32 24.25
C ALA B 316 -25.72 -44.31 24.75
N GLY B 317 -25.38 -45.59 24.71
CA GLY B 317 -26.28 -46.63 25.16
C GLY B 317 -26.73 -46.41 26.59
N GLN B 318 -25.79 -46.08 27.46
CA GLN B 318 -26.13 -45.87 28.85
C GLN B 318 -27.23 -44.80 28.98
N VAL B 319 -26.93 -43.56 28.60
CA VAL B 319 -27.90 -42.48 28.71
C VAL B 319 -29.29 -42.74 28.13
N ILE B 320 -29.39 -43.25 26.91
CA ILE B 320 -30.73 -43.51 26.36
C ILE B 320 -31.49 -44.58 27.14
N LYS B 321 -30.79 -45.62 27.60
CA LYS B 321 -31.44 -46.66 28.40
C LYS B 321 -31.98 -46.03 29.68
N ALA B 322 -31.07 -45.44 30.46
CA ALA B 322 -31.41 -44.78 31.71
C ALA B 322 -32.59 -43.84 31.58
N ALA B 323 -32.49 -42.92 30.63
CA ALA B 323 -33.54 -41.94 30.40
C ALA B 323 -34.83 -42.61 29.97
N TYR B 324 -34.70 -43.81 29.42
CA TYR B 324 -35.86 -44.56 28.96
C TYR B 324 -36.52 -45.21 30.17
N ASN B 325 -35.70 -45.83 31.02
CA ASN B 325 -36.20 -46.47 32.22
C ASN B 325 -37.00 -45.45 32.99
N GLN B 326 -36.46 -44.24 33.06
CA GLN B 326 -37.15 -43.19 33.77
C GLN B 326 -38.55 -42.93 33.24
N VAL B 327 -38.71 -42.92 31.92
CA VAL B 327 -40.03 -42.68 31.37
C VAL B 327 -40.86 -43.93 31.67
N LYS B 328 -40.17 -45.06 31.85
CA LYS B 328 -40.83 -46.33 32.14
C LYS B 328 -41.43 -46.40 33.56
N THR B 329 -40.57 -46.34 34.57
CA THR B 329 -41.01 -46.39 35.95
C THR B 329 -41.83 -45.17 36.39
N ILE B 330 -41.81 -44.13 35.58
CA ILE B 330 -42.58 -42.94 35.89
C ILE B 330 -44.01 -43.29 35.55
N ALA B 331 -44.17 -44.35 34.78
CA ALA B 331 -45.47 -44.82 34.38
C ALA B 331 -45.96 -45.79 35.46
N GLN B 332 -45.04 -46.60 35.97
CA GLN B 332 -45.35 -47.58 37.00
C GLN B 332 -45.51 -46.98 38.39
N GLY B 333 -46.13 -45.81 38.44
CA GLY B 333 -46.38 -45.14 39.71
C GLY B 333 -45.18 -44.54 40.41
N ASN B 334 -44.50 -43.61 39.76
CA ASN B 334 -43.34 -42.95 40.37
C ASN B 334 -43.56 -41.46 40.14
N VAL B 335 -44.69 -40.96 40.63
CA VAL B 335 -45.03 -39.56 40.47
C VAL B 335 -45.79 -39.09 41.70
N SER B 336 -45.18 -38.25 42.53
CA SER B 336 -45.89 -37.76 43.70
C SER B 336 -46.87 -36.70 43.21
N ASN B 337 -48.01 -36.59 43.87
CA ASN B 337 -49.00 -35.59 43.46
C ASN B 337 -48.37 -34.22 43.61
N GLU B 338 -47.18 -34.23 44.21
CA GLU B 338 -46.40 -33.03 44.43
C GLU B 338 -45.70 -32.72 43.11
N ASN B 339 -45.06 -33.76 42.53
CA ASN B 339 -44.37 -33.60 41.26
C ASN B 339 -45.36 -32.90 40.35
N VAL B 340 -46.53 -33.50 40.22
CA VAL B 340 -47.57 -32.94 39.39
C VAL B 340 -47.85 -31.50 39.79
N GLN B 341 -47.83 -31.22 41.09
CA GLN B 341 -48.10 -29.85 41.54
C GLN B 341 -47.07 -28.87 40.98
N ALA B 342 -45.79 -29.22 41.09
CA ALA B 342 -44.73 -28.34 40.58
C ALA B 342 -44.86 -28.16 39.06
N ALA B 343 -44.85 -29.27 38.33
CA ALA B 343 -44.96 -29.29 36.87
C ALA B 343 -46.15 -28.48 36.34
N LYS B 344 -47.28 -28.59 37.02
CA LYS B 344 -48.47 -27.84 36.62
C LYS B 344 -48.13 -26.35 36.72
N ASN B 345 -47.21 -26.01 37.62
CA ASN B 345 -46.79 -24.61 37.79
C ASN B 345 -45.79 -24.14 36.73
N LYS B 346 -44.88 -25.03 36.32
CA LYS B 346 -43.89 -24.66 35.31
C LYS B 346 -44.63 -24.34 34.02
N LEU B 347 -45.57 -25.18 33.63
CA LEU B 347 -46.35 -24.94 32.43
C LEU B 347 -47.00 -23.58 32.50
N LYS B 348 -47.56 -23.26 33.67
CA LYS B 348 -48.20 -21.96 33.87
C LYS B 348 -47.21 -20.84 33.57
N ALA B 349 -45.94 -21.07 33.88
CA ALA B 349 -44.92 -20.07 33.61
C ALA B 349 -44.58 -20.08 32.13
N LYS B 350 -43.93 -21.14 31.68
CA LYS B 350 -43.54 -21.27 30.28
C LYS B 350 -44.63 -20.83 29.32
N TYR B 351 -45.89 -21.00 29.70
CA TYR B 351 -46.95 -20.54 28.84
C TYR B 351 -46.90 -19.02 28.92
N LEU B 352 -47.24 -18.50 30.09
CA LEU B 352 -47.28 -17.07 30.37
C LEU B 352 -46.03 -16.28 29.99
N MET B 353 -44.88 -16.79 30.39
CA MET B 353 -43.64 -16.09 30.07
C MET B 353 -43.56 -16.00 28.55
N SER B 354 -43.53 -17.16 27.90
CA SER B 354 -43.45 -17.26 26.44
C SER B 354 -44.68 -16.66 25.79
N VAL B 355 -44.91 -15.39 26.08
CA VAL B 355 -46.03 -14.62 25.58
C VAL B 355 -45.69 -13.15 25.85
N GLU B 356 -44.53 -12.92 26.47
CA GLU B 356 -44.07 -11.56 26.79
C GLU B 356 -43.63 -10.86 25.51
N SER B 357 -42.73 -11.52 24.78
CA SER B 357 -42.19 -11.01 23.53
C SER B 357 -43.32 -10.97 22.52
N SER B 358 -43.62 -9.78 22.04
CA SER B 358 -44.70 -9.59 21.08
C SER B 358 -44.78 -10.56 19.91
N GLU B 359 -43.69 -11.19 19.53
CA GLU B 359 -43.76 -12.11 18.40
C GLU B 359 -44.25 -13.47 18.88
N GLY B 360 -43.76 -13.91 20.04
CA GLY B 360 -44.19 -15.19 20.57
C GLY B 360 -45.60 -15.10 21.14
N PHE B 361 -46.10 -13.89 21.29
CA PHE B 361 -47.44 -13.67 21.80
C PHE B 361 -48.43 -13.57 20.65
N LEU B 362 -48.01 -12.95 19.56
CA LEU B 362 -48.85 -12.81 18.39
C LEU B 362 -49.00 -14.22 17.86
N GLU B 363 -48.14 -15.13 18.34
CA GLU B 363 -48.17 -16.54 17.94
C GLU B 363 -49.37 -17.23 18.58
N GLU B 364 -49.67 -16.86 19.82
CA GLU B 364 -50.83 -17.44 20.49
C GLU B 364 -52.13 -16.99 19.85
N VAL B 365 -52.41 -15.68 19.94
CA VAL B 365 -53.63 -15.11 19.36
C VAL B 365 -53.85 -15.56 17.92
N GLY B 366 -52.76 -15.87 17.23
CA GLY B 366 -52.88 -16.30 15.85
C GLY B 366 -53.16 -17.78 15.73
N SER B 367 -52.23 -18.59 16.23
CA SER B 367 -52.37 -20.04 16.19
C SER B 367 -53.80 -20.47 16.50
N GLN B 368 -54.38 -19.83 17.50
CA GLN B 368 -55.74 -20.19 17.89
C GLN B 368 -56.70 -19.68 16.84
N ALA B 369 -56.81 -18.37 16.71
CA ALA B 369 -57.71 -17.74 15.74
C ALA B 369 -57.77 -18.48 14.40
N LEU B 370 -56.81 -19.38 14.20
CA LEU B 370 -56.79 -20.16 12.98
C LEU B 370 -57.38 -21.54 13.24
N ALA B 371 -56.80 -22.27 14.20
CA ALA B 371 -57.26 -23.61 14.53
C ALA B 371 -58.72 -23.66 15.00
N ALA B 372 -59.08 -22.79 15.94
CA ALA B 372 -60.46 -22.76 16.45
C ALA B 372 -61.23 -21.62 15.80
N GLY B 373 -60.98 -20.41 16.27
CA GLY B 373 -61.65 -19.23 15.76
C GLY B 373 -61.92 -18.42 17.01
N SER B 374 -61.59 -19.05 18.13
CA SER B 374 -61.76 -18.51 19.47
C SER B 374 -60.49 -17.94 20.10
N TYR B 375 -60.49 -17.89 21.43
CA TYR B 375 -59.35 -17.40 22.21
C TYR B 375 -59.47 -17.72 23.71
N ASN B 376 -59.06 -18.92 24.10
CA ASN B 376 -59.12 -19.33 25.50
C ASN B 376 -58.30 -18.33 26.33
N PRO B 377 -58.94 -17.62 27.26
CA PRO B 377 -58.24 -16.64 28.09
C PRO B 377 -57.18 -17.32 28.96
N PRO B 378 -56.15 -16.56 29.36
CA PRO B 378 -55.10 -17.16 30.21
C PRO B 378 -55.68 -17.74 31.49
N SER B 379 -56.96 -17.46 31.73
CA SER B 379 -57.67 -17.95 32.92
C SER B 379 -58.00 -19.43 32.78
N THR B 380 -58.88 -19.73 31.84
CA THR B 380 -59.31 -21.10 31.60
C THR B 380 -58.22 -21.95 30.96
N VAL B 381 -57.31 -21.32 30.22
CA VAL B 381 -56.23 -22.09 29.62
C VAL B 381 -55.51 -22.75 30.79
N LEU B 382 -55.53 -22.07 31.94
CA LEU B 382 -54.91 -22.60 33.15
C LEU B 382 -55.92 -23.55 33.79
N GLN B 383 -57.15 -23.08 33.93
CA GLN B 383 -58.21 -23.88 34.50
C GLN B 383 -58.24 -25.26 33.79
N GLN B 384 -57.70 -25.31 32.57
CA GLN B 384 -57.63 -26.53 31.76
C GLN B 384 -56.37 -27.34 32.07
N ILE B 385 -55.27 -26.64 32.33
CA ILE B 385 -54.01 -27.30 32.66
C ILE B 385 -54.17 -27.72 34.12
N ASP B 386 -54.77 -26.84 34.93
CA ASP B 386 -55.02 -27.12 36.33
C ASP B 386 -55.94 -28.34 36.32
N ALA B 387 -57.04 -28.19 35.61
CA ALA B 387 -58.06 -29.22 35.47
C ALA B 387 -57.58 -30.65 35.67
N VAL B 388 -56.54 -31.06 34.96
CA VAL B 388 -56.09 -32.44 35.11
C VAL B 388 -54.79 -32.62 35.89
N ALA B 389 -54.61 -33.82 36.44
CA ALA B 389 -53.41 -34.12 37.22
C ALA B 389 -53.10 -35.61 37.44
N ASP B 390 -52.76 -35.95 38.68
CA ASP B 390 -52.41 -37.32 39.12
C ASP B 390 -53.16 -38.25 38.19
N ALA B 391 -54.41 -37.86 37.98
CA ALA B 391 -55.39 -38.53 37.14
C ALA B 391 -54.79 -39.14 35.89
N ASP B 392 -54.10 -38.32 35.12
CA ASP B 392 -53.50 -38.79 33.89
C ASP B 392 -52.03 -39.05 34.14
N VAL B 393 -51.17 -38.22 33.55
CA VAL B 393 -49.71 -38.32 33.70
C VAL B 393 -49.20 -39.75 33.83
N ILE B 394 -49.31 -40.29 35.05
CA ILE B 394 -48.87 -41.66 35.35
C ILE B 394 -49.36 -42.57 34.24
N LYS B 395 -50.58 -42.30 33.78
CA LYS B 395 -51.20 -43.08 32.73
C LYS B 395 -50.58 -42.65 31.40
N ALA B 396 -50.53 -41.33 31.17
CA ALA B 396 -49.94 -40.80 29.95
C ALA B 396 -48.60 -41.48 29.71
N ALA B 397 -47.82 -41.63 30.78
CA ALA B 397 -46.52 -42.28 30.67
C ALA B 397 -46.69 -43.71 30.19
N LYS B 398 -47.70 -44.39 30.72
CA LYS B 398 -47.95 -45.76 30.32
C LYS B 398 -48.05 -45.84 28.80
N LYS B 399 -48.96 -45.04 28.24
CA LYS B 399 -49.15 -45.02 26.79
C LYS B 399 -47.84 -44.97 26.04
N PHE B 400 -46.82 -44.37 26.65
CA PHE B 400 -45.51 -44.31 26.00
C PHE B 400 -44.91 -45.70 25.96
N VAL B 401 -44.83 -46.33 27.13
CA VAL B 401 -44.22 -47.65 27.23
C VAL B 401 -44.89 -48.76 26.43
N SER B 402 -46.17 -48.60 26.10
CA SER B 402 -46.88 -49.63 25.35
C SER B 402 -46.96 -49.40 23.84
N ARG B 403 -47.16 -48.14 23.44
CA ARG B 403 -47.27 -47.82 22.02
C ARG B 403 -46.01 -48.12 21.23
N GLN B 404 -46.10 -48.12 19.90
CA GLN B 404 -44.93 -48.42 19.08
C GLN B 404 -43.99 -47.25 19.12
N LYS B 405 -42.71 -47.55 19.07
CA LYS B 405 -41.69 -46.53 19.15
C LYS B 405 -40.87 -46.40 17.89
N SER B 406 -40.58 -45.15 17.53
CA SER B 406 -39.78 -44.80 16.37
C SER B 406 -38.64 -43.94 16.91
N MET B 407 -37.41 -44.36 16.64
CA MET B 407 -36.22 -43.67 17.12
C MET B 407 -35.40 -43.08 15.97
N ALA B 408 -34.66 -42.01 16.25
CA ALA B 408 -33.82 -41.36 15.24
C ALA B 408 -32.42 -41.07 15.84
N ALA B 409 -31.35 -41.25 15.07
CA ALA B 409 -30.01 -40.99 15.61
C ALA B 409 -28.95 -40.42 14.65
N SER B 410 -28.09 -39.56 15.19
CA SER B 410 -26.99 -38.92 14.44
C SER B 410 -25.74 -39.00 15.29
N GLY B 411 -24.67 -39.58 14.76
CA GLY B 411 -23.44 -39.65 15.52
C GLY B 411 -22.58 -40.87 15.24
N ASN B 412 -21.70 -41.21 16.18
CA ASN B 412 -20.83 -42.38 16.02
C ASN B 412 -21.71 -43.63 16.02
N LEU B 413 -22.73 -43.62 16.88
CA LEU B 413 -23.69 -44.72 17.02
C LEU B 413 -23.10 -46.09 17.23
N GLY B 414 -21.79 -46.22 17.08
CA GLY B 414 -21.15 -47.51 17.26
C GLY B 414 -21.51 -48.12 18.59
N HIS B 415 -21.97 -47.27 19.52
CA HIS B 415 -22.32 -47.72 20.85
C HIS B 415 -23.81 -47.48 21.17
N THR B 416 -24.54 -46.90 20.22
CA THR B 416 -25.96 -46.60 20.40
C THR B 416 -26.86 -47.78 20.05
N PRO B 417 -27.76 -48.18 20.96
CA PRO B 417 -28.68 -49.30 20.71
C PRO B 417 -29.84 -48.98 19.77
N PHE B 418 -30.49 -50.03 19.28
CA PHE B 418 -31.66 -49.88 18.38
C PHE B 418 -32.92 -50.07 19.24
N VAL B 419 -34.08 -49.73 18.68
CA VAL B 419 -35.34 -49.89 19.40
C VAL B 419 -35.58 -51.34 19.78
N ASP B 420 -35.32 -52.26 18.85
CA ASP B 420 -35.56 -53.67 19.12
C ASP B 420 -34.81 -54.12 20.39
N GLU B 421 -34.01 -53.22 20.94
CA GLU B 421 -33.26 -53.51 22.17
C GLU B 421 -33.79 -52.63 23.31
N LEU B 422 -34.85 -51.88 23.03
CA LEU B 422 -35.46 -50.95 23.98
C LEU B 422 -34.50 -49.85 24.41
N ALA C 2 -16.22 -6.34 -11.04
CA ALA C 2 -15.37 -5.87 -9.92
C ALA C 2 -15.55 -4.38 -9.65
N PRO C 3 -15.70 -3.99 -8.38
CA PRO C 3 -15.89 -2.59 -7.98
C PRO C 3 -14.58 -1.83 -8.09
N ASN C 4 -13.53 -2.52 -7.65
CA ASN C 4 -12.16 -2.05 -7.61
C ASN C 4 -11.82 -0.93 -8.61
N ILE C 5 -11.79 -1.26 -9.90
CA ILE C 5 -11.42 -0.31 -10.96
C ILE C 5 -9.91 -0.23 -11.06
N ARG C 6 -9.22 -0.67 -10.01
CA ARG C 6 -7.77 -0.71 -9.97
C ARG C 6 -7.40 -2.13 -10.37
N LYS C 7 -8.43 -2.96 -10.55
CA LYS C 7 -8.28 -4.36 -10.94
C LYS C 7 -9.15 -4.70 -12.15
N SER C 8 -10.12 -3.84 -12.44
CA SER C 8 -11.04 -4.07 -13.56
C SER C 8 -10.77 -3.26 -14.83
N HIS C 9 -9.61 -2.63 -14.93
CA HIS C 9 -9.30 -1.82 -16.11
C HIS C 9 -8.10 -2.37 -16.89
N PRO C 10 -8.36 -3.00 -18.07
CA PRO C 10 -7.31 -3.58 -18.91
C PRO C 10 -5.98 -2.84 -18.96
N LEU C 11 -6.00 -1.53 -18.74
CA LEU C 11 -4.76 -0.76 -18.70
C LEU C 11 -4.39 -0.42 -17.26
N LEU C 12 -5.32 0.23 -16.58
CA LEU C 12 -5.07 0.66 -15.21
C LEU C 12 -4.69 -0.49 -14.29
N LYS C 13 -5.19 -1.68 -14.60
CA LYS C 13 -4.86 -2.85 -13.80
C LYS C 13 -3.38 -3.13 -13.92
N MET C 14 -2.83 -2.91 -15.10
CA MET C 14 -1.41 -3.15 -15.34
C MET C 14 -0.57 -2.43 -14.33
N ILE C 15 -0.87 -1.16 -14.07
CA ILE C 15 -0.11 -0.41 -13.10
C ILE C 15 -0.35 -1.03 -11.72
N ASN C 16 -1.64 -1.18 -11.39
CA ASN C 16 -2.07 -1.74 -10.10
C ASN C 16 -1.89 -3.25 -10.10
N ASN C 17 -0.95 -3.73 -10.90
CA ASN C 17 -0.67 -5.16 -10.94
C ASN C 17 0.85 -5.27 -11.08
N SER C 18 1.51 -4.12 -11.21
CA SER C 18 2.96 -4.05 -11.34
C SER C 18 3.64 -3.12 -10.33
N LEU C 19 2.92 -2.13 -9.82
CA LEU C 19 3.53 -1.23 -8.84
C LEU C 19 2.70 -1.08 -7.59
N ILE C 20 1.58 -1.78 -7.51
CA ILE C 20 0.71 -1.68 -6.35
C ILE C 20 0.19 -3.09 -6.34
N ASP C 21 0.07 -3.71 -5.18
CA ASP C 21 -0.45 -5.08 -5.13
C ASP C 21 0.60 -6.12 -5.56
N LEU C 22 1.59 -5.72 -6.34
CA LEU C 22 2.58 -6.68 -6.75
C LEU C 22 3.24 -7.15 -5.47
N PRO C 23 3.19 -8.45 -5.22
CA PRO C 23 3.76 -9.08 -4.03
C PRO C 23 5.27 -9.06 -4.07
N ALA C 24 5.87 -8.50 -3.04
CA ALA C 24 7.32 -8.45 -2.98
C ALA C 24 7.82 -8.95 -1.65
N PRO C 25 8.95 -9.65 -1.64
CA PRO C 25 9.51 -10.18 -0.41
C PRO C 25 9.73 -9.04 0.57
N SER C 26 9.41 -9.27 1.83
CA SER C 26 9.56 -8.24 2.86
C SER C 26 11.01 -7.85 3.07
N ASN C 27 11.89 -8.83 2.95
CA ASN C 27 13.30 -8.59 3.18
C ASN C 27 14.05 -8.27 1.92
N ILE C 28 14.11 -7.01 1.55
CA ILE C 28 14.83 -6.66 0.34
C ILE C 28 15.73 -5.50 0.59
N SER C 29 17.02 -5.74 0.38
CA SER C 29 18.03 -4.74 0.60
C SER C 29 18.14 -3.74 -0.53
N ALA C 30 19.04 -2.79 -0.34
CA ALA C 30 19.29 -1.77 -1.32
C ALA C 30 19.64 -2.44 -2.63
N TRP C 31 20.38 -3.54 -2.53
CA TRP C 31 20.82 -4.23 -3.71
C TRP C 31 19.73 -4.64 -4.69
N TRP C 32 18.51 -4.28 -4.33
CA TRP C 32 17.37 -4.51 -5.19
C TRP C 32 16.90 -3.19 -5.78
N ASN C 33 17.48 -2.08 -5.33
CA ASN C 33 17.11 -0.78 -5.85
C ASN C 33 17.60 -0.58 -7.27
N PHE C 34 18.80 -1.05 -7.55
CA PHE C 34 19.34 -0.94 -8.89
C PHE C 34 18.39 -1.81 -9.69
N GLY C 35 17.70 -1.17 -10.62
CA GLY C 35 16.71 -1.86 -11.44
C GLY C 35 15.75 -0.74 -11.67
N SER C 36 15.03 -0.35 -10.63
CA SER C 36 14.12 0.78 -10.73
C SER C 36 15.00 1.97 -11.11
N LEU C 37 16.22 2.02 -10.59
CA LEU C 37 17.10 3.11 -10.96
C LEU C 37 17.37 2.92 -12.44
N LEU C 38 17.83 1.71 -12.80
CA LEU C 38 18.11 1.42 -14.20
C LEU C 38 16.98 1.90 -15.09
N ALA C 39 15.76 1.55 -14.75
CA ALA C 39 14.64 2.01 -15.55
C ALA C 39 14.69 3.52 -15.61
N VAL C 40 14.83 4.18 -14.47
CA VAL C 40 14.92 5.64 -14.45
C VAL C 40 16.03 6.15 -15.37
N CYS C 41 17.20 5.51 -15.37
CA CYS C 41 18.26 5.95 -16.27
C CYS C 41 17.76 5.89 -17.71
N LEU C 42 17.11 4.79 -18.08
CA LEU C 42 16.59 4.64 -19.42
C LEU C 42 15.67 5.81 -19.74
N MET C 43 14.95 6.29 -18.74
CA MET C 43 14.05 7.43 -18.95
C MET C 43 14.93 8.65 -19.12
N THR C 44 15.58 9.04 -18.03
CA THR C 44 16.46 10.18 -18.06
C THR C 44 17.15 10.23 -19.43
N GLN C 45 17.84 9.16 -19.80
CA GLN C 45 18.55 9.15 -21.07
C GLN C 45 17.66 9.50 -22.24
N ILE C 46 16.65 8.68 -22.50
CA ILE C 46 15.74 8.94 -23.60
C ILE C 46 15.26 10.40 -23.61
N LEU C 47 14.83 10.89 -22.45
CA LEU C 47 14.37 12.26 -22.39
C LEU C 47 15.47 13.26 -22.79
N THR C 48 16.56 13.30 -22.03
CA THR C 48 17.62 14.23 -22.35
C THR C 48 18.10 14.03 -23.77
N GLY C 49 18.46 12.80 -24.10
CA GLY C 49 18.95 12.50 -25.43
C GLY C 49 18.03 13.00 -26.54
N LEU C 50 16.76 12.70 -26.42
CA LEU C 50 15.79 13.11 -27.42
C LEU C 50 15.85 14.63 -27.49
N LEU C 51 15.90 15.24 -26.33
CA LEU C 51 15.96 16.70 -26.22
C LEU C 51 17.23 17.20 -26.89
N LEU C 52 18.30 16.45 -26.72
CA LEU C 52 19.57 16.80 -27.29
C LEU C 52 19.57 16.57 -28.81
N ALA C 53 18.86 15.53 -29.29
CA ALA C 53 18.83 15.22 -30.72
C ALA C 53 18.12 16.29 -31.52
N MET C 54 17.38 17.16 -30.81
CA MET C 54 16.68 18.24 -31.45
C MET C 54 17.65 19.27 -31.99
N HIS C 55 18.88 19.26 -31.50
CA HIS C 55 19.87 20.23 -31.95
C HIS C 55 21.12 19.60 -32.57
N TYR C 56 21.20 18.28 -32.60
CA TYR C 56 22.36 17.65 -33.18
C TYR C 56 22.23 17.73 -34.69
N THR C 57 23.32 17.50 -35.42
CA THR C 57 23.25 17.55 -36.89
C THR C 57 24.17 16.50 -37.49
N ALA C 58 23.64 15.30 -37.68
CA ALA C 58 24.44 14.18 -38.20
C ALA C 58 25.16 14.46 -39.50
N ASP C 59 26.40 14.89 -39.37
CA ASP C 59 27.17 15.15 -40.56
C ASP C 59 28.55 15.61 -40.17
N THR C 60 29.55 14.96 -40.73
CA THR C 60 30.94 15.30 -40.44
C THR C 60 31.12 16.80 -40.24
N SER C 61 31.01 17.55 -41.33
CA SER C 61 31.21 19.00 -41.29
C SER C 61 30.38 19.78 -40.28
N LEU C 62 29.44 19.14 -39.61
CA LEU C 62 28.61 19.86 -38.64
C LEU C 62 28.40 19.22 -37.29
N ALA C 63 28.50 17.90 -37.23
CA ALA C 63 28.30 17.18 -35.97
C ALA C 63 28.97 17.90 -34.79
N PHE C 64 30.28 17.78 -34.73
CA PHE C 64 31.05 18.39 -33.66
C PHE C 64 30.55 19.77 -33.25
N SER C 65 30.54 20.68 -34.21
CA SER C 65 30.11 22.03 -33.92
C SER C 65 28.66 22.11 -33.47
N SER C 66 27.81 21.24 -34.00
CA SER C 66 26.39 21.26 -33.64
C SER C 66 26.24 21.02 -32.15
N VAL C 67 27.02 20.08 -31.64
CA VAL C 67 26.97 19.79 -30.22
C VAL C 67 27.36 21.07 -29.45
N ALA C 68 28.50 21.64 -29.83
CA ALA C 68 29.00 22.86 -29.19
C ALA C 68 27.94 23.95 -29.20
N HIS C 69 27.31 24.13 -30.35
CA HIS C 69 26.26 25.11 -30.47
C HIS C 69 25.15 24.74 -29.49
N THR C 70 24.85 23.46 -29.36
CA THR C 70 23.79 23.03 -28.44
C THR C 70 24.10 23.43 -27.01
N CYS C 71 25.37 23.42 -26.62
CA CYS C 71 25.73 23.80 -25.26
C CYS C 71 25.87 25.29 -25.06
N ARG C 72 26.59 25.93 -25.97
CA ARG C 72 26.85 27.36 -25.93
C ARG C 72 25.68 28.26 -26.29
N ASN C 73 24.71 27.73 -27.02
CA ASN C 73 23.58 28.51 -27.48
C ASN C 73 22.18 28.11 -26.99
N VAL C 74 21.84 26.84 -27.05
CA VAL C 74 20.52 26.38 -26.60
C VAL C 74 20.43 26.51 -25.07
N GLN C 75 19.49 27.32 -24.58
CA GLN C 75 19.36 27.49 -23.13
C GLN C 75 19.33 26.18 -22.32
N TYR C 76 20.33 25.98 -21.47
CA TYR C 76 20.44 24.77 -20.67
C TYR C 76 20.94 23.56 -21.48
N GLY C 77 21.19 23.80 -22.76
CA GLY C 77 21.70 22.77 -23.61
C GLY C 77 22.95 22.21 -22.97
N TRP C 78 23.69 23.03 -22.23
CA TRP C 78 24.89 22.54 -21.59
C TRP C 78 24.47 21.60 -20.45
N LEU C 79 23.43 21.99 -19.73
CA LEU C 79 22.95 21.19 -18.64
C LEU C 79 22.49 19.86 -19.23
N ILE C 80 21.63 19.97 -20.24
CA ILE C 80 21.09 18.81 -20.91
C ILE C 80 22.19 17.83 -21.33
N ARG C 81 23.15 18.29 -22.12
CA ARG C 81 24.25 17.43 -22.52
C ARG C 81 24.88 16.81 -21.29
N ASN C 82 25.28 17.65 -20.33
CA ASN C 82 25.91 17.14 -19.13
C ASN C 82 25.12 15.99 -18.51
N LEU C 83 23.82 16.19 -18.33
CA LEU C 83 23.01 15.13 -17.77
C LEU C 83 23.04 13.92 -18.70
N HIS C 84 22.94 14.15 -20.00
CA HIS C 84 22.95 13.04 -20.92
C HIS C 84 24.26 12.31 -20.83
N ALA C 85 25.34 13.05 -20.96
CA ALA C 85 26.68 12.48 -20.92
C ALA C 85 26.95 11.67 -19.67
N ASN C 86 26.65 12.26 -18.52
CA ASN C 86 26.90 11.57 -17.29
C ASN C 86 25.89 10.46 -16.98
N GLY C 87 24.66 10.63 -17.43
CA GLY C 87 23.65 9.60 -17.24
C GLY C 87 24.20 8.28 -17.78
N ALA C 88 24.83 8.34 -18.96
CA ALA C 88 25.40 7.14 -19.54
C ALA C 88 26.13 6.41 -18.43
N SER C 89 26.95 7.15 -17.70
CA SER C 89 27.71 6.60 -16.59
C SER C 89 26.81 6.07 -15.45
N PHE C 90 26.06 6.95 -14.77
CA PHE C 90 25.16 6.48 -13.71
C PHE C 90 24.42 5.24 -14.24
N PHE C 91 24.21 5.17 -15.56
CA PHE C 91 23.51 4.03 -16.19
C PHE C 91 24.38 2.79 -16.02
N PHE C 92 25.62 2.84 -16.51
CA PHE C 92 26.51 1.70 -16.37
C PHE C 92 26.78 1.38 -14.91
N ILE C 93 27.02 2.41 -14.10
CA ILE C 93 27.25 2.18 -12.68
C ILE C 93 26.08 1.32 -12.24
N CYS C 94 24.89 1.88 -12.32
CA CYS C 94 23.74 1.11 -11.91
C CYS C 94 23.67 -0.28 -12.53
N ILE C 95 23.81 -0.40 -13.86
CA ILE C 95 23.72 -1.75 -14.45
C ILE C 95 24.75 -2.67 -13.84
N PHE C 96 25.98 -2.20 -13.69
CA PHE C 96 27.04 -3.00 -13.10
C PHE C 96 26.61 -3.50 -11.72
N LEU C 97 26.23 -2.59 -10.83
CA LEU C 97 25.79 -3.00 -9.50
C LEU C 97 24.65 -4.03 -9.58
N HIS C 98 23.67 -3.78 -10.47
CA HIS C 98 22.53 -4.67 -10.70
C HIS C 98 23.01 -6.09 -11.04
N ILE C 99 23.91 -6.20 -12.02
CA ILE C 99 24.43 -7.50 -12.41
C ILE C 99 25.08 -8.13 -11.19
N GLY C 100 25.85 -7.34 -10.46
CA GLY C 100 26.50 -7.88 -9.28
C GLY C 100 25.49 -8.55 -8.37
N ARG C 101 24.59 -7.72 -7.82
CA ARG C 101 23.56 -8.19 -6.94
C ARG C 101 23.06 -9.53 -7.45
N GLY C 102 22.53 -9.52 -8.67
CA GLY C 102 22.00 -10.74 -9.25
C GLY C 102 22.94 -11.94 -9.15
N LEU C 103 24.22 -11.71 -9.44
CA LEU C 103 25.19 -12.79 -9.38
C LEU C 103 25.29 -13.27 -7.95
N TYR C 104 25.26 -12.36 -6.99
CA TYR C 104 25.35 -12.87 -5.63
C TYR C 104 24.12 -13.05 -4.80
N TYR C 105 23.19 -13.78 -5.39
CA TYR C 105 21.92 -14.13 -4.79
C TYR C 105 21.29 -15.13 -5.74
N GLY C 106 22.09 -15.63 -6.68
CA GLY C 106 21.56 -16.58 -7.64
C GLY C 106 20.31 -16.04 -8.29
N SER C 107 20.20 -14.73 -8.41
CA SER C 107 19.03 -14.19 -9.05
C SER C 107 19.04 -14.80 -10.44
N TYR C 108 20.23 -15.20 -10.89
CA TYR C 108 20.40 -15.82 -12.20
C TYR C 108 19.64 -17.11 -12.41
N LEU C 109 19.19 -17.74 -11.35
CA LEU C 109 18.40 -18.97 -11.51
C LEU C 109 17.10 -18.65 -12.24
N TYR C 110 16.65 -17.40 -12.18
CA TYR C 110 15.43 -17.04 -12.90
C TYR C 110 15.72 -16.89 -14.39
N LYS C 111 16.67 -17.68 -14.89
CA LYS C 111 17.07 -17.68 -16.29
C LYS C 111 16.53 -16.63 -17.27
N GLU C 112 15.30 -16.78 -17.76
CA GLU C 112 14.78 -15.79 -18.71
C GLU C 112 14.97 -14.34 -18.26
N THR C 113 14.54 -14.01 -17.05
CA THR C 113 14.71 -12.65 -16.59
C THR C 113 16.20 -12.36 -16.72
N TRP C 114 17.04 -13.29 -16.27
CA TRP C 114 18.49 -13.10 -16.36
C TRP C 114 19.01 -13.02 -17.81
N ASN C 115 18.59 -13.93 -18.68
CA ASN C 115 19.06 -13.88 -20.05
C ASN C 115 18.66 -12.58 -20.73
N THR C 116 17.40 -12.18 -20.62
CA THR C 116 17.03 -10.92 -21.25
C THR C 116 17.97 -9.86 -20.67
N GLY C 117 18.21 -9.92 -19.37
CA GLY C 117 19.12 -8.99 -18.76
C GLY C 117 20.39 -8.89 -19.58
N VAL C 118 21.09 -10.01 -19.74
CA VAL C 118 22.33 -10.03 -20.54
C VAL C 118 22.16 -9.29 -21.87
N ILE C 119 20.98 -9.41 -22.47
CA ILE C 119 20.69 -8.74 -23.73
C ILE C 119 20.69 -7.22 -23.45
N LEU C 120 20.06 -6.80 -22.37
CA LEU C 120 20.08 -5.38 -22.04
C LEU C 120 21.54 -4.89 -21.92
N LEU C 121 22.35 -5.54 -21.07
CA LEU C 121 23.73 -5.09 -20.94
C LEU C 121 24.33 -4.88 -22.33
N LEU C 122 24.27 -5.92 -23.14
CA LEU C 122 24.79 -5.85 -24.49
C LEU C 122 24.28 -4.67 -25.33
N THR C 123 22.97 -4.51 -25.33
CA THR C 123 22.36 -3.43 -26.07
C THR C 123 22.82 -2.11 -25.46
N LEU C 124 22.68 -1.96 -24.14
CA LEU C 124 23.11 -0.73 -23.50
C LEU C 124 24.52 -0.41 -23.97
N MET C 125 25.40 -1.41 -23.83
CA MET C 125 26.78 -1.24 -24.30
C MET C 125 26.76 -0.74 -25.74
N ALA C 126 26.17 -1.51 -26.65
CA ALA C 126 26.09 -1.06 -28.04
C ALA C 126 25.52 0.34 -28.20
N THR C 127 24.38 0.62 -27.56
CA THR C 127 23.82 1.94 -27.78
C THR C 127 24.76 3.01 -27.26
N ALA C 128 25.53 2.70 -26.23
CA ALA C 128 26.45 3.70 -25.67
C ALA C 128 27.70 3.92 -26.50
N PHE C 129 28.07 2.94 -27.31
CA PHE C 129 29.24 3.07 -28.15
C PHE C 129 28.85 4.07 -29.18
N VAL C 130 27.82 3.73 -29.95
CA VAL C 130 27.30 4.65 -30.94
C VAL C 130 26.92 5.87 -30.10
N GLY C 131 26.63 6.99 -30.72
CA GLY C 131 26.28 8.10 -29.87
C GLY C 131 27.57 8.72 -29.37
N TYR C 132 28.36 8.02 -28.58
CA TYR C 132 29.61 8.65 -28.19
C TYR C 132 30.32 8.99 -29.51
N VAL C 133 30.06 8.21 -30.56
CA VAL C 133 30.67 8.48 -31.84
C VAL C 133 30.06 9.77 -32.38
N LEU C 134 28.87 10.11 -31.92
CA LEU C 134 28.17 11.29 -32.43
C LEU C 134 28.81 12.67 -32.38
N PRO C 135 29.34 13.10 -31.23
CA PRO C 135 29.93 14.44 -31.21
C PRO C 135 31.14 14.54 -32.12
N TRP C 136 31.54 13.40 -32.65
CA TRP C 136 32.65 13.36 -33.59
C TRP C 136 33.94 14.06 -33.26
N GLY C 137 34.47 13.77 -32.08
CA GLY C 137 35.73 14.34 -31.66
C GLY C 137 36.75 13.24 -31.89
N GLN C 138 38.02 13.50 -31.60
CA GLN C 138 39.03 12.46 -31.81
C GLN C 138 38.54 11.11 -31.30
N MET C 139 38.20 11.05 -30.02
CA MET C 139 37.75 9.79 -29.47
C MET C 139 36.61 9.19 -30.27
N SER C 140 35.53 9.93 -30.46
CA SER C 140 34.37 9.46 -31.23
C SER C 140 34.81 8.65 -32.45
N PHE C 141 35.69 9.25 -33.25
CA PHE C 141 36.18 8.68 -34.50
C PHE C 141 36.97 7.42 -34.34
N TRP C 142 38.02 7.50 -33.55
CA TRP C 142 38.87 6.34 -33.38
C TRP C 142 38.16 5.22 -32.63
N GLY C 143 37.15 5.59 -31.86
CA GLY C 143 36.40 4.55 -31.19
C GLY C 143 35.69 3.80 -32.31
N ALA C 144 34.96 4.57 -33.13
CA ALA C 144 34.21 4.03 -34.26
C ALA C 144 35.09 3.12 -35.12
N THR C 145 36.28 3.58 -35.47
CA THR C 145 37.15 2.75 -36.28
C THR C 145 37.54 1.41 -35.64
N VAL C 146 37.78 1.35 -34.33
CA VAL C 146 38.19 0.07 -33.74
C VAL C 146 37.04 -0.86 -33.44
N ILE C 147 36.07 -0.37 -32.68
CA ILE C 147 34.93 -1.18 -32.34
C ILE C 147 34.31 -1.78 -33.58
N THR C 148 34.15 -1.01 -34.64
CA THR C 148 33.59 -1.57 -35.86
C THR C 148 34.58 -2.60 -36.41
N ASN C 149 35.79 -2.13 -36.69
CA ASN C 149 36.89 -2.98 -37.19
C ASN C 149 37.00 -4.26 -36.36
N LEU C 150 36.43 -4.18 -35.18
CA LEU C 150 36.45 -5.28 -34.26
C LEU C 150 35.78 -6.50 -34.91
N PHE C 151 34.83 -6.28 -35.81
CA PHE C 151 34.17 -7.39 -36.47
C PHE C 151 34.96 -7.99 -37.59
N SER C 152 36.05 -7.33 -37.95
CA SER C 152 36.90 -7.80 -39.01
C SER C 152 37.33 -9.21 -38.69
N ALA C 153 37.55 -9.50 -37.41
CA ALA C 153 37.99 -10.83 -36.96
C ALA C 153 37.15 -12.01 -37.46
N ILE C 154 35.85 -11.78 -37.63
CA ILE C 154 34.98 -12.83 -38.14
C ILE C 154 35.43 -13.08 -39.55
N PRO C 155 35.92 -14.29 -39.85
CA PRO C 155 36.41 -14.70 -41.17
C PRO C 155 35.33 -14.70 -42.26
N TYR C 156 35.73 -14.37 -43.49
CA TYR C 156 34.79 -14.34 -44.60
C TYR C 156 33.84 -13.15 -44.47
N ILE C 157 32.70 -13.40 -43.83
CA ILE C 157 31.65 -12.41 -43.59
C ILE C 157 32.17 -11.15 -42.85
N GLY C 158 33.46 -11.17 -42.50
CA GLY C 158 34.06 -10.06 -41.76
C GLY C 158 34.25 -8.72 -42.42
N HIS C 159 35.41 -8.51 -43.06
CA HIS C 159 35.74 -7.25 -43.72
C HIS C 159 34.57 -6.73 -44.52
N THR C 160 33.67 -7.63 -44.84
CA THR C 160 32.47 -7.26 -45.56
C THR C 160 31.57 -6.57 -44.55
N LEU C 161 31.12 -7.34 -43.56
CA LEU C 161 30.25 -6.82 -42.53
C LEU C 161 30.67 -5.41 -42.12
N VAL C 162 31.98 -5.15 -42.12
CA VAL C 162 32.50 -3.85 -41.75
C VAL C 162 32.16 -2.78 -42.78
N GLU C 163 32.67 -2.97 -43.99
CA GLU C 163 32.44 -2.02 -45.10
C GLU C 163 30.99 -2.16 -45.48
N TRP C 164 30.15 -1.93 -44.49
CA TRP C 164 28.71 -2.08 -44.59
C TRP C 164 28.29 -1.59 -43.23
N ALA C 165 28.99 -2.08 -42.20
CA ALA C 165 28.71 -1.70 -40.83
C ALA C 165 28.62 -0.19 -40.84
N TRP C 166 29.76 0.43 -41.13
CA TRP C 166 29.80 1.87 -41.21
C TRP C 166 29.73 2.19 -42.71
N GLY C 167 29.34 3.42 -43.03
CA GLY C 167 29.23 3.86 -44.41
C GLY C 167 29.75 2.91 -45.47
N GLY C 168 30.83 3.30 -46.12
CA GLY C 168 31.40 2.46 -47.17
C GLY C 168 32.73 1.76 -46.87
N PHE C 169 33.84 2.46 -47.06
CA PHE C 169 35.17 1.86 -46.86
C PHE C 169 36.12 2.50 -45.87
N SER C 170 35.57 3.14 -44.85
CA SER C 170 36.36 3.78 -43.81
C SER C 170 35.41 4.71 -43.10
N VAL C 171 35.52 4.79 -41.77
CA VAL C 171 34.65 5.67 -41.01
C VAL C 171 34.51 7.01 -41.72
N ASP C 172 33.28 7.36 -42.10
CA ASP C 172 33.06 8.64 -42.75
C ASP C 172 31.60 9.04 -42.61
N ASN C 173 31.21 10.17 -43.21
CA ASN C 173 29.85 10.66 -43.05
C ASN C 173 28.76 9.59 -43.07
N PRO C 174 28.77 8.72 -44.08
CA PRO C 174 27.76 7.67 -44.17
C PRO C 174 27.66 6.89 -42.85
N THR C 175 28.82 6.54 -42.32
CA THR C 175 28.86 5.80 -41.08
C THR C 175 28.45 6.64 -39.87
N LEU C 176 28.39 7.95 -40.03
CA LEU C 176 27.97 8.79 -38.92
C LEU C 176 26.47 8.89 -38.90
N THR C 177 25.90 9.26 -40.04
CA THR C 177 24.45 9.37 -40.14
C THR C 177 23.72 8.09 -39.76
N ARG C 178 24.32 6.93 -40.02
CA ARG C 178 23.63 5.70 -39.67
C ARG C 178 23.81 5.43 -38.20
N PHE C 179 24.87 5.99 -37.63
CA PHE C 179 25.07 5.81 -36.21
C PHE C 179 24.07 6.66 -35.47
N PHE C 180 23.89 7.89 -35.89
CA PHE C 180 22.90 8.71 -35.22
C PHE C 180 21.61 7.91 -35.19
N ALA C 181 21.25 7.29 -36.32
CA ALA C 181 20.03 6.50 -36.42
C ALA C 181 19.95 5.36 -35.42
N LEU C 182 20.96 4.50 -35.40
CA LEU C 182 20.93 3.40 -34.45
C LEU C 182 20.74 3.95 -33.07
N HIS C 183 21.59 4.90 -32.70
CA HIS C 183 21.53 5.51 -31.39
C HIS C 183 20.16 6.08 -31.05
N PHE C 184 19.46 6.62 -32.03
CA PHE C 184 18.14 7.18 -31.76
C PHE C 184 17.20 6.00 -31.58
N LEU C 185 17.42 4.93 -32.34
CA LEU C 185 16.54 3.77 -32.33
C LEU C 185 16.70 2.78 -31.19
N LEU C 186 17.93 2.47 -30.79
CA LEU C 186 18.21 1.47 -29.74
C LEU C 186 17.63 1.65 -28.33
N PRO C 187 17.67 2.87 -27.80
CA PRO C 187 17.14 3.10 -26.46
C PRO C 187 15.74 2.59 -26.36
N PHE C 188 14.99 2.71 -27.44
CA PHE C 188 13.63 2.23 -27.44
C PHE C 188 13.64 0.70 -27.39
N ALA C 189 14.49 0.09 -28.20
CA ALA C 189 14.57 -1.34 -28.15
C ALA C 189 14.92 -1.76 -26.72
N ILE C 190 15.72 -0.95 -26.02
CA ILE C 190 16.06 -1.30 -24.64
C ILE C 190 14.77 -1.31 -23.85
N ALA C 191 14.10 -0.17 -23.79
CA ALA C 191 12.83 -0.08 -23.08
C ALA C 191 11.97 -1.28 -23.45
N GLY C 192 11.97 -1.63 -24.73
CA GLY C 192 11.18 -2.76 -25.18
C GLY C 192 11.54 -4.03 -24.42
N ILE C 193 12.79 -4.46 -24.59
CA ILE C 193 13.26 -5.65 -23.91
C ILE C 193 13.08 -5.53 -22.39
N THR C 194 13.28 -4.32 -21.84
CA THR C 194 13.08 -4.11 -20.41
C THR C 194 11.68 -4.55 -19.98
N ILE C 195 10.70 -4.35 -20.85
CA ILE C 195 9.34 -4.83 -20.56
C ILE C 195 9.37 -6.38 -20.45
N ILE C 196 9.82 -7.03 -21.53
CA ILE C 196 9.91 -8.48 -21.57
C ILE C 196 10.60 -8.98 -20.29
N HIS C 197 11.72 -8.32 -19.95
CA HIS C 197 12.55 -8.65 -18.77
C HIS C 197 11.66 -8.76 -17.54
N LEU C 198 11.07 -7.63 -17.15
CA LEU C 198 10.20 -7.64 -15.99
C LEU C 198 9.13 -8.72 -16.09
N THR C 199 8.68 -8.99 -17.30
CA THR C 199 7.64 -9.97 -17.47
C THR C 199 8.07 -11.31 -16.97
N PHE C 200 9.16 -11.82 -17.51
CA PHE C 200 9.63 -13.09 -17.02
C PHE C 200 9.87 -12.98 -15.51
N LEU C 201 10.26 -11.80 -15.04
CA LEU C 201 10.48 -11.66 -13.60
C LEU C 201 9.17 -11.90 -12.88
N HIS C 202 8.20 -11.02 -13.07
CA HIS C 202 6.90 -11.14 -12.42
C HIS C 202 6.28 -12.53 -12.42
N GLU C 203 6.70 -13.39 -13.35
CA GLU C 203 6.16 -14.74 -13.42
C GLU C 203 6.51 -15.40 -12.08
N SER C 204 7.78 -15.29 -11.71
CA SER C 204 8.29 -15.80 -10.45
C SER C 204 8.50 -14.54 -9.60
N GLY C 205 8.12 -14.55 -8.33
CA GLY C 205 8.31 -13.34 -7.56
C GLY C 205 9.73 -12.79 -7.65
N SER C 206 9.98 -11.61 -7.08
CA SER C 206 11.34 -11.06 -7.09
C SER C 206 12.10 -12.06 -6.25
N ASN C 207 13.42 -11.96 -6.21
CA ASN C 207 14.18 -12.94 -5.45
C ASN C 207 14.13 -12.86 -3.93
N ASN C 208 15.04 -12.08 -3.34
CA ASN C 208 15.21 -11.91 -1.89
C ASN C 208 16.54 -12.52 -1.40
N PRO C 209 17.30 -11.76 -0.57
CA PRO C 209 18.59 -12.07 0.04
C PRO C 209 18.78 -13.35 0.81
N LEU C 210 17.71 -13.93 1.35
CA LEU C 210 17.88 -15.17 2.10
C LEU C 210 17.95 -16.37 1.22
N GLY C 211 17.49 -16.22 -0.02
CA GLY C 211 17.52 -17.31 -0.97
C GLY C 211 16.60 -18.44 -0.62
N ILE C 212 15.55 -18.11 0.10
CA ILE C 212 14.56 -19.09 0.50
C ILE C 212 13.20 -18.47 0.25
N SER C 213 12.22 -19.30 -0.10
CA SER C 213 10.85 -18.84 -0.38
C SER C 213 10.44 -17.67 0.50
N SER C 214 9.72 -16.70 -0.06
CA SER C 214 9.31 -15.58 0.77
C SER C 214 7.79 -15.44 0.79
N ASP C 215 7.11 -16.53 0.39
CA ASP C 215 5.64 -16.57 0.34
C ASP C 215 5.07 -16.46 1.74
N SER C 216 5.93 -16.75 2.71
CA SER C 216 5.58 -16.71 4.13
C SER C 216 5.35 -15.27 4.55
N ASP C 217 5.94 -14.36 3.79
CA ASP C 217 5.80 -12.94 4.08
C ASP C 217 5.18 -12.20 2.88
N LYS C 218 5.98 -11.39 2.19
CA LYS C 218 5.50 -10.64 1.02
C LYS C 218 4.49 -9.50 1.22
N ILE C 219 5.02 -8.28 1.12
CA ILE C 219 4.27 -7.04 1.26
C ILE C 219 3.86 -6.42 -0.09
N PRO C 220 2.79 -5.62 -0.08
CA PRO C 220 2.28 -4.96 -1.28
C PRO C 220 3.29 -3.94 -1.77
N PHE C 221 3.88 -4.23 -2.94
CA PHE C 221 4.89 -3.36 -3.53
C PHE C 221 4.75 -1.91 -3.14
N HIS C 222 3.57 -1.37 -3.41
CA HIS C 222 3.35 0.03 -3.18
C HIS C 222 3.71 0.71 -1.90
N PRO C 223 2.80 0.67 -0.92
CA PRO C 223 3.13 1.35 0.32
C PRO C 223 4.61 1.30 0.58
N TYR C 224 5.17 0.10 0.49
CA TYR C 224 6.59 -0.10 0.75
C TYR C 224 7.57 0.33 -0.31
N TYR C 225 7.93 -0.60 -1.18
CA TYR C 225 8.92 -0.32 -2.20
C TYR C 225 8.74 0.92 -3.06
N SER C 226 7.52 1.37 -3.31
CA SER C 226 7.40 2.57 -4.12
C SER C 226 8.26 3.58 -3.34
N PHE C 227 8.04 3.69 -2.03
CA PHE C 227 8.82 4.58 -1.18
C PHE C 227 10.31 4.29 -1.15
N LYS C 228 10.64 3.01 -0.93
CA LYS C 228 12.03 2.60 -0.85
C LYS C 228 12.72 3.01 -2.11
N ASP C 229 12.05 2.86 -3.24
CA ASP C 229 12.67 3.23 -4.51
C ASP C 229 12.82 4.74 -4.69
N ILE C 230 11.76 5.50 -4.41
CA ILE C 230 11.84 6.96 -4.56
C ILE C 230 12.98 7.45 -3.68
N LEU C 231 13.35 6.64 -2.70
CA LEU C 231 14.44 7.03 -1.82
C LEU C 231 15.76 6.68 -2.50
N GLY C 232 15.84 5.47 -3.03
CA GLY C 232 17.04 5.05 -3.72
C GLY C 232 17.27 5.97 -4.89
N LEU C 233 16.16 6.46 -5.44
CA LEU C 233 16.22 7.36 -6.56
C LEU C 233 17.05 8.56 -6.12
N THR C 234 16.56 9.28 -5.11
CA THR C 234 17.24 10.49 -4.61
C THR C 234 18.67 10.31 -4.11
N LEU C 235 18.98 9.16 -3.54
CA LEU C 235 20.33 8.95 -3.05
C LEU C 235 21.26 8.83 -4.25
N MET C 236 21.02 7.88 -5.14
CA MET C 236 21.86 7.71 -6.33
C MET C 236 21.56 8.80 -7.36
N LEU C 237 20.99 9.91 -6.89
CA LEU C 237 20.65 11.01 -7.76
C LEU C 237 21.53 12.19 -7.40
N THR C 238 21.93 12.23 -6.14
CA THR C 238 22.77 13.29 -5.64
C THR C 238 24.18 13.24 -6.17
N PRO C 239 24.77 12.05 -6.21
CA PRO C 239 26.14 11.93 -6.72
C PRO C 239 26.14 12.40 -8.17
N PHE C 240 25.39 11.69 -9.01
CA PHE C 240 25.28 12.03 -10.43
C PHE C 240 24.98 13.50 -10.69
N LEU C 241 24.13 14.14 -9.88
CA LEU C 241 23.90 15.56 -10.12
C LEU C 241 25.07 16.41 -9.64
N THR C 242 25.89 15.87 -8.74
CA THR C 242 27.04 16.61 -8.24
C THR C 242 28.15 16.61 -9.29
N LEU C 243 28.15 15.60 -10.16
CA LEU C 243 29.12 15.51 -11.24
C LEU C 243 28.71 16.46 -12.35
N ALA C 244 27.48 16.30 -12.81
CA ALA C 244 26.95 17.12 -13.88
C ALA C 244 26.98 18.59 -13.51
N LEU C 245 26.97 18.89 -12.22
CA LEU C 245 27.02 20.29 -11.84
C LEU C 245 28.38 20.77 -11.39
N PHE C 246 29.13 19.99 -10.64
CA PHE C 246 30.43 20.50 -10.26
C PHE C 246 31.58 20.04 -11.17
N SER C 247 31.81 18.74 -11.35
CA SER C 247 32.88 18.32 -12.25
C SER C 247 32.31 17.51 -13.39
N PRO C 248 31.80 18.19 -14.43
CA PRO C 248 31.20 17.53 -15.59
C PRO C 248 32.11 16.57 -16.29
N ASN C 249 33.27 17.02 -16.73
CA ASN C 249 34.14 16.11 -17.44
C ASN C 249 34.96 15.20 -16.55
N LEU C 250 34.56 15.11 -15.30
CA LEU C 250 35.27 14.26 -14.37
C LEU C 250 35.45 12.91 -15.05
N LEU C 251 34.34 12.24 -15.33
CA LEU C 251 34.37 10.92 -15.96
C LEU C 251 34.52 10.91 -17.49
N GLY C 252 34.76 12.06 -18.10
CA GLY C 252 34.87 12.10 -19.54
C GLY C 252 36.16 12.61 -20.15
N ASP C 253 36.87 11.71 -20.82
CA ASP C 253 38.13 12.04 -21.47
C ASP C 253 38.10 13.39 -22.20
N PRO C 254 39.13 14.22 -21.97
CA PRO C 254 39.29 15.55 -22.57
C PRO C 254 39.79 15.49 -24.00
N GLU C 255 40.43 14.38 -24.34
CA GLU C 255 40.98 14.19 -25.66
C GLU C 255 39.88 14.38 -26.69
N ASN C 256 38.66 14.04 -26.32
CA ASN C 256 37.52 14.10 -27.22
C ASN C 256 37.01 15.52 -27.44
N PHE C 257 37.80 16.51 -27.05
CA PHE C 257 37.41 17.91 -27.27
C PHE C 257 38.08 18.39 -28.55
N THR C 258 38.86 17.51 -29.13
CA THR C 258 39.51 17.87 -30.36
C THR C 258 38.81 17.15 -31.48
N PRO C 259 38.22 17.94 -32.40
CA PRO C 259 37.49 17.40 -33.54
C PRO C 259 38.27 16.24 -34.13
N ALA C 260 37.58 15.38 -34.84
CA ALA C 260 38.22 14.23 -35.42
C ALA C 260 39.19 14.53 -36.54
N ASN C 261 40.28 13.80 -36.54
CA ASN C 261 41.31 13.93 -37.53
C ASN C 261 41.59 12.51 -38.01
N PRO C 262 41.02 12.14 -39.16
CA PRO C 262 41.15 10.83 -39.79
C PRO C 262 42.58 10.43 -40.04
N LEU C 263 43.52 11.32 -39.77
CA LEU C 263 44.91 11.02 -40.04
C LEU C 263 45.79 10.81 -38.84
N VAL C 264 45.27 11.12 -37.65
CA VAL C 264 46.07 10.96 -36.43
C VAL C 264 45.24 10.41 -35.28
N THR C 265 45.55 9.19 -34.85
CA THR C 265 44.84 8.66 -33.70
C THR C 265 45.79 9.22 -32.65
N PRO C 266 45.26 9.80 -31.57
CA PRO C 266 46.14 10.35 -30.55
C PRO C 266 46.91 9.29 -29.82
N PRO C 267 47.99 9.70 -29.15
CA PRO C 267 48.78 8.73 -28.40
C PRO C 267 47.89 8.73 -27.18
N HIS C 268 47.84 7.63 -26.45
CA HIS C 268 47.00 7.59 -25.26
C HIS C 268 45.50 7.63 -25.61
N ILE C 269 45.03 6.59 -26.30
CA ILE C 269 43.61 6.50 -26.65
C ILE C 269 43.09 5.62 -25.57
N LYS C 270 42.17 6.13 -24.77
CA LYS C 270 41.64 5.32 -23.71
C LYS C 270 40.14 5.22 -23.84
N PRO C 271 39.63 4.00 -23.89
CA PRO C 271 38.18 3.83 -24.01
C PRO C 271 37.54 4.37 -22.73
N GLU C 272 36.28 4.80 -22.87
CA GLU C 272 35.49 5.33 -21.78
C GLU C 272 35.40 4.29 -20.68
N TRP C 273 35.73 4.72 -19.46
CA TRP C 273 35.78 3.85 -18.28
C TRP C 273 34.91 2.61 -18.22
N TYR C 274 33.58 2.78 -18.37
CA TYR C 274 32.69 1.63 -18.31
C TYR C 274 32.94 0.53 -19.35
N PHE C 275 34.00 0.69 -20.16
CA PHE C 275 34.39 -0.29 -21.18
C PHE C 275 35.80 -0.84 -20.96
N LEU C 276 36.53 -0.22 -20.06
CA LEU C 276 37.90 -0.61 -19.78
C LEU C 276 38.20 -2.07 -19.49
N PHE C 277 37.49 -2.65 -18.52
CA PHE C 277 37.72 -4.04 -18.18
C PHE C 277 37.76 -4.88 -19.45
N ALA C 278 36.68 -4.84 -20.24
CA ALA C 278 36.65 -5.61 -21.47
C ALA C 278 37.91 -5.28 -22.24
N TYR C 279 38.09 -4.00 -22.50
CA TYR C 279 39.25 -3.48 -23.23
C TYR C 279 40.50 -4.19 -22.77
N ALA C 280 40.77 -4.09 -21.47
CA ALA C 280 41.94 -4.71 -20.87
C ALA C 280 42.08 -6.13 -21.40
N ILE C 281 41.02 -6.93 -21.25
CA ILE C 281 41.06 -8.30 -21.72
C ILE C 281 41.44 -8.38 -23.20
N LEU C 282 40.81 -7.57 -24.05
CA LEU C 282 41.08 -7.59 -25.50
C LEU C 282 42.57 -7.49 -25.83
N ARG C 283 43.24 -6.52 -25.22
CA ARG C 283 44.65 -6.35 -25.45
C ARG C 283 45.33 -7.03 -24.29
N SER C 284 45.91 -8.19 -24.53
CA SER C 284 46.60 -8.96 -23.49
C SER C 284 46.44 -10.40 -23.90
N ILE C 285 46.13 -10.56 -25.17
CA ILE C 285 45.92 -11.83 -25.82
C ILE C 285 46.22 -11.36 -27.24
N PRO C 286 47.52 -11.15 -27.54
CA PRO C 286 48.17 -10.69 -28.77
C PRO C 286 47.79 -11.38 -30.07
N ASN C 287 46.53 -11.28 -30.42
CA ASN C 287 46.01 -11.89 -31.63
C ASN C 287 44.80 -11.07 -32.04
N LYS C 288 44.64 -10.76 -33.32
CA LYS C 288 43.47 -9.98 -33.68
C LYS C 288 42.31 -10.81 -33.13
N LEU C 289 42.15 -12.02 -33.71
CA LEU C 289 41.08 -12.95 -33.34
C LEU C 289 41.00 -13.36 -31.86
N GLY C 290 42.04 -14.05 -31.38
CA GLY C 290 42.04 -14.46 -29.98
C GLY C 290 41.57 -13.31 -29.11
N GLY C 291 42.26 -12.18 -29.23
CA GLY C 291 41.91 -11.00 -28.48
C GLY C 291 40.42 -10.75 -28.57
N VAL C 292 39.90 -10.76 -29.79
CA VAL C 292 38.47 -10.55 -30.00
C VAL C 292 37.64 -11.60 -29.26
N LEU C 293 37.94 -12.88 -29.49
CA LEU C 293 37.23 -13.95 -28.81
C LEU C 293 37.22 -13.65 -27.31
N ALA C 294 38.41 -13.39 -26.76
CA ALA C 294 38.54 -13.09 -25.34
C ALA C 294 37.58 -11.97 -24.97
N LEU C 295 37.53 -10.94 -25.81
CA LEU C 295 36.62 -9.84 -25.60
C LEU C 295 35.24 -10.44 -25.56
N ALA C 296 34.86 -11.08 -26.65
CA ALA C 296 33.58 -11.75 -26.76
C ALA C 296 33.24 -12.39 -25.43
N ALA C 297 34.04 -13.39 -25.08
CA ALA C 297 33.83 -14.12 -23.84
C ALA C 297 33.66 -13.26 -22.60
N SER C 298 34.51 -12.26 -22.43
CA SER C 298 34.46 -11.39 -21.24
C SER C 298 33.05 -10.99 -20.85
N VAL C 299 32.22 -10.66 -21.84
CA VAL C 299 30.84 -10.27 -21.57
C VAL C 299 29.90 -11.44 -21.82
N LEU C 300 30.06 -12.04 -23.00
CA LEU C 300 29.23 -13.15 -23.38
C LEU C 300 29.19 -14.30 -22.33
N ILE C 301 30.14 -14.30 -21.39
CA ILE C 301 30.21 -15.35 -20.37
C ILE C 301 28.98 -15.38 -19.49
N LEU C 302 28.39 -14.21 -19.28
CA LEU C 302 27.21 -14.11 -18.43
C LEU C 302 26.18 -15.20 -18.68
N PHE C 303 25.99 -15.58 -19.94
CA PHE C 303 25.02 -16.62 -20.26
C PHE C 303 25.29 -17.94 -19.52
N LEU C 304 26.54 -18.24 -19.26
CA LEU C 304 26.87 -19.49 -18.58
C LEU C 304 26.78 -19.48 -17.08
N ILE C 305 26.69 -18.30 -16.48
CA ILE C 305 26.62 -18.22 -15.03
C ILE C 305 25.65 -19.20 -14.40
N PRO C 306 24.41 -19.27 -14.90
CA PRO C 306 23.35 -20.16 -14.41
C PRO C 306 23.65 -21.64 -14.49
N PHE C 307 24.55 -22.03 -15.38
CA PHE C 307 24.88 -23.43 -15.50
C PHE C 307 26.11 -23.73 -14.67
N LEU C 308 26.59 -22.71 -13.95
CA LEU C 308 27.77 -22.86 -13.10
C LEU C 308 27.40 -22.74 -11.64
N HIS C 309 26.13 -22.98 -11.37
CA HIS C 309 25.61 -22.90 -10.02
C HIS C 309 25.61 -24.31 -9.47
N LYS C 310 26.39 -24.56 -8.45
CA LYS C 310 26.44 -25.90 -7.88
C LYS C 310 25.93 -25.90 -6.45
N SER C 311 25.95 -24.75 -5.79
CA SER C 311 25.48 -24.66 -4.42
C SER C 311 24.05 -25.17 -4.27
N LYS C 312 23.79 -25.84 -3.15
CA LYS C 312 22.47 -26.38 -2.83
C LYS C 312 21.63 -25.26 -2.26
N GLN C 313 22.27 -24.10 -2.09
CA GLN C 313 21.64 -22.89 -1.57
C GLN C 313 21.63 -21.86 -2.70
N ARG C 314 20.59 -21.02 -2.76
CA ARG C 314 20.47 -20.02 -3.84
C ARG C 314 21.43 -18.85 -3.71
N THR C 315 21.13 -17.96 -2.78
CA THR C 315 22.00 -16.81 -2.54
C THR C 315 23.22 -17.41 -1.94
N MET C 316 24.23 -16.58 -1.75
CA MET C 316 25.42 -17.10 -1.16
C MET C 316 25.78 -16.29 0.06
N THR C 317 24.79 -16.15 0.94
CA THR C 317 24.89 -15.43 2.20
C THR C 317 25.48 -16.32 3.26
N PHE C 318 25.26 -17.61 3.09
CA PHE C 318 25.72 -18.62 4.02
C PHE C 318 26.81 -19.46 3.35
N ARG C 319 27.60 -18.82 2.50
CA ARG C 319 28.66 -19.49 1.76
C ARG C 319 29.91 -18.63 1.89
N PRO C 320 30.42 -18.44 3.11
CA PRO C 320 31.59 -17.63 3.42
C PRO C 320 32.70 -17.84 2.41
N LEU C 321 32.83 -19.08 1.97
CA LEU C 321 33.83 -19.40 0.99
C LEU C 321 33.57 -18.68 -0.32
N SER C 322 32.65 -19.19 -1.12
CA SER C 322 32.36 -18.55 -2.38
C SER C 322 32.20 -17.04 -2.20
N GLN C 323 31.70 -16.66 -1.03
CA GLN C 323 31.47 -15.27 -0.67
C GLN C 323 32.73 -14.42 -0.86
N THR C 324 33.87 -14.89 -0.40
CA THR C 324 35.05 -14.08 -0.61
C THR C 324 35.47 -14.30 -2.07
N LEU C 325 35.33 -15.53 -2.57
CA LEU C 325 35.69 -15.79 -3.95
C LEU C 325 35.02 -14.68 -4.75
N PHE C 326 33.79 -14.33 -4.35
CA PHE C 326 33.02 -13.29 -5.01
C PHE C 326 33.76 -11.96 -5.06
N TRP C 327 34.19 -11.47 -3.89
CA TRP C 327 34.90 -10.19 -3.87
C TRP C 327 36.22 -10.27 -4.57
N LEU C 328 36.80 -11.45 -4.61
CA LEU C 328 38.07 -11.58 -5.29
C LEU C 328 37.73 -11.11 -6.71
N LEU C 329 36.65 -11.63 -7.26
CA LEU C 329 36.22 -11.28 -8.60
C LEU C 329 35.94 -9.79 -8.72
N VAL C 330 35.04 -9.27 -7.91
CA VAL C 330 34.73 -7.85 -8.02
C VAL C 330 36.00 -7.06 -8.08
N ALA C 331 36.94 -7.35 -7.20
CA ALA C 331 38.20 -6.60 -7.26
C ALA C 331 38.97 -6.99 -8.53
N ASN C 332 39.01 -8.28 -8.83
CA ASN C 332 39.72 -8.76 -10.02
C ASN C 332 39.31 -7.86 -11.18
N LEU C 333 38.03 -7.52 -11.19
CA LEU C 333 37.46 -6.67 -12.22
C LEU C 333 38.06 -5.28 -12.07
N LEU C 334 37.85 -4.70 -10.89
CA LEU C 334 38.37 -3.38 -10.56
C LEU C 334 39.83 -3.23 -11.04
N ILE C 335 40.63 -4.28 -10.91
CA ILE C 335 42.01 -4.22 -11.36
C ILE C 335 42.09 -4.12 -12.88
N LEU C 336 41.36 -4.99 -13.57
CA LEU C 336 41.33 -4.98 -15.03
C LEU C 336 41.01 -3.58 -15.53
N THR C 337 40.19 -2.86 -14.77
CA THR C 337 39.83 -1.48 -15.12
C THR C 337 41.07 -0.60 -15.03
N TRP C 338 41.73 -0.63 -13.87
CA TRP C 338 42.95 0.12 -13.68
C TRP C 338 43.88 -0.25 -14.79
N ILE C 339 44.20 -1.53 -14.89
CA ILE C 339 45.10 -2.00 -15.95
C ILE C 339 44.70 -1.46 -17.30
N GLY C 340 43.40 -1.38 -17.54
CA GLY C 340 42.92 -0.90 -18.81
C GLY C 340 43.23 0.55 -19.09
N SER C 341 43.44 1.32 -18.04
CA SER C 341 43.75 2.76 -18.18
C SER C 341 45.24 2.96 -18.22
N GLN C 342 45.97 1.92 -18.52
CA GLN C 342 47.40 2.04 -18.56
C GLN C 342 48.04 1.64 -19.88
N PRO C 343 49.12 2.32 -20.25
CA PRO C 343 49.87 2.07 -21.46
C PRO C 343 50.43 0.65 -21.35
N VAL C 344 50.82 0.05 -22.46
CA VAL C 344 51.35 -1.30 -22.43
C VAL C 344 52.82 -1.48 -22.04
N GLU C 345 53.11 -1.50 -20.74
CA GLU C 345 54.48 -1.72 -20.24
C GLU C 345 54.51 -2.83 -19.22
N HIS C 346 55.69 -3.45 -19.09
CA HIS C 346 55.89 -4.58 -18.19
C HIS C 346 55.27 -4.46 -16.82
N PRO C 347 55.44 -3.32 -16.16
CA PRO C 347 54.85 -3.21 -14.83
C PRO C 347 53.41 -3.68 -14.88
N PHE C 348 52.74 -3.37 -15.99
CA PHE C 348 51.35 -3.72 -16.22
C PHE C 348 51.25 -5.00 -16.99
N ILE C 349 50.76 -4.90 -18.21
CA ILE C 349 50.61 -6.03 -19.13
C ILE C 349 50.40 -7.38 -18.48
N ILE C 350 51.45 -7.88 -17.83
CA ILE C 350 51.41 -9.15 -17.13
C ILE C 350 50.27 -9.10 -16.16
N ILE C 351 50.31 -8.13 -15.25
CA ILE C 351 49.23 -7.95 -14.26
C ILE C 351 47.94 -8.09 -15.05
N GLY C 352 47.96 -7.52 -16.25
CA GLY C 352 46.83 -7.58 -17.14
C GLY C 352 46.45 -9.03 -17.38
N GLN C 353 47.16 -9.69 -18.28
CA GLN C 353 46.83 -11.08 -18.57
C GLN C 353 46.67 -11.99 -17.35
N MET C 354 47.18 -11.59 -16.19
CA MET C 354 46.98 -12.41 -15.01
C MET C 354 45.52 -12.25 -14.62
N ALA C 355 45.15 -11.04 -14.22
CA ALA C 355 43.77 -10.73 -13.84
C ALA C 355 42.85 -11.26 -14.92
N SER C 356 43.23 -10.92 -16.13
CA SER C 356 42.53 -11.31 -17.34
C SER C 356 42.78 -12.80 -17.47
N LEU C 357 42.24 -13.59 -16.56
CA LEU C 357 42.47 -15.03 -16.55
C LEU C 357 41.91 -15.49 -15.23
N SER C 358 42.20 -14.70 -14.20
CA SER C 358 41.69 -14.96 -12.88
C SER C 358 40.20 -14.76 -13.08
N TYR C 359 39.88 -13.82 -13.97
CA TYR C 359 38.49 -13.54 -14.29
C TYR C 359 37.85 -14.85 -14.70
N PHE C 360 38.20 -15.31 -15.90
CA PHE C 360 37.64 -16.53 -16.46
C PHE C 360 37.65 -17.78 -15.59
N THR C 361 38.69 -17.95 -14.78
CA THR C 361 38.68 -19.12 -13.96
C THR C 361 37.75 -18.89 -12.77
N ILE C 362 37.92 -17.78 -12.06
CA ILE C 362 37.04 -17.51 -10.92
C ILE C 362 35.61 -17.81 -11.34
N LEU C 363 35.33 -17.68 -12.63
CA LEU C 363 33.98 -17.92 -13.15
C LEU C 363 33.70 -19.30 -13.71
N LEU C 364 34.52 -19.75 -14.65
CA LEU C 364 34.28 -21.07 -15.19
C LEU C 364 34.72 -22.18 -14.26
N ILE C 365 35.76 -21.96 -13.48
CA ILE C 365 36.23 -23.02 -12.61
C ILE C 365 36.19 -22.88 -11.06
N LEU C 366 36.81 -21.85 -10.47
CA LEU C 366 36.75 -21.72 -9.01
C LEU C 366 35.33 -21.86 -8.43
N PHE C 367 34.48 -20.89 -8.73
CA PHE C 367 33.10 -20.87 -8.26
C PHE C 367 32.39 -22.22 -8.17
N PRO C 368 32.13 -22.87 -9.32
CA PRO C 368 31.44 -24.15 -9.24
C PRO C 368 32.15 -25.09 -8.30
N THR C 369 33.47 -25.11 -8.36
CA THR C 369 34.23 -25.98 -7.49
C THR C 369 34.00 -25.61 -6.03
N ILE C 370 34.48 -24.44 -5.61
CA ILE C 370 34.28 -24.03 -4.22
C ILE C 370 32.82 -24.34 -3.90
N GLY C 371 32.01 -24.33 -4.95
CA GLY C 371 30.60 -24.61 -4.78
C GLY C 371 30.26 -25.97 -4.16
N THR C 372 30.32 -27.00 -4.99
CA THR C 372 30.04 -28.35 -4.55
C THR C 372 30.82 -28.65 -3.28
N LEU C 373 31.95 -27.96 -3.11
CA LEU C 373 32.78 -28.18 -1.95
C LEU C 373 32.01 -27.78 -0.69
N GLU C 374 31.57 -26.53 -0.61
CA GLU C 374 30.82 -26.08 0.55
C GLU C 374 29.67 -27.06 0.78
N ASN C 375 29.05 -27.54 -0.30
CA ASN C 375 27.97 -28.49 -0.15
C ASN C 375 28.46 -29.63 0.72
N LYS C 376 29.50 -30.32 0.28
CA LYS C 376 30.03 -31.43 1.07
C LYS C 376 30.38 -31.04 2.49
N MET C 377 30.62 -29.76 2.74
CA MET C 377 30.94 -29.34 4.09
C MET C 377 29.63 -29.22 4.87
N LEU C 378 28.56 -29.73 4.29
CA LEU C 378 27.27 -29.67 4.95
C LEU C 378 26.64 -31.04 4.95
N ASN C 379 27.30 -32.00 4.29
CA ASN C 379 26.81 -33.37 4.14
C ASN C 379 25.86 -33.53 2.95
N TYR C 380 26.11 -32.77 1.89
CA TYR C 380 25.27 -32.83 0.69
C TYR C 380 26.12 -33.14 -0.55
N SER D 1 62.10 8.70 -25.09
CA SER D 1 61.64 8.39 -23.71
C SER D 1 60.30 9.02 -23.38
N ASP D 2 59.38 8.20 -22.87
CA ASP D 2 58.07 8.70 -22.46
C ASP D 2 58.19 9.28 -21.05
N LEU D 3 59.12 10.23 -20.92
CA LEU D 3 59.37 10.90 -19.65
C LEU D 3 58.82 12.31 -19.79
N GLU D 4 57.91 12.70 -18.91
CA GLU D 4 57.29 14.02 -18.97
C GLU D 4 57.11 14.69 -17.62
N LEU D 5 56.97 16.01 -17.62
CA LEU D 5 56.79 16.78 -16.39
C LEU D 5 55.37 17.34 -16.24
N HIS D 6 54.68 16.90 -15.21
CA HIS D 6 53.30 17.34 -15.00
C HIS D 6 53.23 18.67 -14.25
N PRO D 7 52.35 19.59 -14.70
CA PRO D 7 52.14 20.91 -14.13
C PRO D 7 51.60 20.91 -12.71
N PRO D 8 52.14 21.79 -11.84
CA PRO D 8 51.74 21.93 -10.44
C PRO D 8 50.35 22.56 -10.38
N SER D 9 49.80 22.69 -9.18
CA SER D 9 48.48 23.28 -9.08
C SER D 9 48.31 24.65 -8.47
N TYR D 10 47.78 25.55 -9.28
CA TYR D 10 47.58 26.90 -8.83
C TYR D 10 46.21 27.05 -8.25
N PRO D 11 46.09 27.85 -7.19
CA PRO D 11 44.91 28.19 -6.41
C PRO D 11 44.02 29.19 -7.14
N TRP D 12 43.57 28.83 -8.34
CA TRP D 12 42.73 29.73 -9.13
C TRP D 12 41.54 30.26 -8.35
N SER D 13 41.32 31.56 -8.48
CA SER D 13 40.23 32.22 -7.81
C SER D 13 38.87 31.54 -8.02
N HIS D 14 38.76 30.75 -9.09
CA HIS D 14 37.52 30.07 -9.47
C HIS D 14 37.51 28.56 -9.28
N ARG D 15 38.59 28.03 -8.71
CA ARG D 15 38.69 26.59 -8.49
C ARG D 15 37.52 25.97 -7.75
N GLY D 16 37.28 26.47 -6.54
CA GLY D 16 36.21 25.98 -5.68
C GLY D 16 34.83 25.75 -6.24
N PRO D 17 34.21 24.61 -5.90
CA PRO D 17 32.88 24.23 -6.35
C PRO D 17 31.85 25.34 -6.25
N LEU D 18 32.02 26.26 -5.32
CA LEU D 18 31.06 27.33 -5.22
C LEU D 18 31.58 28.68 -5.71
N SER D 19 32.89 28.75 -5.92
CA SER D 19 33.51 29.99 -6.36
C SER D 19 33.43 30.28 -7.87
N SER D 20 32.87 31.45 -8.21
CA SER D 20 32.70 31.86 -9.60
C SER D 20 34.02 32.19 -10.26
N LEU D 21 33.95 32.85 -11.41
CA LEU D 21 35.14 33.25 -12.13
C LEU D 21 35.37 34.71 -11.82
N ASP D 22 36.63 35.12 -11.69
CA ASP D 22 36.96 36.53 -11.44
C ASP D 22 36.60 37.25 -12.75
N HIS D 23 35.38 37.76 -12.89
CA HIS D 23 35.04 38.37 -14.16
C HIS D 23 35.98 39.46 -14.63
N THR D 24 36.48 40.24 -13.68
CA THR D 24 37.40 41.32 -14.01
C THR D 24 38.65 40.71 -14.63
N SER D 25 39.17 39.67 -14.00
CA SER D 25 40.37 39.03 -14.50
C SER D 25 40.19 38.49 -15.90
N ILE D 26 38.97 38.08 -16.24
CA ILE D 26 38.68 37.56 -17.57
C ILE D 26 38.66 38.67 -18.62
N ARG D 27 38.17 39.83 -18.20
CA ARG D 27 38.14 41.01 -19.05
C ARG D 27 39.58 41.17 -19.58
N ARG D 28 40.54 41.18 -18.65
CA ARG D 28 41.95 41.29 -19.03
C ARG D 28 42.34 40.18 -19.98
N GLY D 29 41.98 38.96 -19.60
CA GLY D 29 42.29 37.79 -20.41
C GLY D 29 41.83 38.02 -21.82
N PHE D 30 40.60 38.50 -21.96
CA PHE D 30 40.09 38.76 -23.28
C PHE D 30 41.14 39.56 -23.99
N GLN D 31 41.47 40.69 -23.38
CA GLN D 31 42.45 41.62 -23.93
C GLN D 31 43.76 40.95 -24.35
N VAL D 32 44.37 40.18 -23.45
CA VAL D 32 45.62 39.51 -23.82
C VAL D 32 45.37 38.54 -24.97
N TYR D 33 44.17 37.97 -25.04
CA TYR D 33 43.88 37.09 -26.16
C TYR D 33 43.72 37.92 -27.41
N LYS D 34 42.85 38.92 -27.34
CA LYS D 34 42.56 39.81 -28.47
C LYS D 34 43.74 40.55 -29.03
N GLN D 35 44.67 40.95 -28.18
CA GLN D 35 45.81 41.69 -28.67
C GLN D 35 47.03 40.87 -29.01
N VAL D 36 47.15 39.65 -28.50
CA VAL D 36 48.34 38.86 -28.81
C VAL D 36 48.14 37.46 -29.35
N CYS D 37 47.21 36.70 -28.78
CA CYS D 37 46.99 35.33 -29.22
C CYS D 37 46.19 35.27 -30.52
N SER D 38 45.17 36.14 -30.61
CA SER D 38 44.28 36.19 -31.76
C SER D 38 44.92 36.48 -33.09
N SER D 39 46.20 36.17 -33.22
CA SER D 39 46.88 36.44 -34.47
C SER D 39 47.51 35.15 -34.91
N CYS D 40 47.24 34.10 -34.15
CA CYS D 40 47.75 32.78 -34.46
C CYS D 40 46.70 31.80 -34.01
N HIS D 41 45.87 32.24 -33.07
CA HIS D 41 44.86 31.36 -32.57
C HIS D 41 43.46 31.79 -32.80
N SER D 42 42.71 30.94 -33.50
CA SER D 42 41.31 31.20 -33.75
C SER D 42 40.57 30.79 -32.48
N MET D 43 39.33 31.24 -32.34
CA MET D 43 38.54 30.91 -31.18
C MET D 43 37.13 30.92 -31.74
N ASP D 44 36.89 29.97 -32.64
CA ASP D 44 35.65 29.88 -33.34
C ASP D 44 34.34 29.86 -32.58
N TYR D 45 34.26 29.24 -31.41
CA TYR D 45 32.96 29.19 -30.76
C TYR D 45 32.53 30.38 -29.93
N VAL D 46 33.32 31.43 -29.90
CA VAL D 46 32.92 32.59 -29.13
C VAL D 46 32.63 33.79 -30.02
N ALA D 47 31.81 34.70 -29.51
CA ALA D 47 31.49 35.90 -30.26
C ALA D 47 31.23 37.07 -29.33
N TYR D 48 31.58 38.26 -29.82
CA TYR D 48 31.41 39.49 -29.08
C TYR D 48 30.13 39.46 -28.29
N ARG D 49 29.13 38.84 -28.89
CA ARG D 49 27.84 38.69 -28.25
C ARG D 49 28.01 38.22 -26.80
N HIS D 50 28.82 37.19 -26.56
CA HIS D 50 28.98 36.70 -25.19
C HIS D 50 29.56 37.70 -24.20
N LEU D 51 30.65 38.35 -24.58
CA LEU D 51 31.31 39.33 -23.72
C LEU D 51 30.31 40.24 -23.03
N VAL D 52 29.27 40.60 -23.76
CA VAL D 52 28.20 41.48 -23.26
C VAL D 52 27.55 40.91 -21.99
N GLY D 53 27.65 41.62 -20.87
CA GLY D 53 27.04 41.15 -19.64
C GLY D 53 27.85 40.22 -18.76
N VAL D 54 29.04 39.87 -19.21
CA VAL D 54 29.90 38.98 -18.43
C VAL D 54 31.18 39.68 -18.04
N CYS D 55 31.75 40.39 -19.01
CA CYS D 55 33.00 41.12 -18.78
C CYS D 55 33.02 42.45 -19.56
N TYR D 56 32.09 42.62 -20.48
CA TYR D 56 32.01 43.83 -21.29
C TYR D 56 30.62 44.47 -21.32
N THR D 57 30.52 45.64 -21.95
CA THR D 57 29.23 46.33 -22.08
C THR D 57 28.74 46.16 -23.50
N GLU D 58 27.43 46.17 -23.69
CA GLU D 58 26.86 46.00 -25.02
C GLU D 58 27.54 46.96 -25.98
N ASP D 59 27.38 48.25 -25.76
CA ASP D 59 27.97 49.28 -26.61
C ASP D 59 29.48 49.08 -26.66
N GLU D 60 30.04 48.63 -25.55
CA GLU D 60 31.46 48.40 -25.45
C GLU D 60 31.86 47.25 -26.37
N ALA D 61 31.08 46.18 -26.32
CA ALA D 61 31.31 45.00 -27.11
C ALA D 61 30.94 45.24 -28.57
N LYS D 62 29.93 46.07 -28.78
CA LYS D 62 29.49 46.39 -30.13
C LYS D 62 30.71 46.99 -30.77
N ALA D 63 31.16 48.09 -30.19
CA ALA D 63 32.31 48.82 -30.67
C ALA D 63 33.49 47.88 -30.81
N LEU D 64 33.65 47.00 -29.83
CA LEU D 64 34.74 46.06 -29.86
C LEU D 64 34.66 45.11 -31.07
N ALA D 65 33.46 44.97 -31.63
CA ALA D 65 33.24 44.11 -32.79
C ALA D 65 33.49 44.89 -34.06
N GLU D 66 33.16 46.17 -34.02
CA GLU D 66 33.33 47.08 -35.16
C GLU D 66 34.76 47.01 -35.70
N GLU D 67 35.74 46.96 -34.79
CA GLU D 67 37.15 46.90 -35.16
C GLU D 67 37.52 45.86 -36.21
N VAL D 68 36.63 44.89 -36.45
CA VAL D 68 36.95 43.87 -37.42
C VAL D 68 36.09 43.93 -38.66
N GLU D 69 36.72 43.95 -39.82
CA GLU D 69 35.96 43.94 -41.06
C GLU D 69 35.83 42.47 -41.43
N VAL D 70 34.61 42.05 -41.77
CA VAL D 70 34.36 40.65 -42.12
C VAL D 70 33.82 40.51 -43.55
N GLN D 71 34.17 39.39 -44.19
CA GLN D 71 33.72 39.11 -45.56
C GLN D 71 32.28 38.63 -45.46
N ASP D 72 31.37 39.33 -46.12
CA ASP D 72 29.98 38.93 -46.03
C ASP D 72 29.33 38.63 -47.37
N GLY D 73 28.14 38.02 -47.29
CA GLY D 73 27.32 37.60 -48.41
C GLY D 73 27.51 38.21 -49.79
N PRO D 74 26.98 37.55 -50.83
CA PRO D 74 27.04 37.98 -52.23
C PRO D 74 26.28 39.29 -52.50
N ASN D 75 26.79 40.09 -53.44
CA ASN D 75 26.17 41.38 -53.79
C ASN D 75 24.82 41.12 -54.44
N GLU D 76 24.57 41.95 -55.46
CA GLU D 76 23.39 41.87 -56.30
C GLU D 76 24.08 41.49 -57.61
N ASP D 77 25.40 41.43 -57.53
CA ASP D 77 26.29 41.03 -58.61
C ASP D 77 26.97 39.80 -58.05
N GLY D 78 26.63 39.50 -56.81
CA GLY D 78 27.19 38.36 -56.12
C GLY D 78 28.69 38.32 -56.04
N GLU D 79 29.25 38.88 -54.97
CA GLU D 79 30.70 38.90 -54.75
C GLU D 79 31.05 39.22 -53.30
N MET D 80 31.69 38.27 -52.61
CA MET D 80 32.06 38.53 -51.24
C MET D 80 32.53 39.98 -51.17
N PHE D 81 32.29 40.64 -50.05
CA PHE D 81 32.71 42.02 -49.90
C PHE D 81 32.84 42.27 -48.41
N MET D 82 33.71 43.19 -48.01
CA MET D 82 33.88 43.45 -46.59
C MET D 82 32.89 44.40 -45.99
N ARG D 83 32.78 44.36 -44.67
CA ARG D 83 31.89 45.22 -43.90
C ARG D 83 32.21 45.07 -42.42
N PRO D 84 31.94 46.13 -41.65
CA PRO D 84 32.18 46.20 -40.21
C PRO D 84 31.57 45.01 -39.49
N GLY D 85 32.33 44.44 -38.56
CA GLY D 85 31.85 43.30 -37.80
C GLY D 85 30.67 43.67 -36.91
N LYS D 86 29.65 42.84 -36.97
CA LYS D 86 28.46 43.04 -36.15
C LYS D 86 28.74 42.39 -34.81
N LEU D 87 27.90 42.69 -33.85
CA LEU D 87 28.02 42.12 -32.53
C LEU D 87 27.92 40.60 -32.61
N SER D 88 27.12 40.14 -33.57
CA SER D 88 26.87 38.73 -33.77
C SER D 88 27.99 37.89 -34.37
N ASP D 89 28.97 38.50 -35.02
CA ASP D 89 30.05 37.73 -35.62
C ASP D 89 30.82 37.03 -34.51
N TYR D 90 31.55 35.99 -34.87
CA TYR D 90 32.36 35.26 -33.91
C TYR D 90 33.77 35.84 -33.98
N PHE D 91 34.65 35.49 -33.04
CA PHE D 91 35.99 36.02 -33.10
C PHE D 91 36.65 35.57 -34.39
N PRO D 92 37.34 36.50 -35.07
CA PRO D 92 38.06 36.39 -36.34
C PRO D 92 39.18 35.37 -36.45
N LYS D 93 39.12 34.52 -37.48
CA LYS D 93 40.16 33.51 -37.72
C LYS D 93 41.40 34.24 -38.24
N PRO D 94 42.59 33.85 -37.78
CA PRO D 94 43.79 34.54 -38.29
C PRO D 94 44.16 33.94 -39.63
N TYR D 95 43.68 32.74 -39.91
CA TYR D 95 44.00 32.11 -41.18
C TYR D 95 42.74 31.53 -41.81
N PRO D 96 42.73 31.50 -43.15
CA PRO D 96 41.69 31.02 -44.06
C PRO D 96 41.41 29.55 -43.91
N ASN D 97 42.46 28.80 -43.61
CA ASN D 97 42.37 27.36 -43.44
C ASN D 97 43.63 26.94 -42.67
N PRO D 98 43.69 25.69 -42.18
CA PRO D 98 44.86 25.21 -41.45
C PRO D 98 46.16 25.32 -42.23
N GLU D 99 46.23 24.67 -43.39
CA GLU D 99 47.45 24.74 -44.17
C GLU D 99 47.92 26.18 -44.34
N ALA D 100 47.00 27.13 -44.32
CA ALA D 100 47.40 28.52 -44.45
C ALA D 100 48.19 28.89 -43.20
N ALA D 101 47.65 28.55 -42.04
CA ALA D 101 48.30 28.84 -40.78
C ALA D 101 49.63 28.09 -40.63
N ARG D 102 49.61 26.79 -40.89
CA ARG D 102 50.82 25.98 -40.78
C ARG D 102 51.94 26.62 -41.58
N ALA D 103 51.59 27.17 -42.74
CA ALA D 103 52.58 27.83 -43.56
C ALA D 103 53.16 29.02 -42.82
N ALA D 104 52.29 29.83 -42.23
CA ALA D 104 52.71 31.02 -41.52
C ALA D 104 53.30 30.77 -40.15
N ASN D 105 53.50 29.51 -39.79
CA ASN D 105 54.07 29.19 -38.48
C ASN D 105 55.04 28.04 -38.56
N ASN D 106 56.17 28.28 -39.23
CA ASN D 106 57.23 27.28 -39.39
C ASN D 106 56.74 25.83 -39.53
N GLY D 107 55.53 25.66 -40.04
CA GLY D 107 54.97 24.32 -40.26
C GLY D 107 53.96 23.82 -39.26
N ALA D 108 54.03 24.38 -38.04
CA ALA D 108 53.14 23.98 -36.94
C ALA D 108 51.76 24.57 -37.04
N LEU D 109 50.82 23.91 -36.36
CA LEU D 109 49.45 24.35 -36.39
C LEU D 109 48.91 24.86 -35.09
N PRO D 110 48.87 26.18 -34.92
CA PRO D 110 48.34 26.70 -33.68
C PRO D 110 46.85 26.31 -33.52
N PRO D 111 46.52 25.55 -32.47
CA PRO D 111 45.18 25.06 -32.12
C PRO D 111 44.17 26.19 -31.84
N ASP D 112 42.89 25.84 -31.90
CA ASP D 112 41.84 26.81 -31.63
C ASP D 112 41.58 26.84 -30.13
N LEU D 113 41.88 27.97 -29.52
CA LEU D 113 41.69 28.12 -28.09
C LEU D 113 40.25 28.35 -27.68
N SER D 114 39.34 27.49 -28.13
CA SER D 114 37.96 27.64 -27.74
C SER D 114 37.76 26.67 -26.61
N TYR D 115 38.13 25.42 -26.85
CA TYR D 115 38.01 24.38 -25.84
C TYR D 115 39.41 23.90 -25.38
N ILE D 116 40.40 24.77 -25.52
CA ILE D 116 41.79 24.42 -25.17
C ILE D 116 41.97 23.98 -23.74
N VAL D 117 41.39 24.74 -22.81
CA VAL D 117 41.52 24.44 -21.40
C VAL D 117 41.03 23.05 -21.05
N ARG D 118 40.06 22.53 -21.79
CA ARG D 118 39.53 21.19 -21.51
C ARG D 118 39.82 20.21 -22.62
N ALA D 119 40.82 20.51 -23.42
CA ALA D 119 41.24 19.64 -24.51
C ALA D 119 42.61 19.14 -24.11
N ARG D 120 43.08 19.62 -22.97
CA ARG D 120 44.39 19.28 -22.42
C ARG D 120 44.28 18.97 -20.92
N HIS D 121 44.86 17.87 -20.47
CA HIS D 121 44.76 17.59 -19.05
C HIS D 121 45.47 18.69 -18.29
N GLY D 122 44.88 19.14 -17.19
CA GLY D 122 45.51 20.18 -16.39
C GLY D 122 44.95 21.55 -16.69
N GLY D 123 44.27 21.69 -17.80
CA GLY D 123 43.69 22.97 -18.14
C GLY D 123 44.57 24.18 -17.87
N GLU D 124 44.00 25.21 -17.22
CA GLU D 124 44.79 26.38 -16.93
C GLU D 124 46.12 26.00 -16.29
N ASP D 125 46.09 25.20 -15.23
CA ASP D 125 47.35 24.80 -14.61
C ASP D 125 48.37 24.44 -15.70
N TYR D 126 47.95 23.68 -16.71
CA TYR D 126 48.85 23.33 -17.79
C TYR D 126 49.17 24.51 -18.67
N VAL D 127 48.13 25.11 -19.24
CA VAL D 127 48.33 26.27 -20.11
C VAL D 127 49.18 27.34 -19.45
N PHE D 128 48.97 27.55 -18.15
CA PHE D 128 49.72 28.55 -17.39
C PHE D 128 51.17 28.14 -17.33
N SER D 129 51.41 26.94 -16.82
CA SER D 129 52.77 26.43 -16.72
C SER D 129 53.46 26.53 -18.08
N LEU D 130 52.74 26.22 -19.15
CA LEU D 130 53.30 26.27 -20.49
C LEU D 130 53.77 27.67 -20.88
N LEU D 131 52.89 28.66 -20.78
CA LEU D 131 53.23 30.04 -21.15
C LEU D 131 54.40 30.59 -20.34
N THR D 132 54.24 30.57 -19.02
CA THR D 132 55.29 31.03 -18.11
C THR D 132 56.22 29.88 -17.83
N GLY D 133 56.93 29.37 -18.82
CA GLY D 133 57.78 28.25 -18.50
C GLY D 133 58.78 27.76 -19.50
N TYR D 134 59.19 28.63 -20.43
CA TYR D 134 60.18 28.19 -21.40
C TYR D 134 61.58 28.24 -20.78
N CYS D 135 62.58 27.76 -21.52
CA CYS D 135 63.94 27.77 -21.02
C CYS D 135 64.90 27.00 -21.91
N GLU D 136 66.17 27.02 -21.52
CA GLU D 136 67.24 26.32 -22.24
C GLU D 136 67.08 24.82 -22.05
N PRO D 137 67.24 24.06 -23.13
CA PRO D 137 67.11 22.62 -22.96
C PRO D 137 68.28 22.14 -22.12
N PRO D 138 68.03 21.21 -21.19
CA PRO D 138 69.14 20.70 -20.38
C PRO D 138 70.10 20.00 -21.35
N THR D 139 71.24 19.57 -20.85
CA THR D 139 72.24 18.95 -21.71
C THR D 139 71.89 17.65 -22.39
N GLY D 140 72.57 17.40 -23.51
CA GLY D 140 72.34 16.19 -24.26
C GLY D 140 71.15 16.34 -25.16
N VAL D 141 70.24 17.21 -24.73
CA VAL D 141 69.01 17.47 -25.47
C VAL D 141 69.15 18.66 -26.38
N SER D 142 68.84 18.45 -27.64
CA SER D 142 68.93 19.50 -28.62
C SER D 142 67.60 19.67 -29.35
N VAL D 143 67.05 20.87 -29.25
CA VAL D 143 65.79 21.20 -29.89
C VAL D 143 66.10 21.69 -31.29
N ARG D 144 65.43 21.15 -32.31
CA ARG D 144 65.72 21.55 -33.69
C ARG D 144 65.28 22.95 -34.08
N GLU D 145 65.79 23.37 -35.23
CA GLU D 145 65.49 24.68 -35.80
C GLU D 145 64.00 24.89 -35.89
N GLY D 146 63.56 26.09 -35.55
CA GLY D 146 62.14 26.38 -35.63
C GLY D 146 61.39 26.08 -34.36
N LEU D 147 61.95 25.22 -33.52
CA LEU D 147 61.30 24.86 -32.25
C LEU D 147 61.85 25.69 -31.11
N TYR D 148 61.35 25.45 -29.90
CA TYR D 148 61.80 26.15 -28.71
C TYR D 148 61.55 25.18 -27.55
N PHE D 149 62.49 25.06 -26.62
CA PHE D 149 62.31 24.13 -25.51
C PHE D 149 61.24 24.66 -24.58
N ASN D 150 60.55 23.73 -23.95
CA ASN D 150 59.51 24.01 -22.97
C ASN D 150 59.30 22.61 -22.42
N PRO D 151 59.74 22.37 -21.18
CA PRO D 151 59.64 21.10 -20.48
C PRO D 151 58.21 20.66 -20.27
N TYR D 152 57.32 21.63 -20.13
CA TYR D 152 55.93 21.30 -19.91
C TYR D 152 55.19 20.66 -21.07
N PHE D 153 55.62 20.98 -22.28
CA PHE D 153 55.00 20.45 -23.48
C PHE D 153 55.55 19.06 -23.82
N PRO D 154 54.66 18.12 -24.18
CA PRO D 154 55.04 16.74 -24.52
C PRO D 154 56.03 16.71 -25.66
N GLY D 155 57.29 16.42 -25.35
CA GLY D 155 58.31 16.36 -26.38
C GLY D 155 59.32 17.45 -26.21
N GLN D 156 59.01 18.36 -25.29
CA GLN D 156 59.87 19.49 -24.95
C GLN D 156 60.11 20.53 -26.04
N ALA D 157 59.84 20.20 -27.29
CA ALA D 157 60.04 21.16 -28.37
C ALA D 157 58.70 21.60 -28.96
N ILE D 158 58.26 22.82 -28.65
CA ILE D 158 57.00 23.32 -29.18
C ILE D 158 57.30 24.12 -30.41
N GLY D 159 56.26 24.41 -31.18
CA GLY D 159 56.45 25.21 -32.37
C GLY D 159 56.18 26.66 -32.05
N MET D 160 55.58 26.92 -30.89
CA MET D 160 55.26 28.28 -30.45
C MET D 160 56.34 28.92 -29.59
N ALA D 161 56.85 30.06 -30.04
CA ALA D 161 57.86 30.78 -29.29
C ALA D 161 57.12 31.48 -28.17
N PRO D 162 57.84 31.80 -27.08
CA PRO D 162 57.25 32.47 -25.93
C PRO D 162 56.48 33.64 -26.49
N PRO D 163 55.16 33.64 -26.32
CA PRO D 163 54.31 34.70 -26.82
C PRO D 163 54.07 35.82 -25.84
N ILE D 164 54.44 35.58 -24.60
CA ILE D 164 54.15 36.57 -23.61
C ILE D 164 55.36 36.89 -22.71
N TYR D 165 55.65 38.19 -22.59
CA TYR D 165 56.75 38.71 -21.78
C TYR D 165 56.26 40.00 -21.13
N ASN D 166 56.98 40.53 -20.15
CA ASN D 166 56.52 41.77 -19.49
C ASN D 166 56.14 42.87 -20.49
N ASP D 167 55.16 43.68 -20.13
CA ASP D 167 54.72 44.79 -20.97
C ASP D 167 54.24 44.50 -22.40
N VAL D 168 54.12 43.25 -22.84
CA VAL D 168 53.66 43.01 -24.21
C VAL D 168 52.40 43.81 -24.51
N LEU D 169 51.72 44.28 -23.49
CA LEU D 169 50.52 45.07 -23.69
C LEU D 169 50.27 45.94 -22.48
N GLU D 170 49.16 46.64 -22.44
CA GLU D 170 48.87 47.50 -21.30
C GLU D 170 47.43 47.39 -20.78
N PHE D 171 47.22 46.50 -19.81
CA PHE D 171 45.91 46.31 -19.21
C PHE D 171 45.38 47.70 -18.88
N ASP D 172 44.39 48.16 -19.63
CA ASP D 172 43.84 49.48 -19.39
C ASP D 172 43.20 49.69 -18.01
N ASP D 173 43.28 48.70 -17.14
CA ASP D 173 42.69 48.85 -15.83
C ASP D 173 43.78 49.22 -14.86
N GLY D 174 44.95 49.53 -15.39
CA GLY D 174 46.07 49.92 -14.54
C GLY D 174 46.64 48.78 -13.71
N THR D 175 46.87 47.66 -14.37
CA THR D 175 47.41 46.50 -13.70
C THR D 175 48.79 46.16 -14.19
N PRO D 176 49.69 45.94 -13.26
CA PRO D 176 51.08 45.58 -13.54
C PRO D 176 51.15 44.39 -14.50
N ALA D 177 51.41 44.71 -15.76
CA ALA D 177 51.48 43.76 -16.84
C ALA D 177 52.71 42.84 -16.84
N THR D 178 52.98 42.15 -15.74
CA THR D 178 54.11 41.24 -15.67
C THR D 178 53.74 39.99 -16.49
N MET D 179 54.72 39.25 -17.01
CA MET D 179 54.40 38.05 -17.80
C MET D 179 53.48 37.13 -17.01
N SER D 180 53.91 36.83 -15.79
CA SER D 180 53.15 35.98 -14.89
C SER D 180 51.71 36.45 -14.82
N GLN D 181 51.53 37.71 -14.45
CA GLN D 181 50.21 38.31 -14.32
C GLN D 181 49.39 38.14 -15.57
N VAL D 182 49.89 38.64 -16.70
CA VAL D 182 49.17 38.53 -17.97
C VAL D 182 48.91 37.07 -18.36
N ALA D 183 49.81 36.16 -18.02
CA ALA D 183 49.60 34.74 -18.32
C ALA D 183 48.40 34.21 -17.52
N LYS D 184 48.26 34.66 -16.27
CA LYS D 184 47.13 34.25 -15.43
C LYS D 184 45.85 34.69 -16.10
N ASP D 185 45.72 36.00 -16.27
CA ASP D 185 44.53 36.54 -16.88
C ASP D 185 44.11 35.80 -18.17
N VAL D 186 45.06 35.33 -18.97
CA VAL D 186 44.69 34.63 -20.20
C VAL D 186 43.92 33.38 -19.83
N CYS D 187 44.62 32.49 -19.14
CA CYS D 187 44.04 31.24 -18.71
C CYS D 187 42.64 31.43 -18.12
N THR D 188 42.48 32.29 -17.12
CA THR D 188 41.16 32.49 -16.52
C THR D 188 40.16 32.83 -17.62
N PHE D 189 40.62 33.52 -18.67
CA PHE D 189 39.76 33.84 -19.81
C PHE D 189 39.44 32.48 -20.45
N LEU D 190 40.48 31.82 -20.97
CA LEU D 190 40.37 30.51 -21.61
C LEU D 190 39.42 29.51 -20.97
N ARG D 191 39.29 29.59 -19.65
CA ARG D 191 38.40 28.72 -18.92
C ARG D 191 37.00 29.17 -19.28
N TRP D 192 36.64 30.40 -18.96
CA TRP D 192 35.30 30.85 -19.29
C TRP D 192 35.02 30.61 -20.77
N ALA D 193 36.06 30.71 -21.60
CA ALA D 193 35.89 30.54 -23.04
C ALA D 193 35.42 29.13 -23.28
N ALA D 194 36.06 28.18 -22.62
CA ALA D 194 35.67 26.79 -22.77
C ALA D 194 34.30 26.54 -22.14
N GLU D 195 33.94 27.29 -21.12
CA GLU D 195 32.64 27.04 -20.50
C GLU D 195 31.93 28.20 -19.82
N PRO D 196 31.33 29.06 -20.62
CA PRO D 196 30.59 30.23 -20.16
C PRO D 196 29.62 29.85 -19.05
N GLU D 197 29.07 28.64 -19.11
CA GLU D 197 28.15 28.20 -18.09
C GLU D 197 28.82 28.36 -16.73
N HIS D 198 30.03 27.81 -16.60
CA HIS D 198 30.81 27.81 -15.37
C HIS D 198 30.12 28.40 -14.14
N ASP D 199 29.94 29.71 -14.13
CA ASP D 199 29.27 30.38 -13.01
C ASP D 199 27.84 29.94 -12.76
N HIS D 200 27.03 29.97 -13.81
CA HIS D 200 25.61 29.58 -13.76
C HIS D 200 25.60 28.17 -13.20
N ARG D 201 26.38 27.32 -13.86
CA ARG D 201 26.50 25.92 -13.51
C ARG D 201 26.85 25.67 -12.05
N LYS D 202 27.67 26.53 -11.44
CA LYS D 202 28.01 26.32 -10.05
C LYS D 202 26.91 26.83 -9.16
N ARG D 203 26.40 28.03 -9.43
CA ARG D 203 25.34 28.55 -8.58
C ARG D 203 24.30 27.45 -8.54
N MET D 204 24.16 26.77 -9.66
CA MET D 204 23.20 25.71 -9.77
C MET D 204 23.60 24.58 -8.82
N GLY D 205 24.82 24.06 -8.98
CA GLY D 205 25.27 23.01 -8.08
C GLY D 205 24.93 23.32 -6.64
N LEU D 206 25.10 24.57 -6.23
CA LEU D 206 24.79 25.00 -4.87
C LEU D 206 23.37 24.64 -4.53
N LYS D 207 22.42 25.32 -5.17
CA LYS D 207 21.02 25.05 -4.91
C LYS D 207 20.76 23.55 -4.90
N MET D 208 21.38 22.82 -5.82
CA MET D 208 21.20 21.36 -5.91
C MET D 208 21.53 20.69 -4.58
N LEU D 209 22.74 20.89 -4.09
CA LEU D 209 23.12 20.34 -2.82
C LEU D 209 22.10 20.58 -1.73
N LEU D 210 21.63 21.82 -1.58
CA LEU D 210 20.64 22.13 -0.56
C LEU D 210 19.38 21.28 -0.64
N MET D 211 18.87 21.06 -1.85
CA MET D 211 17.67 20.27 -2.07
C MET D 211 17.89 18.82 -1.73
N MET D 212 18.96 18.22 -2.28
CA MET D 212 19.27 16.83 -1.96
C MET D 212 19.23 16.79 -0.45
N GLY D 213 19.97 17.74 0.12
CA GLY D 213 20.09 17.88 1.55
C GLY D 213 18.77 17.94 2.28
N LEU D 214 17.83 18.69 1.74
CA LEU D 214 16.52 18.82 2.37
C LEU D 214 15.57 17.72 1.96
N LEU D 215 15.67 17.26 0.71
CA LEU D 215 14.75 16.25 0.24
C LEU D 215 15.11 14.82 0.62
N VAL D 216 16.34 14.39 0.41
CA VAL D 216 16.63 13.01 0.78
C VAL D 216 16.31 12.78 2.24
N PRO D 217 16.61 13.73 3.13
CA PRO D 217 16.26 13.42 4.52
C PRO D 217 14.74 13.29 4.65
N LEU D 218 13.99 14.29 4.19
CA LEU D 218 12.53 14.20 4.25
C LEU D 218 11.96 12.88 3.70
N VAL D 219 12.40 12.44 2.51
CA VAL D 219 11.90 11.18 1.97
C VAL D 219 12.50 10.03 2.77
N TYR D 220 13.54 10.30 3.53
CA TYR D 220 14.10 9.24 4.35
C TYR D 220 13.19 9.00 5.54
N TYR D 221 12.67 10.08 6.12
CA TYR D 221 11.77 9.96 7.25
C TYR D 221 10.56 9.20 6.77
N MET D 222 10.05 9.61 5.61
CA MET D 222 8.87 8.99 5.04
C MET D 222 9.07 7.52 4.83
N LYS D 223 10.17 7.14 4.21
CA LYS D 223 10.43 5.73 3.99
C LYS D 223 10.38 4.99 5.31
N ARG D 224 11.11 5.50 6.29
CA ARG D 224 11.14 4.89 7.63
C ARG D 224 9.75 4.78 8.22
N HIS D 225 9.07 5.91 8.28
CA HIS D 225 7.70 6.00 8.79
C HIS D 225 6.86 4.83 8.30
N LYS D 226 6.71 4.72 6.99
CA LYS D 226 5.94 3.65 6.44
C LYS D 226 6.44 2.29 6.88
N TRP D 227 7.73 2.05 6.68
CA TRP D 227 8.28 0.77 7.05
C TRP D 227 8.15 0.32 8.51
N SER D 228 8.19 1.26 9.44
CA SER D 228 8.06 0.92 10.87
C SER D 228 7.09 -0.24 11.10
N VAL D 229 5.91 -0.14 10.52
CA VAL D 229 4.90 -1.15 10.67
C VAL D 229 5.54 -2.52 10.61
N LEU D 230 6.59 -2.66 9.81
CA LEU D 230 7.26 -3.95 9.67
C LEU D 230 8.47 -4.16 10.59
N LYS D 231 9.30 -3.12 10.71
CA LYS D 231 10.49 -3.18 11.55
C LYS D 231 10.09 -3.50 12.99
N SER D 232 9.11 -2.75 13.46
CA SER D 232 8.53 -2.86 14.80
C SER D 232 7.85 -4.22 15.05
N ARG D 233 7.09 -4.67 14.06
CA ARG D 233 6.33 -5.91 14.06
C ARG D 233 6.88 -7.03 14.94
N LYS D 234 6.02 -7.98 15.31
CA LYS D 234 6.41 -9.13 16.14
C LYS D 234 5.61 -10.40 15.77
N LEU D 235 6.32 -11.46 15.38
CA LEU D 235 5.69 -12.73 15.00
C LEU D 235 5.49 -13.51 16.30
N ALA D 236 5.14 -14.79 16.17
CA ALA D 236 4.91 -15.70 17.31
C ALA D 236 4.24 -16.99 16.85
N TYR D 237 4.85 -18.14 17.13
CA TYR D 237 4.26 -19.41 16.70
C TYR D 237 3.48 -20.10 17.80
N ARG D 238 2.16 -20.09 17.70
CA ARG D 238 1.30 -20.71 18.70
C ARG D 238 0.45 -21.87 18.21
N PRO D 239 1.07 -23.04 17.98
CA PRO D 239 0.30 -24.20 17.51
C PRO D 239 -0.59 -24.66 18.65
N PRO D 240 -1.53 -25.60 18.37
CA PRO D 240 -2.45 -26.12 19.38
C PRO D 240 -1.64 -26.95 20.38
N LYS D 241 -2.26 -27.94 21.00
CA LYS D 241 -1.52 -28.79 21.93
C LYS D 241 -1.09 -30.15 21.29
N SER E 1 -5.09 -21.82 24.70
CA SER E 1 -6.43 -21.39 24.21
C SER E 1 -6.28 -20.20 23.28
N HIS E 2 -6.95 -19.10 23.61
CA HIS E 2 -6.86 -17.88 22.81
C HIS E 2 -7.00 -16.72 23.77
N THR E 3 -7.54 -17.06 24.93
CA THR E 3 -7.73 -16.09 25.97
C THR E 3 -6.30 -15.85 26.51
N ASP E 4 -5.39 -16.75 26.12
CA ASP E 4 -4.00 -16.70 26.55
C ASP E 4 -3.05 -15.89 25.68
N ILE E 5 -3.55 -15.34 24.59
CA ILE E 5 -2.69 -14.53 23.74
C ILE E 5 -2.77 -13.11 24.23
N LYS E 6 -1.64 -12.42 24.19
CA LYS E 6 -1.57 -11.02 24.62
C LYS E 6 -0.72 -10.21 23.65
N VAL E 7 -1.07 -8.95 23.45
CA VAL E 7 -0.28 -8.13 22.57
C VAL E 7 0.91 -7.67 23.38
N PRO E 8 2.12 -7.90 22.84
CA PRO E 8 3.39 -7.55 23.46
C PRO E 8 3.51 -6.10 23.84
N ASN E 9 4.62 -5.76 24.49
CA ASN E 9 4.88 -4.40 24.93
C ASN E 9 5.68 -3.68 23.84
N PHE E 10 5.10 -2.61 23.31
CA PHE E 10 5.77 -1.86 22.29
C PHE E 10 6.26 -0.58 22.90
N SER E 11 6.18 -0.57 24.23
CA SER E 11 6.53 0.56 25.07
C SER E 11 7.65 1.44 24.51
N ASP E 12 8.58 1.86 25.36
CA ASP E 12 9.66 2.72 24.90
C ASP E 12 10.23 2.13 23.62
N TYR E 13 10.12 0.81 23.53
CA TYR E 13 10.60 0.08 22.39
C TYR E 13 10.29 0.83 21.10
N ARG E 14 9.14 1.49 21.00
CA ARG E 14 8.82 2.26 19.81
C ARG E 14 7.99 3.46 20.21
N ARG E 15 6.71 3.22 20.45
CA ARG E 15 5.80 4.28 20.88
C ARG E 15 6.40 5.63 21.24
N PRO E 16 5.88 6.70 20.65
CA PRO E 16 6.31 8.08 20.90
C PRO E 16 5.81 8.46 22.30
N PRO E 17 6.69 9.06 23.13
CA PRO E 17 6.36 9.47 24.50
C PRO E 17 5.07 10.23 24.74
N ASP E 18 4.02 9.90 24.00
CA ASP E 18 2.75 10.54 24.22
C ASP E 18 1.80 9.38 24.26
N ASP E 19 2.39 8.18 24.16
CA ASP E 19 1.62 6.96 24.17
C ASP E 19 2.08 5.91 25.14
N TYR E 20 1.64 6.06 26.38
CA TYR E 20 1.92 5.11 27.46
C TYR E 20 0.81 5.14 28.49
N SER E 21 -0.24 4.41 28.14
CA SER E 21 -1.51 4.22 28.86
C SER E 21 -1.92 5.13 30.00
N THR E 22 -3.15 4.88 30.45
CA THR E 22 -3.77 5.64 31.52
C THR E 22 -4.23 6.99 30.96
N LYS E 23 -3.83 7.29 29.72
CA LYS E 23 -4.22 8.55 29.08
C LYS E 23 -4.46 8.38 27.59
N SER E 24 -5.55 8.97 27.13
CA SER E 24 -5.98 8.90 25.75
C SER E 24 -4.85 8.87 24.74
N SER E 25 -5.00 8.07 23.70
CA SER E 25 -3.99 8.05 22.66
C SER E 25 -4.46 9.24 21.87
N ARG E 26 -5.76 9.26 21.64
CA ARG E 26 -6.43 10.35 20.93
C ARG E 26 -5.92 11.65 21.54
N GLU E 27 -6.35 12.78 20.98
CA GLU E 27 -5.94 14.11 21.41
C GLU E 27 -4.41 14.28 21.38
N SER E 28 -3.68 13.21 21.68
CA SER E 28 -2.22 13.25 21.63
C SER E 28 -1.77 13.09 20.19
N ASP E 29 -1.84 11.87 19.66
CA ASP E 29 -1.41 11.64 18.29
C ASP E 29 -2.04 12.54 17.24
N PRO E 30 -3.35 12.80 17.34
CA PRO E 30 -3.95 13.70 16.34
C PRO E 30 -3.24 15.08 16.27
N SER E 31 -1.98 15.09 16.72
CA SER E 31 -1.02 16.19 16.76
C SER E 31 0.24 15.57 16.15
N ARG E 32 0.42 14.27 16.44
CA ARG E 32 1.53 13.47 15.92
C ARG E 32 1.34 13.31 14.42
N LYS E 33 0.12 13.03 14.00
CA LYS E 33 -0.18 12.94 12.57
C LYS E 33 0.30 14.24 11.93
N GLY E 34 0.02 15.35 12.59
CA GLY E 34 0.46 16.63 12.06
C GLY E 34 1.92 16.62 11.66
N PHE E 35 2.79 16.20 12.57
CA PHE E 35 4.20 16.18 12.26
C PHE E 35 4.55 15.30 11.11
N SER E 36 4.14 14.05 11.21
CA SER E 36 4.41 13.05 10.19
C SER E 36 3.89 13.47 8.80
N TYR E 37 2.85 14.30 8.76
CA TYR E 37 2.34 14.78 7.48
C TYR E 37 3.09 16.04 7.09
N LEU E 38 3.67 16.72 8.07
CA LEU E 38 4.43 17.95 7.81
C LEU E 38 5.66 17.58 7.03
N VAL E 39 6.33 16.50 7.42
CA VAL E 39 7.52 16.04 6.70
C VAL E 39 7.07 15.87 5.26
N THR E 40 6.03 15.05 5.11
CA THR E 40 5.41 14.76 3.83
C THR E 40 5.05 16.00 3.05
N ALA E 41 4.17 16.84 3.62
CA ALA E 41 3.79 18.08 2.96
C ALA E 41 5.03 18.73 2.39
N VAL E 42 5.99 19.01 3.27
CA VAL E 42 7.25 19.63 2.89
C VAL E 42 7.99 18.91 1.76
N THR E 43 8.09 17.59 1.84
CA THR E 43 8.75 16.86 0.77
C THR E 43 8.06 17.17 -0.57
N THR E 44 6.74 16.97 -0.62
CA THR E 44 6.01 17.26 -1.85
C THR E 44 6.46 18.69 -2.23
N LEU E 45 6.49 19.56 -1.22
CA LEU E 45 6.88 20.93 -1.41
C LEU E 45 8.24 21.06 -2.13
N GLY E 46 9.31 20.58 -1.48
CA GLY E 46 10.65 20.64 -2.05
C GLY E 46 10.65 20.04 -3.45
N VAL E 47 10.12 18.83 -3.57
CA VAL E 47 10.01 18.14 -4.85
C VAL E 47 9.37 19.08 -5.85
N ALA E 48 8.26 19.67 -5.45
CA ALA E 48 7.55 20.61 -6.30
C ALA E 48 8.57 21.59 -6.86
N TYR E 49 9.24 22.30 -5.96
CA TYR E 49 10.26 23.27 -6.35
C TYR E 49 11.14 22.67 -7.44
N ALA E 50 11.84 21.62 -7.07
CA ALA E 50 12.73 20.89 -7.98
C ALA E 50 12.10 20.71 -9.35
N ALA E 51 10.92 20.09 -9.34
CA ALA E 51 10.18 19.80 -10.53
C ALA E 51 9.94 21.07 -11.35
N LYS E 52 9.30 22.06 -10.74
CA LYS E 52 9.00 23.31 -11.42
C LYS E 52 10.18 23.80 -12.24
N ASN E 53 11.35 23.78 -11.67
CA ASN E 53 12.51 24.25 -12.41
C ASN E 53 13.03 23.30 -13.49
N VAL E 54 13.19 22.02 -13.20
CA VAL E 54 13.66 21.12 -14.23
C VAL E 54 12.79 21.31 -15.47
N VAL E 55 11.49 21.46 -15.28
CA VAL E 55 10.59 21.65 -16.42
C VAL E 55 10.88 22.97 -17.12
N THR E 56 10.87 24.05 -16.35
CA THR E 56 11.15 25.39 -16.85
C THR E 56 12.37 25.37 -17.77
N GLN E 57 13.48 24.86 -17.25
CA GLN E 57 14.73 24.75 -18.00
C GLN E 57 14.41 23.96 -19.27
N PHE E 58 14.16 22.67 -19.09
CA PHE E 58 13.84 21.76 -20.20
C PHE E 58 12.66 22.23 -21.06
N VAL E 59 12.23 23.45 -20.88
CA VAL E 59 11.14 23.95 -21.70
C VAL E 59 11.69 25.05 -22.55
N SER E 60 12.58 25.86 -21.98
CA SER E 60 13.18 26.93 -22.76
C SER E 60 14.30 26.33 -23.61
N SER E 61 14.51 25.03 -23.44
CA SER E 61 15.55 24.30 -24.17
C SER E 61 15.21 24.18 -25.63
N MET E 62 14.33 25.05 -26.09
CA MET E 62 13.89 25.01 -27.46
C MET E 62 13.27 26.34 -27.75
N SER E 63 12.30 26.70 -26.92
CA SER E 63 11.62 27.99 -27.05
C SER E 63 12.74 28.97 -27.45
N ALA E 64 12.67 29.59 -28.63
CA ALA E 64 13.74 30.50 -29.13
C ALA E 64 15.09 29.76 -29.20
N SER E 65 16.20 30.48 -29.32
CA SER E 65 17.46 29.75 -29.40
C SER E 65 18.73 30.47 -29.05
N ALA E 66 18.63 31.50 -28.22
CA ALA E 66 19.79 32.28 -27.81
C ALA E 66 20.69 32.66 -28.99
N ASP E 67 20.18 32.41 -30.18
CA ASP E 67 20.82 32.74 -31.46
C ASP E 67 19.76 33.59 -32.15
N VAL E 68 19.70 34.84 -31.73
CA VAL E 68 18.75 35.78 -32.29
C VAL E 68 19.65 36.85 -32.89
N LEU E 69 19.24 37.38 -34.03
CA LEU E 69 20.03 38.41 -34.71
C LEU E 69 19.48 39.83 -34.50
N ALA E 70 19.72 40.69 -35.48
CA ALA E 70 19.30 42.11 -35.51
C ALA E 70 19.95 42.66 -36.77
N MET E 71 19.22 43.50 -37.50
CA MET E 71 19.72 44.00 -38.79
C MET E 71 18.90 45.23 -39.18
N SER E 72 18.05 45.64 -38.23
CA SER E 72 17.09 46.72 -38.40
C SER E 72 17.29 47.76 -39.51
N LYS E 73 18.50 47.91 -40.03
CA LYS E 73 18.70 48.90 -41.09
C LYS E 73 19.05 48.31 -42.45
N ILE E 74 18.43 48.90 -43.47
CA ILE E 74 18.65 48.52 -44.87
C ILE E 74 18.49 49.77 -45.72
N GLU E 75 19.39 49.95 -46.69
CA GLU E 75 19.34 51.10 -47.58
C GLU E 75 18.77 50.68 -48.93
N ILE E 76 17.87 51.49 -49.46
CA ILE E 76 17.28 51.16 -50.74
C ILE E 76 17.20 52.36 -51.68
N LYS E 77 17.66 52.16 -52.91
CA LYS E 77 17.64 53.20 -53.93
C LYS E 77 16.21 53.21 -54.47
N LEU E 78 15.45 54.23 -54.07
CA LEU E 78 14.07 54.39 -54.48
C LEU E 78 13.88 54.37 -56.00
N SER E 79 14.93 54.66 -56.76
CA SER E 79 14.84 54.65 -58.23
C SER E 79 14.88 53.22 -58.82
N ASP E 80 15.19 52.24 -57.97
CA ASP E 80 15.23 50.83 -58.40
C ASP E 80 13.79 50.44 -58.62
N ILE E 81 12.91 51.15 -57.93
CA ILE E 81 11.49 50.87 -57.99
C ILE E 81 10.69 51.95 -58.72
N PRO E 82 10.59 51.81 -60.06
CA PRO E 82 9.85 52.71 -60.95
C PRO E 82 8.36 52.67 -60.61
N GLU E 83 7.60 53.64 -61.09
CA GLU E 83 6.16 53.70 -60.80
C GLU E 83 5.33 52.52 -61.30
N GLY E 84 4.46 52.03 -60.41
CA GLY E 84 3.57 50.92 -60.72
C GLY E 84 3.98 49.55 -60.19
N LYS E 85 5.27 49.37 -59.93
CA LYS E 85 5.80 48.10 -59.46
C LYS E 85 6.24 48.03 -58.00
N ASN E 86 6.25 46.80 -57.47
CA ASN E 86 6.67 46.47 -56.10
C ASN E 86 7.88 45.55 -56.08
N MET E 87 8.93 45.95 -55.37
CA MET E 87 10.14 45.14 -55.27
C MET E 87 10.22 44.45 -53.91
N ALA E 88 10.67 43.20 -53.92
CA ALA E 88 10.79 42.43 -52.69
C ALA E 88 12.26 42.27 -52.29
N PHE E 89 12.56 42.59 -51.03
CA PHE E 89 13.92 42.51 -50.54
C PHE E 89 14.10 41.46 -49.46
N LYS E 90 15.34 41.03 -49.26
CA LYS E 90 15.67 40.04 -48.25
C LYS E 90 15.91 40.84 -46.99
N TRP E 91 15.16 40.53 -45.93
CA TRP E 91 15.33 41.31 -44.72
C TRP E 91 14.83 40.69 -43.42
N ARG E 92 15.73 40.65 -42.44
CA ARG E 92 15.41 40.17 -41.10
C ARG E 92 14.63 38.86 -40.98
N GLY E 93 14.93 37.90 -41.84
CA GLY E 93 14.27 36.60 -41.78
C GLY E 93 12.91 36.48 -42.43
N LYS E 94 12.40 37.59 -42.97
CA LYS E 94 11.10 37.59 -43.65
C LYS E 94 11.14 38.61 -44.77
N PRO E 95 10.36 38.40 -45.84
CA PRO E 95 10.41 39.38 -46.92
C PRO E 95 10.08 40.81 -46.52
N LEU E 96 10.50 41.75 -47.36
CA LEU E 96 10.23 43.16 -47.14
C LEU E 96 9.81 43.79 -48.47
N PHE E 97 8.68 44.47 -48.42
CA PHE E 97 8.11 45.13 -49.57
C PHE E 97 8.42 46.63 -49.58
N VAL E 98 8.64 47.17 -50.77
CA VAL E 98 8.91 48.60 -50.99
C VAL E 98 8.26 48.87 -52.36
N ARG E 99 7.16 49.62 -52.37
CA ARG E 99 6.46 49.88 -53.63
C ARG E 99 6.30 51.32 -54.09
N HIS E 100 6.48 51.54 -55.40
CA HIS E 100 6.30 52.87 -56.01
C HIS E 100 4.84 52.86 -56.49
N ARG E 101 4.01 53.70 -55.88
CA ARG E 101 2.59 53.77 -56.23
C ARG E 101 2.25 54.85 -57.25
N THR E 102 1.32 54.54 -58.14
CA THR E 102 0.90 55.50 -59.16
C THR E 102 -0.10 56.48 -58.57
N LYS E 103 -0.41 57.51 -59.37
CA LYS E 103 -1.36 58.54 -59.00
C LYS E 103 -2.66 57.79 -58.67
N LYS E 104 -3.07 56.93 -59.59
CA LYS E 104 -4.27 56.12 -59.49
C LYS E 104 -4.35 55.24 -58.24
N GLU E 105 -3.26 54.55 -57.95
CA GLU E 105 -3.19 53.66 -56.79
C GLU E 105 -3.39 54.48 -55.50
N ILE E 106 -2.52 55.45 -55.28
CA ILE E 106 -2.59 56.29 -54.08
C ILE E 106 -3.98 56.89 -53.92
N ASP E 107 -4.60 57.23 -55.04
CA ASP E 107 -5.94 57.82 -55.06
C ASP E 107 -6.97 56.80 -54.57
N GLN E 108 -6.93 55.60 -55.15
CA GLN E 108 -7.87 54.55 -54.77
C GLN E 108 -7.68 54.16 -53.32
N GLU E 109 -6.44 54.15 -52.88
CA GLU E 109 -6.11 53.76 -51.51
C GLU E 109 -6.61 54.75 -50.46
N ALA E 110 -6.82 55.99 -50.87
CA ALA E 110 -7.35 56.99 -49.94
C ALA E 110 -8.87 56.92 -50.03
N ALA E 111 -9.35 56.53 -51.21
CA ALA E 111 -10.79 56.43 -51.47
C ALA E 111 -11.40 55.22 -50.76
N VAL E 112 -10.57 54.50 -50.02
CA VAL E 112 -11.05 53.32 -49.30
C VAL E 112 -11.97 53.62 -48.12
N GLU E 113 -13.06 52.87 -48.08
CA GLU E 113 -14.08 53.01 -47.04
C GLU E 113 -13.50 52.50 -45.73
N VAL E 114 -12.82 53.38 -45.01
CA VAL E 114 -12.15 53.04 -43.75
C VAL E 114 -12.96 52.53 -42.56
N SER E 115 -14.19 53.02 -42.40
CA SER E 115 -15.02 52.58 -41.28
C SER E 115 -15.46 51.12 -41.48
N GLN E 116 -15.31 50.64 -42.72
CA GLN E 116 -15.69 49.29 -43.12
C GLN E 116 -14.54 48.29 -43.21
N LEU E 117 -13.35 48.71 -42.81
CA LEU E 117 -12.15 47.86 -42.85
C LEU E 117 -12.07 46.89 -41.68
N ARG E 118 -11.53 45.70 -41.97
CA ARG E 118 -11.36 44.66 -40.96
C ARG E 118 -10.42 45.24 -39.92
N ASP E 119 -9.35 45.85 -40.41
CA ASP E 119 -8.36 46.50 -39.57
C ASP E 119 -8.38 47.94 -40.08
N PRO E 120 -9.19 48.80 -39.44
CA PRO E 120 -9.37 50.23 -39.77
C PRO E 120 -8.11 51.12 -39.64
N GLN E 121 -7.63 51.59 -40.79
CA GLN E 121 -6.46 52.45 -40.86
C GLN E 121 -6.49 53.13 -42.21
N HIS E 122 -6.24 54.44 -42.23
CA HIS E 122 -6.24 55.15 -43.49
C HIS E 122 -4.85 55.07 -44.13
N ASP E 123 -4.83 54.84 -45.44
CA ASP E 123 -3.59 54.71 -46.18
C ASP E 123 -2.51 55.71 -45.75
N LEU E 124 -2.92 56.95 -45.50
CA LEU E 124 -1.99 58.01 -45.14
C LEU E 124 -1.34 57.91 -43.75
N GLU E 125 -1.92 57.10 -42.87
CA GLU E 125 -1.39 56.94 -41.51
C GLU E 125 -0.54 55.67 -41.43
N ARG E 126 -0.40 55.00 -42.58
CA ARG E 126 0.38 53.77 -42.67
C ARG E 126 1.65 53.95 -43.46
N VAL E 127 1.76 55.07 -44.15
CA VAL E 127 2.93 55.38 -44.95
C VAL E 127 3.32 56.84 -44.74
N LYS E 128 4.53 57.20 -45.15
CA LYS E 128 5.00 58.58 -45.00
C LYS E 128 4.87 59.33 -46.31
N LYS E 129 5.47 58.78 -47.37
CA LYS E 129 5.35 59.41 -48.68
C LYS E 129 4.37 58.50 -49.43
N PRO E 130 3.20 59.07 -49.83
CA PRO E 130 2.13 58.38 -50.54
C PRO E 130 2.48 57.65 -51.85
N GLU E 131 3.61 58.01 -52.46
CA GLU E 131 4.02 57.34 -53.68
C GLU E 131 4.90 56.14 -53.28
N TRP E 132 5.20 56.05 -51.99
CA TRP E 132 6.04 54.98 -51.46
C TRP E 132 5.34 54.22 -50.31
N VAL E 133 5.09 52.93 -50.53
CA VAL E 133 4.47 52.05 -49.52
C VAL E 133 5.43 50.92 -49.14
N ILE E 134 5.66 50.74 -47.84
CA ILE E 134 6.56 49.69 -47.35
C ILE E 134 5.83 48.71 -46.42
N LEU E 135 5.97 47.42 -46.72
CA LEU E 135 5.29 46.39 -45.94
C LEU E 135 6.15 45.15 -45.67
N ILE E 136 5.74 44.40 -44.65
CA ILE E 136 6.37 43.14 -44.26
C ILE E 136 5.65 42.08 -45.10
N GLY E 137 6.37 41.44 -46.02
CA GLY E 137 5.76 40.46 -46.89
C GLY E 137 5.29 39.14 -46.28
N VAL E 138 4.64 39.25 -45.14
CA VAL E 138 4.16 38.07 -44.46
C VAL E 138 2.67 38.20 -44.16
N CYS E 139 1.86 37.29 -44.70
CA CYS E 139 0.43 37.34 -44.44
C CYS E 139 0.16 37.11 -42.96
N THR E 140 -0.77 37.88 -42.41
CA THR E 140 -1.13 37.77 -41.00
C THR E 140 -1.95 36.53 -40.65
N HIS E 141 -2.56 35.90 -41.65
CA HIS E 141 -3.37 34.72 -41.40
C HIS E 141 -2.53 33.58 -40.83
N LEU E 142 -1.74 32.96 -41.70
CA LEU E 142 -0.87 31.87 -41.31
C LEU E 142 0.56 31.96 -41.82
N GLY E 143 1.00 33.15 -42.18
CA GLY E 143 2.38 33.32 -42.60
C GLY E 143 2.93 33.10 -44.00
N CYS E 144 2.10 33.01 -45.03
CA CYS E 144 2.64 32.84 -46.39
C CYS E 144 3.04 34.19 -46.97
N VAL E 145 3.77 34.17 -48.08
CA VAL E 145 4.17 35.41 -48.69
C VAL E 145 3.12 35.85 -49.66
N PRO E 146 2.55 37.04 -49.42
CA PRO E 146 1.51 37.58 -50.29
C PRO E 146 2.13 37.89 -51.64
N ILE E 147 1.35 37.64 -52.70
CA ILE E 147 1.79 37.87 -54.07
C ILE E 147 1.40 39.27 -54.55
N ALA E 148 2.41 40.08 -54.90
CA ALA E 148 2.22 41.46 -55.38
C ALA E 148 1.76 41.45 -56.83
N ASN E 149 0.88 42.38 -57.15
CA ASN E 149 0.35 42.48 -58.51
C ASN E 149 -0.61 41.29 -58.74
N ALA E 150 -1.37 40.95 -57.70
CA ALA E 150 -2.33 39.86 -57.78
C ALA E 150 -3.47 40.15 -56.82
N GLY E 151 -4.62 39.53 -57.06
CA GLY E 151 -5.76 39.75 -56.20
C GLY E 151 -6.81 40.70 -56.77
N ASP E 152 -7.91 40.86 -56.03
CA ASP E 152 -9.02 41.70 -56.44
C ASP E 152 -8.96 43.13 -55.93
N PHE E 153 -7.87 43.51 -55.28
CA PHE E 153 -7.76 44.87 -54.75
C PHE E 153 -6.49 45.61 -55.16
N GLY E 154 -5.90 45.18 -56.28
CA GLY E 154 -4.69 45.80 -56.80
C GLY E 154 -3.55 45.96 -55.80
N GLY E 155 -3.57 45.16 -54.75
CA GLY E 155 -2.51 45.25 -53.76
C GLY E 155 -1.72 43.95 -53.76
N TYR E 156 -2.28 42.96 -53.07
CA TYR E 156 -1.66 41.65 -52.97
C TYR E 156 -2.70 40.53 -52.81
N TYR E 157 -2.20 39.30 -52.81
CA TYR E 157 -3.05 38.13 -52.64
C TYR E 157 -2.20 37.02 -52.04
N CYS E 158 -2.77 36.27 -51.11
CA CYS E 158 -2.08 35.15 -50.48
C CYS E 158 -2.65 33.82 -50.99
N PRO E 159 -1.88 33.09 -51.81
CA PRO E 159 -2.28 31.80 -52.41
C PRO E 159 -2.53 30.63 -51.44
N CYS E 160 -2.26 30.85 -50.15
CA CYS E 160 -2.49 29.79 -49.18
C CYS E 160 -3.96 29.60 -48.84
N HIS E 161 -4.64 30.70 -48.57
CA HIS E 161 -6.05 30.63 -48.23
C HIS E 161 -6.91 31.77 -48.81
N GLY E 162 -6.32 32.51 -49.76
CA GLY E 162 -7.05 33.58 -50.42
C GLY E 162 -7.35 34.90 -49.73
N SER E 163 -6.35 35.55 -49.15
CA SER E 163 -6.56 36.84 -48.51
C SER E 163 -6.22 37.93 -49.52
N HIS E 164 -7.13 38.89 -49.70
CA HIS E 164 -6.89 39.98 -50.64
C HIS E 164 -6.45 41.26 -49.92
N TYR E 165 -5.32 41.82 -50.37
CA TYR E 165 -4.77 43.05 -49.79
C TYR E 165 -4.78 44.23 -50.76
N ASP E 166 -4.87 45.45 -50.23
CA ASP E 166 -4.87 46.64 -51.08
C ASP E 166 -3.46 47.22 -51.20
N ALA E 167 -3.30 48.25 -52.03
CA ALA E 167 -1.99 48.87 -52.24
C ALA E 167 -1.43 49.48 -50.95
N SER E 168 -2.25 49.45 -49.91
CA SER E 168 -1.85 49.98 -48.62
C SER E 168 -1.39 48.83 -47.71
N GLY E 169 -1.57 47.60 -48.19
CA GLY E 169 -1.18 46.43 -47.44
C GLY E 169 -2.24 46.00 -46.42
N ARG E 170 -3.39 46.65 -46.51
CA ARG E 170 -4.48 46.34 -45.60
C ARG E 170 -5.23 45.11 -46.08
N ILE E 171 -5.72 44.32 -45.12
CA ILE E 171 -6.50 43.13 -45.45
C ILE E 171 -7.92 43.60 -45.75
N ARG E 172 -8.45 43.13 -46.86
CA ARG E 172 -9.78 43.52 -47.27
C ARG E 172 -10.73 42.34 -47.33
N LYS E 173 -10.34 41.36 -48.12
CA LYS E 173 -11.15 40.17 -48.33
C LYS E 173 -10.33 38.96 -47.95
N GLY E 174 -11.01 37.88 -47.60
CA GLY E 174 -10.31 36.67 -47.21
C GLY E 174 -10.31 36.48 -45.70
N PRO E 175 -9.50 35.53 -45.19
CA PRO E 175 -9.38 35.20 -43.77
C PRO E 175 -8.34 35.93 -42.91
N ALA E 176 -7.31 36.54 -43.51
CA ALA E 176 -6.30 37.25 -42.72
C ALA E 176 -7.03 38.08 -41.68
N PRO E 177 -6.47 38.21 -40.47
CA PRO E 177 -7.11 38.96 -39.40
C PRO E 177 -6.80 40.44 -39.22
N LEU E 178 -5.56 40.82 -39.47
CA LEU E 178 -5.13 42.21 -39.30
C LEU E 178 -4.36 42.65 -40.57
N ASN E 179 -4.11 43.94 -40.74
CA ASN E 179 -3.39 44.40 -41.93
C ASN E 179 -1.90 44.12 -41.89
N LEU E 180 -1.30 44.02 -43.08
CA LEU E 180 0.12 43.76 -43.19
C LEU E 180 0.96 44.67 -42.29
N GLU E 181 2.03 44.11 -41.73
CA GLU E 181 2.89 44.86 -40.83
C GLU E 181 3.69 45.96 -41.50
N VAL E 182 3.66 47.14 -40.88
CA VAL E 182 4.41 48.27 -41.39
C VAL E 182 5.65 48.44 -40.54
N PRO E 183 6.83 48.25 -41.14
CA PRO E 183 8.11 48.40 -40.44
C PRO E 183 8.39 49.87 -40.10
N SER E 184 9.43 50.09 -39.30
CA SER E 184 9.84 51.44 -38.92
C SER E 184 10.77 51.90 -40.06
N TYR E 185 10.56 53.10 -40.60
CA TYR E 185 11.41 53.57 -41.71
C TYR E 185 11.35 55.08 -41.99
N GLU E 186 12.31 55.59 -42.78
CA GLU E 186 12.36 57.02 -43.15
C GLU E 186 13.24 57.33 -44.36
N PHE E 187 12.84 58.36 -45.11
CA PHE E 187 13.56 58.78 -46.33
C PHE E 187 14.72 59.77 -46.03
N THR E 188 15.95 59.36 -46.33
CA THR E 188 17.12 60.21 -46.09
C THR E 188 17.46 61.15 -47.24
N SER E 189 16.69 61.09 -48.32
CA SER E 189 16.91 61.99 -49.45
C SER E 189 15.86 61.76 -50.53
N ASP E 190 16.11 62.33 -51.71
CA ASP E 190 15.19 62.23 -52.85
C ASP E 190 14.95 60.80 -53.37
N ASP E 191 16.02 60.02 -53.53
CA ASP E 191 15.91 58.65 -54.02
C ASP E 191 16.35 57.63 -52.97
N MET E 192 16.65 58.10 -51.75
CA MET E 192 17.08 57.22 -50.67
C MET E 192 16.00 56.91 -49.66
N VAL E 193 15.99 55.65 -49.22
CA VAL E 193 15.04 55.16 -48.23
C VAL E 193 15.68 54.10 -47.31
N ILE E 194 15.38 54.20 -46.02
CA ILE E 194 15.93 53.28 -45.03
C ILE E 194 14.85 52.67 -44.14
N VAL E 195 14.82 51.35 -44.08
CA VAL E 195 13.85 50.65 -43.26
C VAL E 195 14.49 50.17 -41.96
N GLY E 196 13.80 50.42 -40.86
CA GLY E 196 14.26 50.04 -39.53
C GLY E 196 14.69 51.26 -38.73
N SER F 10 44.30 -36.82 10.37
CA SER F 10 44.96 -35.56 10.81
C SER F 10 43.94 -34.47 11.21
N ARG F 11 43.11 -34.02 10.26
CA ARG F 11 42.09 -32.96 10.49
C ARG F 11 40.62 -33.32 10.22
N TRP F 12 39.93 -33.80 11.24
CA TRP F 12 38.52 -34.20 11.19
C TRP F 12 37.58 -33.42 10.29
N LEU F 13 36.91 -34.13 9.38
CA LEU F 13 35.93 -33.46 8.53
C LEU F 13 34.91 -33.06 9.57
N GLU F 14 34.81 -33.88 10.62
CA GLU F 14 33.90 -33.58 11.70
C GLU F 14 34.22 -32.18 12.23
N GLY F 15 35.49 -31.96 12.54
CA GLY F 15 35.95 -30.68 13.05
C GLY F 15 35.61 -29.60 12.04
N ILE F 16 35.88 -29.89 10.78
CA ILE F 16 35.59 -28.97 9.69
C ILE F 16 34.10 -28.62 9.65
N ARG F 17 33.23 -29.62 9.52
CA ARG F 17 31.78 -29.39 9.44
C ARG F 17 31.25 -28.42 10.50
N LYS F 18 31.69 -28.55 11.75
CA LYS F 18 31.24 -27.64 12.79
C LYS F 18 31.79 -26.23 12.46
N TRP F 19 32.97 -26.17 11.86
CA TRP F 19 33.54 -24.89 11.45
C TRP F 19 32.53 -24.25 10.51
N TYR F 20 32.51 -24.77 9.28
CA TYR F 20 31.62 -24.30 8.22
C TYR F 20 30.22 -24.00 8.75
N TYR F 21 29.66 -24.93 9.51
CA TYR F 21 28.32 -24.72 10.05
C TYR F 21 28.15 -23.38 10.80
N ASN F 22 29.14 -22.98 11.58
CA ASN F 22 29.03 -21.73 12.31
C ASN F 22 29.52 -20.60 11.46
N ALA F 23 30.31 -20.96 10.45
CA ALA F 23 30.86 -19.98 9.52
C ALA F 23 29.73 -19.52 8.63
N ALA F 24 29.02 -20.48 8.08
CA ALA F 24 27.88 -20.22 7.22
C ALA F 24 26.97 -19.24 7.93
N GLY F 25 26.66 -19.53 9.19
CA GLY F 25 25.85 -18.63 9.97
C GLY F 25 24.34 -18.57 9.78
N PHE F 26 23.77 -19.55 9.08
CA PHE F 26 22.33 -19.52 8.88
C PHE F 26 21.65 -19.90 10.17
N ASN F 27 22.43 -20.39 11.11
CA ASN F 27 21.90 -20.77 12.40
C ASN F 27 21.66 -19.53 13.23
N LYS F 28 22.25 -18.41 12.85
CA LYS F 28 22.05 -17.20 13.62
C LYS F 28 20.66 -16.63 13.37
N TYR F 29 20.06 -17.04 12.25
CA TYR F 29 18.73 -16.57 11.92
C TYR F 29 17.77 -17.52 12.56
N GLY F 30 18.33 -18.60 13.11
CA GLY F 30 17.52 -19.57 13.80
C GLY F 30 16.90 -20.67 12.97
N LEU F 31 17.52 -20.99 11.84
CA LEU F 31 16.97 -22.03 11.00
C LEU F 31 17.98 -23.13 10.76
N MET F 32 17.44 -24.33 10.58
CA MET F 32 18.22 -25.54 10.34
C MET F 32 18.82 -25.47 8.95
N ARG F 33 19.70 -26.41 8.66
CA ARG F 33 20.35 -26.52 7.36
C ARG F 33 19.27 -26.63 6.30
N ASP F 34 18.45 -27.67 6.43
CA ASP F 34 17.38 -27.92 5.47
C ASP F 34 16.43 -26.77 5.24
N ASP F 35 16.40 -25.81 6.14
CA ASP F 35 15.52 -24.67 5.92
C ASP F 35 16.06 -23.83 4.77
N THR F 36 17.34 -23.97 4.49
CA THR F 36 17.94 -23.13 3.47
C THR F 36 18.09 -23.75 2.09
N ILE F 37 17.93 -25.06 1.96
CA ILE F 37 18.13 -25.66 0.64
C ILE F 37 17.26 -24.93 -0.36
N TYR F 38 17.84 -24.56 -1.49
CA TYR F 38 17.09 -23.86 -2.50
C TYR F 38 15.99 -24.82 -2.88
N GLU F 39 14.81 -24.29 -3.17
CA GLU F 39 13.70 -25.15 -3.54
C GLU F 39 13.60 -25.54 -5.00
N ASN F 40 14.39 -26.52 -5.45
CA ASN F 40 14.24 -26.94 -6.81
C ASN F 40 13.22 -28.06 -6.81
N ASP F 41 12.87 -28.55 -7.99
CA ASP F 41 11.86 -29.61 -8.14
C ASP F 41 11.82 -30.73 -7.11
N ASP F 42 12.98 -31.30 -6.81
CA ASP F 42 13.10 -32.38 -5.83
C ASP F 42 12.75 -31.94 -4.41
N VAL F 43 13.26 -30.78 -4.02
CA VAL F 43 13.01 -30.23 -2.70
C VAL F 43 11.52 -29.97 -2.55
N LYS F 44 10.92 -29.38 -3.58
CA LYS F 44 9.50 -29.08 -3.56
C LYS F 44 8.72 -30.33 -3.33
N GLU F 45 9.03 -31.40 -4.09
CA GLU F 45 8.32 -32.65 -3.91
C GLU F 45 8.58 -33.26 -2.55
N ALA F 46 9.75 -33.00 -2.00
CA ALA F 46 10.05 -33.54 -0.67
C ALA F 46 9.25 -32.75 0.35
N ILE F 47 9.51 -31.45 0.44
CA ILE F 47 8.79 -30.63 1.40
C ILE F 47 7.30 -30.93 1.33
N ARG F 48 6.84 -31.32 0.15
CA ARG F 48 5.43 -31.59 -0.05
C ARG F 48 4.99 -32.87 0.70
N ARG F 49 5.92 -33.79 0.95
CA ARG F 49 5.59 -35.03 1.66
C ARG F 49 5.73 -34.85 3.17
N LEU F 50 6.38 -33.77 3.55
CA LEU F 50 6.62 -33.44 4.96
C LEU F 50 5.36 -33.46 5.83
N PRO F 51 5.38 -34.21 6.94
CA PRO F 51 4.27 -34.34 7.90
C PRO F 51 3.84 -32.95 8.35
N GLU F 52 2.56 -32.71 8.55
CA GLU F 52 2.14 -31.35 8.92
C GLU F 52 2.84 -30.70 10.10
N ASN F 53 3.34 -31.48 11.04
CA ASN F 53 4.07 -30.91 12.17
C ASN F 53 5.19 -30.10 11.57
N LEU F 54 6.22 -30.83 11.19
CA LEU F 54 7.42 -30.28 10.61
C LEU F 54 7.24 -29.21 9.57
N TYR F 55 6.17 -29.29 8.77
CA TYR F 55 5.94 -28.27 7.75
C TYR F 55 5.71 -26.92 8.42
N ASP F 56 4.67 -26.86 9.25
CA ASP F 56 4.33 -25.64 9.95
C ASP F 56 5.48 -25.07 10.76
N ASP F 57 6.31 -25.95 11.31
CA ASP F 57 7.45 -25.47 12.06
C ASP F 57 8.35 -24.72 11.05
N ARG F 58 8.86 -25.46 10.07
CA ARG F 58 9.72 -24.91 9.04
C ARG F 58 9.19 -23.61 8.49
N MET F 59 7.87 -23.52 8.39
CA MET F 59 7.29 -22.29 7.88
C MET F 59 7.67 -21.19 8.82
N PHE F 60 7.14 -21.25 10.04
CA PHE F 60 7.44 -20.25 11.05
C PHE F 60 8.93 -19.96 11.05
N ARG F 61 9.76 -21.00 11.15
CA ARG F 61 11.19 -20.79 11.15
C ARG F 61 11.63 -19.84 10.05
N ILE F 62 11.20 -20.11 8.82
CA ILE F 62 11.55 -19.28 7.69
C ILE F 62 10.98 -17.90 7.83
N LYS F 63 9.68 -17.81 8.07
CA LYS F 63 9.12 -16.48 8.22
C LYS F 63 9.90 -15.63 9.25
N ARG F 64 10.25 -16.22 10.40
CA ARG F 64 10.99 -15.50 11.46
C ARG F 64 12.24 -14.92 10.82
N ALA F 65 13.00 -15.78 10.13
CA ALA F 65 14.22 -15.38 9.46
C ALA F 65 13.96 -14.22 8.51
N LEU F 66 13.00 -14.38 7.61
CA LEU F 66 12.70 -13.29 6.69
C LEU F 66 12.52 -12.01 7.48
N ASP F 67 11.71 -12.09 8.53
CA ASP F 67 11.48 -10.92 9.34
C ASP F 67 12.77 -10.39 9.96
N LEU F 68 13.67 -11.27 10.37
CA LEU F 68 14.92 -10.80 10.94
C LEU F 68 15.71 -10.10 9.87
N ASN F 69 15.98 -10.83 8.80
CA ASN F 69 16.75 -10.28 7.69
C ASN F 69 16.24 -8.94 7.20
N MET F 70 14.93 -8.81 7.20
CA MET F 70 14.30 -7.59 6.77
C MET F 70 14.47 -6.47 7.81
N ARG F 71 14.94 -6.83 9.00
CA ARG F 71 15.16 -5.87 10.08
C ARG F 71 16.63 -5.59 10.27
N GLN F 72 17.46 -6.40 9.63
CA GLN F 72 18.90 -6.25 9.70
C GLN F 72 19.47 -6.89 10.96
N GLN F 73 18.59 -7.16 11.92
CA GLN F 73 19.01 -7.76 13.19
C GLN F 73 19.05 -9.30 13.07
N ILE F 74 19.37 -9.98 14.16
CA ILE F 74 19.38 -11.44 14.16
C ILE F 74 18.90 -12.04 15.47
N LEU F 75 19.22 -13.29 15.69
CA LEU F 75 18.77 -13.96 16.89
C LEU F 75 19.79 -13.81 18.00
N PRO F 76 19.33 -13.67 19.26
CA PRO F 76 20.30 -13.54 20.36
C PRO F 76 21.10 -14.81 20.44
N LYS F 77 22.39 -14.66 20.71
CA LYS F 77 23.34 -15.76 20.81
C LYS F 77 22.74 -17.03 21.42
N GLU F 78 21.90 -16.87 22.42
CA GLU F 78 21.27 -18.01 23.09
C GLU F 78 20.44 -18.85 22.11
N GLN F 79 19.60 -18.19 21.33
CA GLN F 79 18.71 -18.85 20.39
C GLN F 79 19.25 -19.48 19.12
N TRP F 80 20.50 -19.21 18.77
CA TRP F 80 21.05 -19.79 17.55
C TRP F 80 21.03 -21.30 17.72
N THR F 81 20.68 -22.06 16.69
CA THR F 81 20.66 -23.50 16.88
C THR F 81 22.09 -23.99 16.86
N LYS F 82 22.38 -25.04 17.61
CA LYS F 82 23.72 -25.55 17.68
C LYS F 82 23.92 -26.64 16.65
N TYR F 83 25.13 -26.73 16.12
CA TYR F 83 25.48 -27.72 15.12
C TYR F 83 24.91 -29.10 15.39
N GLU F 84 25.22 -29.65 16.57
CA GLU F 84 24.74 -30.99 16.90
C GLU F 84 23.25 -31.09 17.11
N GLU F 85 22.57 -29.97 17.32
CA GLU F 85 21.13 -30.01 17.52
C GLU F 85 20.33 -29.75 16.25
N ASP F 86 21.01 -29.37 15.16
CA ASP F 86 20.32 -29.12 13.88
C ASP F 86 19.68 -30.40 13.39
N VAL F 87 18.40 -30.34 13.05
CA VAL F 87 17.69 -31.53 12.59
C VAL F 87 17.41 -31.59 11.09
N PRO F 88 18.01 -32.55 10.38
CA PRO F 88 17.82 -32.71 8.94
C PRO F 88 16.42 -33.25 8.67
N TYR F 89 15.41 -32.47 9.03
CA TYR F 89 14.03 -32.89 8.86
C TYR F 89 13.61 -33.20 7.44
N LEU F 90 14.36 -32.72 6.46
CA LEU F 90 13.97 -32.94 5.08
C LEU F 90 14.91 -33.84 4.31
N GLU F 91 16.12 -34.03 4.82
CA GLU F 91 17.07 -34.83 4.07
C GLU F 91 16.57 -36.22 3.62
N PRO F 92 16.02 -37.02 4.54
CA PRO F 92 15.53 -38.36 4.20
C PRO F 92 14.51 -38.33 3.07
N TYR F 93 13.42 -37.60 3.27
CA TYR F 93 12.39 -37.48 2.25
C TYR F 93 13.05 -37.11 0.94
N LEU F 94 13.91 -36.10 1.00
CA LEU F 94 14.61 -35.65 -0.18
C LEU F 94 15.32 -36.77 -0.91
N LYS F 95 16.08 -37.60 -0.20
CA LYS F 95 16.80 -38.67 -0.89
C LYS F 95 15.86 -39.61 -1.62
N GLU F 96 14.87 -40.14 -0.91
CA GLU F 96 13.90 -41.06 -1.53
C GLU F 96 13.43 -40.40 -2.81
N VAL F 97 12.98 -39.17 -2.69
CA VAL F 97 12.53 -38.42 -3.84
C VAL F 97 13.55 -38.55 -4.95
N ILE F 98 14.81 -38.27 -4.65
CA ILE F 98 15.77 -38.36 -5.73
C ILE F 98 15.92 -39.77 -6.31
N ARG F 99 16.07 -40.79 -5.46
CA ARG F 99 16.22 -42.13 -6.03
C ARG F 99 14.93 -42.60 -6.66
N GLU F 100 13.81 -42.10 -6.17
CA GLU F 100 12.53 -42.47 -6.78
C GLU F 100 12.58 -42.01 -8.22
N ARG F 101 13.06 -40.78 -8.40
CA ARG F 101 13.18 -40.15 -9.70
C ARG F 101 14.23 -40.83 -10.54
N LYS F 102 15.45 -40.89 -10.05
CA LYS F 102 16.48 -41.53 -10.85
C LYS F 102 15.99 -42.87 -11.37
N GLU F 103 15.22 -43.60 -10.57
CA GLU F 103 14.67 -44.88 -10.99
C GLU F 103 13.81 -44.68 -12.23
N ARG F 104 12.85 -43.77 -12.16
CA ARG F 104 12.01 -43.51 -13.30
C ARG F 104 12.90 -43.21 -14.49
N GLU F 105 13.70 -42.16 -14.38
CA GLU F 105 14.60 -41.79 -15.45
C GLU F 105 15.27 -43.03 -16.05
N GLU F 106 15.86 -43.86 -15.19
CA GLU F 106 16.54 -45.07 -15.62
C GLU F 106 15.61 -45.89 -16.50
N TRP F 107 14.42 -46.17 -15.98
CA TRP F 107 13.43 -46.95 -16.72
C TRP F 107 13.02 -46.39 -18.08
N ASP F 108 12.85 -45.08 -18.18
CA ASP F 108 12.45 -44.50 -19.44
C ASP F 108 13.54 -44.50 -20.51
N LYS F 109 14.36 -45.54 -20.48
CA LYS F 109 15.42 -45.71 -21.46
C LYS F 109 15.35 -47.17 -21.93
N ARG G 2 1.89 -14.33 -10.17
CA ARG G 2 1.69 -14.76 -8.76
C ARG G 2 1.11 -13.64 -7.90
N GLN G 3 -0.19 -13.72 -7.59
CA GLN G 3 -0.86 -12.71 -6.79
C GLN G 3 -1.03 -13.13 -5.34
N PHE G 4 -1.80 -12.33 -4.59
CA PHE G 4 -2.06 -12.56 -3.17
C PHE G 4 -3.28 -13.40 -2.84
N GLY G 5 -3.08 -14.36 -1.93
CA GLY G 5 -4.15 -15.25 -1.52
C GLY G 5 -3.89 -16.66 -1.99
N HIS G 6 -2.85 -16.81 -2.82
CA HIS G 6 -2.46 -18.11 -3.36
C HIS G 6 -0.94 -18.31 -3.30
N LEU G 7 -0.31 -17.97 -2.17
CA LEU G 7 1.14 -18.14 -2.05
C LEU G 7 1.61 -19.34 -1.22
N THR G 8 1.04 -19.52 -0.02
CA THR G 8 1.47 -20.66 0.78
C THR G 8 0.49 -21.10 1.84
N ARG G 9 0.72 -22.29 2.38
CA ARG G 9 -0.15 -22.85 3.42
C ARG G 9 0.51 -22.48 4.74
N VAL G 10 0.02 -21.44 5.38
CA VAL G 10 0.61 -21.00 6.63
C VAL G 10 -0.36 -21.17 7.78
N ARG G 11 0.11 -21.74 8.89
CA ARG G 11 -0.76 -21.93 10.04
C ARG G 11 -0.16 -21.61 11.39
N HIS G 12 -0.96 -20.98 12.24
CA HIS G 12 -0.57 -20.68 13.60
C HIS G 12 0.49 -19.61 13.78
N LEU G 13 0.43 -18.56 12.99
CA LEU G 13 1.41 -17.51 13.15
C LEU G 13 0.62 -16.30 13.49
N ILE G 14 0.97 -15.70 14.62
CA ILE G 14 0.29 -14.49 15.03
C ILE G 14 1.32 -13.41 14.93
N THR G 15 0.89 -12.24 14.50
CA THR G 15 1.81 -11.12 14.39
C THR G 15 1.09 -9.95 15.00
N TYR G 16 1.85 -8.99 15.50
CA TYR G 16 1.26 -7.82 16.10
C TYR G 16 2.11 -6.67 15.57
N SER G 17 1.46 -5.65 15.01
CA SER G 17 2.14 -4.47 14.44
C SER G 17 1.41 -3.21 14.91
N LEU G 18 2.04 -2.04 14.77
CA LEU G 18 1.41 -0.78 15.22
C LEU G 18 1.39 0.36 14.20
N SER G 19 0.27 1.07 14.10
CA SER G 19 0.16 2.21 13.18
C SER G 19 1.44 3.00 13.19
N PRO G 20 1.89 3.43 12.02
CA PRO G 20 3.13 4.20 11.97
C PRO G 20 3.05 5.47 12.80
N PHE G 21 1.83 5.93 13.06
CA PHE G 21 1.64 7.13 13.85
C PHE G 21 1.70 6.81 15.34
N GLU G 22 1.55 5.54 15.70
CA GLU G 22 1.56 5.19 17.13
C GLU G 22 2.97 4.85 17.61
N GLN G 23 3.88 4.56 16.69
CA GLN G 23 5.25 4.23 17.08
C GLN G 23 6.18 5.29 16.56
N ARG G 24 7.48 5.06 16.63
CA ARG G 24 8.35 6.11 16.13
C ARG G 24 9.41 5.63 15.14
N PRO G 25 9.20 5.98 13.87
CA PRO G 25 10.03 5.66 12.70
C PRO G 25 11.45 6.01 12.98
N PHE G 26 11.61 7.09 13.74
CA PHE G 26 12.90 7.61 14.11
C PHE G 26 13.90 6.46 14.13
N PRO G 27 13.77 5.50 15.10
CA PRO G 27 13.64 4.47 16.14
C PRO G 27 14.58 4.61 17.34
N HIS G 28 15.25 3.49 17.65
CA HIS G 28 16.21 3.38 18.74
C HIS G 28 17.68 3.33 18.34
N TYR G 29 18.19 4.44 17.82
CA TYR G 29 19.58 4.58 17.43
C TYR G 29 20.28 4.61 18.77
N PHE G 30 21.52 4.12 18.83
CA PHE G 30 22.27 4.09 20.08
C PHE G 30 21.92 2.87 20.91
N SER G 31 20.63 2.64 21.16
CA SER G 31 20.21 1.47 21.94
C SER G 31 20.46 0.18 21.16
N LYS G 32 19.79 0.06 20.00
CA LYS G 32 19.94 -1.11 19.14
C LYS G 32 20.44 -0.60 17.80
N GLY G 33 20.09 0.65 17.50
CA GLY G 33 20.47 1.26 16.24
C GLY G 33 21.90 1.03 15.77
N VAL G 34 22.75 1.99 16.09
CA VAL G 34 24.14 1.94 15.69
C VAL G 34 24.89 0.67 16.09
N PRO G 35 24.53 0.05 17.22
CA PRO G 35 25.22 -1.16 17.63
C PRO G 35 25.23 -2.24 16.53
N ASN G 36 24.07 -2.50 15.93
CA ASN G 36 23.98 -3.51 14.86
C ASN G 36 24.81 -3.11 13.66
N VAL G 37 24.76 -1.82 13.33
CA VAL G 37 25.53 -1.34 12.21
C VAL G 37 26.93 -1.90 12.39
N TRP G 38 27.54 -1.63 13.54
CA TRP G 38 28.87 -2.14 13.80
C TRP G 38 28.89 -3.66 13.75
N ARG G 39 27.85 -4.27 14.30
CA ARG G 39 27.74 -5.73 14.37
C ARG G 39 27.89 -6.33 12.99
N ARG G 40 27.82 -5.46 11.99
CA ARG G 40 27.95 -5.88 10.62
C ARG G 40 29.26 -5.48 9.93
N LEU G 41 29.73 -4.25 10.16
CA LEU G 41 31.01 -3.83 9.58
C LEU G 41 31.85 -4.97 10.09
N ARG G 42 31.81 -5.12 11.40
CA ARG G 42 32.55 -6.17 12.07
C ARG G 42 31.64 -7.36 11.86
N ALA G 43 31.97 -8.16 10.86
CA ALA G 43 31.20 -9.35 10.51
C ALA G 43 31.59 -9.65 9.09
N CYS G 44 31.93 -8.59 8.35
CA CYS G 44 32.34 -8.75 6.96
C CYS G 44 33.57 -7.95 6.57
N ILE G 45 33.99 -7.01 7.43
CA ILE G 45 35.17 -6.22 7.14
C ILE G 45 36.30 -7.18 6.83
N LEU G 46 36.26 -8.34 7.46
CA LEU G 46 37.30 -9.34 7.26
C LEU G 46 37.03 -10.26 6.06
N ARG G 47 35.85 -10.16 5.46
CA ARG G 47 35.53 -10.97 4.29
C ARG G 47 35.62 -10.17 3.00
N VAL G 48 35.31 -8.88 3.10
CA VAL G 48 35.35 -7.95 1.97
C VAL G 48 36.69 -7.26 1.74
N ALA G 49 37.12 -6.47 2.71
CA ALA G 49 38.37 -5.71 2.59
C ALA G 49 39.53 -6.51 2.01
N PRO G 50 39.84 -7.68 2.58
CA PRO G 50 40.95 -8.44 2.03
C PRO G 50 41.16 -8.34 0.52
N PRO G 51 40.23 -8.86 -0.31
CA PRO G 51 40.55 -8.69 -1.73
C PRO G 51 40.77 -7.24 -2.16
N PHE G 52 40.00 -6.29 -1.64
CA PHE G 52 40.25 -4.90 -2.02
C PHE G 52 41.60 -4.44 -1.53
N LEU G 53 41.91 -4.69 -0.26
CA LEU G 53 43.20 -4.30 0.27
C LEU G 53 44.22 -4.79 -0.72
N ALA G 54 44.22 -6.11 -0.93
CA ALA G 54 45.14 -6.76 -1.85
C ALA G 54 45.38 -6.02 -3.17
N PHE G 55 44.30 -5.73 -3.88
CA PHE G 55 44.42 -5.00 -5.14
C PHE G 55 45.24 -3.75 -4.88
N TYR G 56 44.81 -2.97 -3.89
CA TYR G 56 45.51 -1.74 -3.53
C TYR G 56 47.00 -1.89 -3.66
N LEU G 57 47.51 -2.93 -3.03
CA LEU G 57 48.91 -3.20 -3.10
C LEU G 57 49.30 -3.39 -4.56
N LEU G 58 48.77 -4.42 -5.20
CA LEU G 58 49.09 -4.66 -6.61
C LEU G 58 49.07 -3.36 -7.39
N TYR G 59 48.17 -2.46 -7.01
CA TYR G 59 48.09 -1.17 -7.65
C TYR G 59 49.40 -0.44 -7.36
N THR G 60 49.57 -0.07 -6.09
CA THR G 60 50.75 0.64 -5.67
C THR G 60 52.02 -0.03 -6.22
N TRP G 61 52.24 -1.29 -5.88
CA TRP G 61 53.41 -1.96 -6.39
C TRP G 61 53.60 -1.62 -7.84
N GLY G 62 52.67 -2.15 -8.65
CA GLY G 62 52.68 -1.97 -10.09
C GLY G 62 52.98 -0.59 -10.61
N THR G 63 52.30 0.44 -10.09
CA THR G 63 52.56 1.79 -10.57
C THR G 63 54.00 2.13 -10.19
N GLN G 64 54.30 2.16 -8.90
CA GLN G 64 55.66 2.46 -8.47
C GLN G 64 56.65 1.81 -9.42
N GLU G 65 56.61 0.48 -9.51
CA GLU G 65 57.52 -0.25 -10.39
C GLU G 65 57.65 0.43 -11.75
N PHE G 66 56.52 0.76 -12.34
CA PHE G 66 56.52 1.41 -13.63
C PHE G 66 57.25 2.74 -13.56
N GLU G 67 56.88 3.54 -12.57
CA GLU G 67 57.48 4.84 -12.39
C GLU G 67 58.97 4.73 -12.14
N LYS G 68 59.38 3.69 -11.43
CA LYS G 68 60.79 3.48 -11.17
C LYS G 68 61.45 3.13 -12.51
N SER G 69 60.91 2.14 -13.19
CA SER G 69 61.44 1.71 -14.48
C SER G 69 61.59 2.86 -15.48
N LYS G 70 61.09 4.03 -15.12
CA LYS G 70 61.20 5.19 -16.01
C LYS G 70 62.51 5.98 -15.91
N ARG G 71 63.10 6.02 -14.72
CA ARG G 71 64.33 6.77 -14.49
C ARG G 71 65.60 6.10 -14.97
N LYS G 72 66.68 6.88 -15.07
CA LYS G 72 67.97 6.40 -15.55
C LYS G 72 68.76 5.61 -14.50
N ASN G 73 69.51 4.62 -14.97
CA ASN G 73 70.34 3.78 -14.10
C ASN G 73 71.68 4.46 -13.96
N PRO G 74 71.93 5.09 -12.80
CA PRO G 74 73.18 5.77 -12.56
C PRO G 74 74.37 5.16 -13.29
N ALA G 75 74.34 3.84 -13.41
CA ALA G 75 75.43 3.12 -14.06
C ALA G 75 75.18 2.65 -15.49
N ALA G 76 74.11 3.14 -16.13
CA ALA G 76 73.82 2.72 -17.50
C ALA G 76 74.95 3.24 -18.40
N TYR G 77 75.71 4.21 -17.88
CA TYR G 77 76.87 4.79 -18.56
C TYR G 77 77.86 5.51 -17.61
N VAL G 78 78.47 4.72 -16.73
CA VAL G 78 79.45 5.23 -15.77
C VAL G 78 80.68 5.63 -16.57
N ASN G 79 80.62 5.38 -17.89
CA ASN G 79 81.73 5.70 -18.78
C ASN G 79 81.32 6.56 -19.98
N LEU H 13 59.05 47.76 -12.50
CA LEU H 13 58.24 46.54 -12.79
C LEU H 13 59.07 45.29 -12.77
N VAL H 14 58.71 44.39 -11.87
CA VAL H 14 59.40 43.11 -11.75
C VAL H 14 58.35 42.04 -11.55
N ASP H 15 58.43 41.00 -12.37
CA ASP H 15 57.47 39.92 -12.30
C ASP H 15 57.51 39.15 -10.98
N PRO H 16 56.46 39.29 -10.15
CA PRO H 16 56.48 38.56 -8.89
C PRO H 16 56.88 37.11 -9.07
N LEU H 17 56.83 36.64 -10.31
CA LEU H 17 57.20 35.28 -10.65
C LEU H 17 58.67 35.04 -10.42
N THR H 18 59.50 35.86 -11.06
CA THR H 18 60.94 35.72 -10.92
C THR H 18 61.34 35.94 -9.46
N THR H 19 60.65 36.86 -8.79
CA THR H 19 60.92 37.15 -7.38
C THR H 19 60.64 35.94 -6.50
N VAL H 20 59.46 35.37 -6.68
CA VAL H 20 59.05 34.21 -5.91
C VAL H 20 59.83 32.97 -6.32
N ARG H 21 60.28 32.91 -7.57
CA ARG H 21 61.05 31.76 -8.03
C ARG H 21 62.41 31.81 -7.39
N GLU H 22 62.90 33.02 -7.14
CA GLU H 22 64.20 33.17 -6.51
C GLU H 22 64.02 32.52 -5.15
N GLN H 23 63.19 33.12 -4.30
CA GLN H 23 62.96 32.56 -2.98
C GLN H 23 62.84 31.04 -3.03
N CYS H 24 61.89 30.55 -3.84
CA CYS H 24 61.65 29.13 -3.99
C CYS H 24 62.84 28.25 -4.43
N GLU H 25 63.77 28.78 -5.23
CA GLU H 25 64.92 28.00 -5.69
C GLU H 25 65.92 27.71 -4.55
N GLN H 26 65.58 28.17 -3.35
CA GLN H 26 66.44 27.97 -2.19
C GLN H 26 65.79 27.08 -1.12
N LEU H 27 64.50 26.78 -1.24
CA LEU H 27 63.85 25.91 -0.27
C LEU H 27 64.65 24.61 -0.33
N GLU H 28 64.82 23.95 0.82
CA GLU H 28 65.59 22.71 0.89
C GLU H 28 65.55 21.85 -0.37
N LYS H 29 64.37 21.32 -0.69
CA LYS H 29 64.20 20.45 -1.85
C LYS H 29 64.87 20.88 -3.14
N CYS H 30 64.62 22.12 -3.57
CA CYS H 30 65.18 22.65 -4.81
C CYS H 30 66.68 22.54 -4.84
N VAL H 31 67.31 23.12 -3.84
CA VAL H 31 68.76 23.12 -3.73
C VAL H 31 69.23 21.69 -3.89
N LYS H 32 68.54 20.78 -3.23
CA LYS H 32 68.90 19.37 -3.31
C LYS H 32 68.86 18.93 -4.76
N ALA H 33 67.82 19.35 -5.47
CA ALA H 33 67.68 19.00 -6.88
C ALA H 33 68.64 19.80 -7.75
N ARG H 34 68.61 21.13 -7.61
CA ARG H 34 69.50 22.00 -8.38
C ARG H 34 70.89 21.39 -8.41
N GLU H 35 71.36 21.00 -7.25
CA GLU H 35 72.69 20.40 -7.15
C GLU H 35 72.69 19.14 -8.00
N ARG H 36 71.81 18.21 -7.64
CA ARG H 36 71.69 16.95 -8.36
C ARG H 36 71.71 17.21 -9.86
N LEU H 37 71.25 18.39 -10.28
CA LEU H 37 71.19 18.77 -11.68
C LEU H 37 72.54 19.31 -12.17
N GLU H 38 73.03 20.34 -11.48
CA GLU H 38 74.29 21.00 -11.84
C GLU H 38 75.33 19.95 -12.15
N LEU H 39 75.30 18.85 -11.40
CA LEU H 39 76.23 17.74 -11.58
C LEU H 39 75.97 17.01 -12.90
N CYS H 40 74.72 16.72 -13.19
CA CYS H 40 74.37 16.04 -14.42
C CYS H 40 74.82 16.88 -15.60
N ASP H 41 74.46 18.15 -15.57
CA ASP H 41 74.79 19.07 -16.66
C ASP H 41 76.27 19.05 -16.96
N GLU H 42 77.08 19.41 -15.99
CA GLU H 42 78.51 19.41 -16.16
C GLU H 42 79.06 18.00 -16.32
N ARG H 43 78.20 17.00 -16.22
CA ARG H 43 78.64 15.61 -16.36
C ARG H 43 78.46 15.13 -17.78
N VAL H 44 77.50 15.70 -18.48
CA VAL H 44 77.22 15.29 -19.84
C VAL H 44 78.01 16.14 -20.83
N SER H 45 77.87 17.45 -20.70
CA SER H 45 78.56 18.38 -21.57
C SER H 45 80.07 18.22 -21.38
N SER H 46 80.44 17.38 -20.42
CA SER H 46 81.83 17.12 -20.12
C SER H 46 82.41 16.05 -21.05
N ARG H 47 81.53 15.16 -21.53
CA ARG H 47 81.94 14.10 -22.45
C ARG H 47 81.51 14.39 -23.89
N SER H 48 82.26 13.81 -24.83
CA SER H 48 82.04 13.98 -26.25
C SER H 48 81.06 12.95 -26.83
N GLN H 49 80.99 11.77 -26.24
CA GLN H 49 80.07 10.73 -26.74
C GLN H 49 79.31 10.02 -25.60
N THR H 50 78.09 10.47 -25.34
CA THR H 50 77.21 9.91 -24.30
C THR H 50 75.74 10.13 -24.64
N GLU H 51 74.92 9.16 -24.28
CA GLU H 51 73.49 9.21 -24.55
C GLU H 51 72.71 9.92 -23.44
N GLU H 52 73.27 9.97 -22.23
CA GLU H 52 72.56 10.61 -21.13
C GLU H 52 72.01 11.99 -21.46
N ASP H 53 70.89 12.31 -20.83
CA ASP H 53 70.24 13.61 -20.97
C ASP H 53 70.02 14.02 -19.52
N CYS H 54 69.85 15.32 -19.27
CA CYS H 54 69.61 15.78 -17.92
C CYS H 54 68.17 16.27 -17.75
N THR H 55 67.28 15.69 -18.56
CA THR H 55 65.86 16.03 -18.50
C THR H 55 65.31 15.58 -17.14
N GLU H 56 65.53 14.32 -16.79
CA GLU H 56 65.06 13.80 -15.51
C GLU H 56 65.39 14.77 -14.38
N GLU H 57 66.68 14.89 -14.13
CA GLU H 57 67.24 15.76 -13.10
C GLU H 57 66.59 17.13 -13.18
N LEU H 58 66.52 17.67 -14.40
CA LEU H 58 65.92 18.96 -14.62
C LEU H 58 64.48 18.96 -14.14
N PHE H 59 63.73 17.93 -14.51
CA PHE H 59 62.34 17.85 -14.08
C PHE H 59 62.19 17.82 -12.58
N ASP H 60 62.88 16.90 -11.93
CA ASP H 60 62.79 16.84 -10.50
C ASP H 60 62.99 18.23 -9.90
N PHE H 61 63.91 18.99 -10.48
CA PHE H 61 64.17 20.34 -10.00
C PHE H 61 62.96 21.22 -10.19
N LEU H 62 62.61 21.41 -11.45
CA LEU H 62 61.47 22.22 -11.84
C LEU H 62 60.25 21.87 -11.02
N HIS H 63 59.89 20.59 -11.05
CA HIS H 63 58.75 20.08 -10.32
C HIS H 63 58.74 20.65 -8.90
N ALA H 64 59.83 20.41 -8.19
CA ALA H 64 59.93 20.90 -6.83
C ALA H 64 59.84 22.41 -6.80
N ARG H 65 60.52 23.07 -7.74
CA ARG H 65 60.50 24.53 -7.77
C ARG H 65 59.09 25.06 -7.94
N ASP H 66 58.59 24.99 -9.16
CA ASP H 66 57.26 25.50 -9.45
C ASP H 66 56.20 25.04 -8.47
N HIS H 67 56.38 23.87 -7.87
CA HIS H 67 55.37 23.42 -6.93
C HIS H 67 55.07 24.50 -5.90
N CYS H 68 56.10 25.16 -5.38
CA CYS H 68 55.85 26.22 -4.40
C CYS H 68 55.61 27.54 -5.11
N VAL H 69 56.26 27.73 -6.26
CA VAL H 69 56.04 28.94 -7.04
C VAL H 69 54.52 29.07 -7.04
N ALA H 70 53.88 27.93 -7.22
CA ALA H 70 52.44 27.83 -7.29
C ALA H 70 51.72 28.00 -5.97
N HIS H 71 52.32 27.56 -4.88
CA HIS H 71 51.66 27.68 -3.58
C HIS H 71 51.77 29.10 -3.02
N LYS H 72 52.30 30.02 -3.81
CA LYS H 72 52.45 31.42 -3.37
C LYS H 72 52.33 32.48 -4.48
N LEU H 73 52.77 32.14 -5.69
CA LEU H 73 52.75 33.11 -6.78
C LEU H 73 51.45 33.85 -6.95
N PHE H 74 50.33 33.15 -6.97
CA PHE H 74 49.03 33.81 -7.16
C PHE H 74 48.63 34.81 -6.09
N ASN H 75 49.38 34.89 -5.00
CA ASN H 75 49.03 35.83 -3.94
C ASN H 75 49.37 37.23 -4.39
N SER H 76 50.51 37.36 -5.04
CA SER H 76 51.00 38.66 -5.50
C SER H 76 50.48 39.12 -6.86
N LEU H 77 49.68 38.30 -7.53
CA LEU H 77 49.13 38.69 -8.81
C LEU H 77 47.74 39.21 -8.51
N LYS H 78 47.23 40.10 -9.35
CA LYS H 78 45.92 40.66 -9.12
C LYS H 78 44.82 39.80 -9.76
N UNK I 1 -40.09 -27.35 14.10
CA UNK I 1 -39.05 -26.28 14.07
C UNK I 1 -39.56 -24.93 13.51
N UNK I 2 -38.87 -24.37 12.50
CA UNK I 2 -39.26 -23.08 11.89
C UNK I 2 -38.28 -22.61 10.79
N UNK I 3 -38.19 -21.29 10.58
CA UNK I 3 -37.28 -20.67 9.57
C UNK I 3 -37.36 -19.12 9.57
N UNK I 4 -36.92 -18.43 8.49
CA UNK I 4 -36.98 -16.94 8.43
C UNK I 4 -36.91 -16.24 7.05
N UNK I 5 -36.80 -14.90 7.07
CA UNK I 5 -36.74 -14.13 5.83
C UNK I 5 -36.23 -12.69 5.81
N UNK I 6 -36.41 -12.03 4.64
CA UNK I 6 -36.01 -10.64 4.28
C UNK I 6 -35.61 -9.59 5.32
N UNK I 7 -34.31 -9.29 5.36
CA UNK I 7 -33.72 -8.35 6.32
C UNK I 7 -33.80 -8.94 7.72
N UNK I 8 -33.04 -10.01 7.99
CA UNK I 8 -33.10 -10.62 9.32
C UNK I 8 -32.08 -11.64 9.85
N UNK I 9 -32.24 -12.90 9.46
CA UNK I 9 -31.34 -13.98 9.92
C UNK I 9 -31.97 -15.31 9.50
N UNK I 10 -31.32 -16.41 9.86
CA UNK I 10 -31.85 -17.73 9.53
C UNK I 10 -32.25 -18.45 10.82
N UNK I 11 -33.54 -18.37 11.14
CA UNK I 11 -34.09 -19.02 12.32
C UNK I 11 -34.19 -20.52 12.08
N UNK I 12 -33.92 -21.30 13.13
CA UNK I 12 -33.97 -22.76 13.08
C UNK I 12 -34.21 -23.20 14.53
N UNK I 13 -35.48 -23.23 14.96
CA UNK I 13 -35.80 -23.59 16.34
C UNK I 13 -36.46 -24.94 16.56
N UNK I 14 -36.74 -25.22 17.82
CA UNK I 14 -37.38 -26.46 18.26
C UNK I 14 -37.41 -26.46 19.80
N UNK I 15 -36.40 -27.09 20.40
CA UNK I 15 -36.20 -27.19 21.86
C UNK I 15 -37.40 -27.21 22.82
N UNK I 16 -37.51 -26.14 23.62
CA UNK I 16 -38.58 -26.01 24.60
C UNK I 16 -39.37 -24.75 24.31
N UNK I 17 -40.68 -24.89 24.10
CA UNK I 17 -41.55 -23.74 23.81
C UNK I 17 -42.99 -24.18 23.46
N UNK I 18 -21.52 -22.19 3.87
CA UNK I 18 -21.30 -22.53 5.32
C UNK I 18 -21.43 -21.27 6.19
N UNK I 19 -22.18 -20.29 5.68
CA UNK I 19 -22.42 -19.01 6.33
C UNK I 19 -22.92 -19.05 7.79
N UNK I 20 -21.98 -18.89 8.72
CA UNK I 20 -22.28 -18.88 10.16
C UNK I 20 -23.72 -18.53 10.50
N UNK I 21 -24.15 -17.34 10.11
CA UNK I 21 -25.50 -16.86 10.39
C UNK I 21 -25.48 -15.61 11.25
N UNK I 22 -24.89 -14.54 10.72
CA UNK I 22 -24.79 -13.26 11.41
C UNK I 22 -26.13 -12.58 11.63
N UNK I 23 -27.14 -13.38 11.92
CA UNK I 23 -28.47 -12.84 12.14
C UNK I 23 -28.65 -12.14 13.48
N UNK I 24 -28.85 -12.93 14.53
CA UNK I 24 -29.06 -12.35 15.83
C UNK I 24 -30.45 -11.75 15.92
N UNK I 25 -30.68 -10.67 15.18
CA UNK I 25 -31.99 -10.02 15.19
C UNK I 25 -32.00 -8.53 15.50
N UNK I 26 -32.09 -7.71 14.45
CA UNK I 26 -32.12 -6.26 14.63
C UNK I 26 -33.51 -5.68 14.80
N UNK I 27 -30.77 -30.66 37.34
CA UNK I 27 -30.55 -29.24 36.91
C UNK I 27 -29.18 -28.66 37.25
N UNK I 28 -28.67 -27.76 36.41
CA UNK I 28 -27.34 -27.14 36.61
C UNK I 28 -27.18 -25.77 35.92
N UNK I 29 -25.93 -25.30 35.85
CA UNK I 29 -25.57 -24.00 35.25
C UNK I 29 -26.71 -23.34 34.49
N UNK I 30 -27.20 -22.22 35.01
CA UNK I 30 -28.30 -21.53 34.37
C UNK I 30 -29.66 -21.90 34.96
N UNK I 31 -29.67 -22.84 35.89
CA UNK I 31 -30.87 -23.35 36.58
C UNK I 31 -31.99 -23.99 35.73
N UNK I 32 -33.02 -23.23 35.28
CA UNK I 32 -34.07 -23.88 34.48
C UNK I 32 -33.75 -24.40 33.05
N UNK I 33 -33.59 -25.72 32.91
CA UNK I 33 -33.30 -26.35 31.61
C UNK I 33 -34.54 -26.51 30.73
N THR J 4 -1.04 25.83 18.61
CA THR J 4 -0.10 24.67 18.81
C THR J 4 0.38 24.13 17.47
N LEU J 5 0.93 25.02 16.64
CA LEU J 5 1.44 24.70 15.30
C LEU J 5 0.96 23.32 14.84
N THR J 6 1.81 22.31 15.01
CA THR J 6 1.49 20.94 14.60
C THR J 6 0.01 20.59 14.64
N ALA J 7 -0.63 20.73 15.80
CA ALA J 7 -2.04 20.38 15.90
C ALA J 7 -2.90 21.31 15.03
N ARG J 8 -2.63 22.62 15.06
CA ARG J 8 -3.39 23.57 14.26
C ARG J 8 -3.11 23.36 12.76
N LEU J 9 -1.88 22.92 12.47
CA LEU J 9 -1.45 22.67 11.10
C LEU J 9 -2.14 21.44 10.54
N TYR J 10 -2.23 20.40 11.36
CA TYR J 10 -2.90 19.18 10.95
C TYR J 10 -4.39 19.51 10.79
N SER J 11 -5.02 19.86 11.89
CA SER J 11 -6.45 20.18 11.92
C SER J 11 -6.95 21.00 10.74
N LEU J 12 -6.13 21.94 10.26
CA LEU J 12 -6.53 22.78 9.16
C LEU J 12 -5.95 22.35 7.81
N LEU J 13 -4.64 22.35 7.72
CA LEU J 13 -3.93 22.01 6.49
C LEU J 13 -3.88 20.56 6.05
N PHE J 14 -3.19 19.74 6.83
CA PHE J 14 -2.97 18.32 6.53
C PHE J 14 -4.14 17.34 6.53
N ARG J 15 -5.15 17.57 7.37
CA ARG J 15 -6.27 16.66 7.43
C ARG J 15 -6.97 16.40 6.09
N ARG J 16 -7.76 17.37 5.65
CA ARG J 16 -8.50 17.25 4.38
C ARG J 16 -7.58 17.25 3.16
N THR J 17 -7.58 16.13 2.43
CA THR J 17 -6.76 15.93 1.24
C THR J 17 -6.83 17.15 0.32
N SER J 18 -7.95 17.85 0.39
CA SER J 18 -8.14 19.05 -0.41
C SER J 18 -7.10 20.07 0.08
N THR J 19 -7.35 20.63 1.26
CA THR J 19 -6.50 21.62 1.92
C THR J 19 -5.02 21.33 1.80
N PHE J 20 -4.67 20.08 2.08
CA PHE J 20 -3.30 19.62 2.05
C PHE J 20 -2.62 20.08 0.76
N ALA J 21 -3.12 19.62 -0.38
CA ALA J 21 -2.52 20.02 -1.65
C ALA J 21 -2.44 21.54 -1.72
N LEU J 22 -3.60 22.17 -1.71
CA LEU J 22 -3.68 23.61 -1.77
C LEU J 22 -2.55 24.30 -1.00
N THR J 23 -2.18 23.80 0.17
CA THR J 23 -1.09 24.45 0.88
C THR J 23 0.24 24.11 0.24
N ILE J 24 0.36 22.91 -0.34
CA ILE J 24 1.58 22.54 -1.02
C ILE J 24 1.84 23.60 -2.09
N VAL J 25 0.82 23.90 -2.87
CA VAL J 25 0.98 24.90 -3.90
C VAL J 25 1.41 26.22 -3.25
N VAL J 26 0.57 26.79 -2.40
CA VAL J 26 0.90 28.05 -1.71
C VAL J 26 2.24 27.97 -0.96
N GLY J 27 2.58 26.76 -0.52
CA GLY J 27 3.82 26.57 0.21
C GLY J 27 5.00 26.57 -0.74
N ALA J 28 4.80 25.97 -1.91
CA ALA J 28 5.85 25.91 -2.91
C ALA J 28 6.22 27.32 -3.32
N LEU J 29 5.20 28.15 -3.51
CA LEU J 29 5.41 29.53 -3.90
C LEU J 29 6.31 30.24 -2.94
N LEU J 30 5.94 30.22 -1.68
CA LEU J 30 6.74 30.86 -0.67
C LEU J 30 8.13 30.27 -0.60
N PHE J 31 8.22 28.94 -0.56
CA PHE J 31 9.51 28.29 -0.49
C PHE J 31 10.44 28.76 -1.59
N GLU J 32 9.87 28.93 -2.78
CA GLU J 32 10.66 29.37 -3.92
C GLU J 32 11.24 30.76 -3.67
N ARG J 33 10.39 31.78 -3.77
CA ARG J 33 10.81 33.17 -3.56
C ARG J 33 11.86 33.20 -2.49
N ALA J 34 11.57 32.57 -1.37
CA ALA J 34 12.48 32.54 -0.24
C ALA J 34 13.79 31.81 -0.51
N PHE J 35 13.70 30.58 -0.97
CA PHE J 35 14.91 29.80 -1.24
C PHE J 35 15.78 30.49 -2.28
N ASP J 36 15.15 30.96 -3.36
CA ASP J 36 15.91 31.62 -4.41
C ASP J 36 16.71 32.81 -3.90
N GLN J 37 16.03 33.85 -3.46
CA GLN J 37 16.72 35.03 -2.96
C GLN J 37 17.94 34.62 -2.15
N GLY J 38 17.69 33.76 -1.16
CA GLY J 38 18.75 33.31 -0.28
C GLY J 38 19.94 32.68 -0.95
N ALA J 39 19.70 31.60 -1.69
CA ALA J 39 20.78 30.90 -2.38
C ALA J 39 21.62 31.89 -3.14
N ASP J 40 20.95 32.74 -3.91
CA ASP J 40 21.61 33.75 -4.68
C ASP J 40 22.47 34.58 -3.73
N ALA J 41 21.87 35.11 -2.67
CA ALA J 41 22.62 35.89 -1.69
C ALA J 41 23.88 35.13 -1.28
N ILE J 42 23.68 33.97 -0.64
CA ILE J 42 24.79 33.13 -0.19
C ILE J 42 25.82 33.08 -1.29
N TYR J 43 25.37 32.67 -2.46
CA TYR J 43 26.25 32.54 -3.61
C TYR J 43 27.04 33.82 -3.92
N GLU J 44 26.32 34.88 -4.27
CA GLU J 44 26.92 36.17 -4.61
C GLU J 44 27.85 36.65 -3.52
N HIS J 45 27.47 36.41 -2.27
CA HIS J 45 28.31 36.82 -1.18
C HIS J 45 29.66 36.11 -1.28
N ILE J 46 29.62 34.80 -1.39
CA ILE J 46 30.85 34.02 -1.48
C ILE J 46 31.70 34.39 -2.70
N ASN J 47 31.25 35.35 -3.49
CA ASN J 47 32.01 35.75 -4.67
C ASN J 47 32.12 37.25 -4.90
N GLU J 48 32.07 38.04 -3.83
CA GLU J 48 32.14 39.49 -3.93
C GLU J 48 33.19 40.10 -4.84
N GLY J 49 32.74 41.03 -5.67
CA GLY J 49 33.61 41.74 -6.61
C GLY J 49 34.13 40.92 -7.77
N LYS J 50 33.58 39.73 -7.98
CA LYS J 50 34.05 38.90 -9.07
C LYS J 50 32.99 38.79 -10.15
N LEU J 51 31.75 39.05 -9.76
CA LEU J 51 30.65 38.97 -10.69
C LEU J 51 30.53 40.23 -11.54
N TRP J 52 29.96 40.09 -12.73
CA TRP J 52 29.80 41.25 -13.59
C TRP J 52 28.84 42.20 -12.91
N LYS J 53 27.93 41.63 -12.13
CA LYS J 53 26.96 42.43 -11.39
C LYS J 53 27.80 43.38 -10.54
N HIS J 54 28.91 42.85 -10.03
CA HIS J 54 29.82 43.60 -9.16
C HIS J 54 30.77 44.56 -9.86
N ILE J 55 31.12 44.25 -11.10
CA ILE J 55 32.05 45.05 -11.90
C ILE J 55 31.29 45.96 -12.85
N LYS J 56 30.04 45.57 -13.14
CA LYS J 56 29.16 46.29 -14.04
C LYS J 56 29.34 47.78 -13.96
N HIS J 57 29.94 48.20 -12.86
CA HIS J 57 30.15 49.59 -12.57
C HIS J 57 31.39 50.33 -13.08
N LYS J 58 32.44 49.65 -13.48
CA LYS J 58 33.58 50.43 -13.94
C LYS J 58 33.21 51.11 -15.29
N TYR J 59 31.94 50.96 -15.66
CA TYR J 59 31.35 51.52 -16.89
C TYR J 59 29.91 51.79 -16.40
N GLU J 60 29.79 51.73 -15.07
CA GLU J 60 28.57 51.93 -14.25
C GLU J 60 28.80 51.98 -12.68
N ASN J 61 29.85 52.71 -12.24
CA ASN J 61 30.36 52.97 -10.83
C ASN J 61 30.34 52.00 -9.58
N LYS J 62 31.53 51.80 -8.99
CA LYS J 62 31.79 50.99 -7.77
C LYS J 62 33.12 50.17 -7.76
CHA HEM K . 25.16 11.35 -27.34
CHB HEM K . 24.39 7.76 -24.36
CHC HEM K . 19.89 7.69 -25.67
CHD HEM K . 20.61 11.36 -28.56
C1A HEM K . 25.30 10.37 -26.45
C2A HEM K . 26.56 9.97 -25.94
C3A HEM K . 26.36 8.92 -25.14
C4A HEM K . 24.96 8.75 -25.11
CMA HEM K . 27.42 8.12 -24.41
CAA HEM K . 27.83 10.70 -26.10
CBA HEM K . 27.76 11.78 -25.05
CGA HEM K . 28.96 12.68 -25.08
O1A HEM K . 29.12 13.40 -26.08
O2A HEM K . 29.73 12.65 -24.10
C1B HEM K . 23.08 7.41 -24.42
C2B HEM K . 22.48 6.25 -23.75
C3B HEM K . 21.18 6.34 -24.02
C4B HEM K . 21.03 7.36 -25.04
CMB HEM K . 23.05 5.08 -22.93
CAB HEM K . 20.25 5.56 -23.36
CBB HEM K . 19.81 4.42 -23.98
C1C HEM K . 19.70 8.71 -26.56
C2C HEM K . 18.48 8.86 -27.32
C3C HEM K . 18.65 10.00 -28.08
C4C HEM K . 20.01 10.39 -27.86
CMC HEM K . 17.26 7.94 -27.17
CAC HEM K . 17.70 10.68 -28.82
CBC HEM K . 16.60 10.12 -29.44
C1D HEM K . 21.91 11.67 -28.47
C2D HEM K . 22.49 12.88 -29.04
C3D HEM K . 23.81 12.82 -28.77
C4D HEM K . 23.99 11.66 -27.93
CMD HEM K . 21.86 14.14 -29.67
CAD HEM K . 24.71 13.92 -29.29
CBD HEM K . 25.17 15.10 -28.44
CGD HEM K . 26.26 14.71 -27.48
O1D HEM K . 27.28 14.14 -27.91
O2D HEM K . 26.11 15.00 -26.28
NA HEM K . 24.30 9.58 -25.98
NB HEM K . 22.19 8.06 -25.26
NC HEM K . 20.68 9.62 -26.93
ND HEM K . 22.80 10.99 -27.67
FE HEM K . 22.50 9.57 -26.44
CHA HEM L . 15.61 -7.75 -11.87
CHB HEM L . 15.70 -3.70 -14.28
CHC HEM L . 19.24 -5.20 -16.91
CHD HEM L . 19.29 -9.23 -14.36
C1A HEM L . 15.26 -6.57 -12.42
C2A HEM L . 14.39 -5.67 -11.72
C3A HEM L . 14.25 -4.63 -12.59
C4A HEM L . 15.31 -4.77 -13.55
CMA HEM L . 13.24 -3.45 -12.54
CAA HEM L . 13.74 -5.68 -10.30
CBA HEM L . 14.43 -6.14 -9.02
CGA HEM L . 15.78 -5.53 -8.84
O1A HEM L . 15.91 -4.32 -9.03
O2A HEM L . 16.73 -6.27 -8.51
C1B HEM L . 16.63 -3.68 -15.22
C2B HEM L . 16.79 -2.59 -16.19
C3B HEM L . 17.79 -3.03 -16.99
C4B HEM L . 18.17 -4.40 -16.51
CMB HEM L . 16.02 -1.28 -16.38
CAB HEM L . 18.32 -2.21 -17.96
CBB HEM L . 18.77 -2.59 -19.16
C1C HEM L . 19.63 -6.41 -16.32
C2C HEM L . 20.96 -7.02 -16.49
C3C HEM L . 20.93 -8.20 -15.85
C4C HEM L . 19.67 -8.21 -15.14
CMC HEM L . 22.16 -6.62 -17.34
CAC HEM L . 21.81 -9.23 -16.17
CBC HEM L . 22.85 -9.58 -15.37
C1D HEM L . 18.18 -9.28 -13.57
C2D HEM L . 17.85 -10.33 -12.59
C3D HEM L . 16.76 -9.91 -11.93
C4D HEM L . 16.58 -8.55 -12.37
CMD HEM L . 18.61 -11.59 -12.21
CAD HEM L . 15.86 -10.79 -11.08
CBD HEM L . 16.39 -11.30 -9.72
CGD HEM L . 15.94 -10.48 -8.51
O1D HEM L . 16.39 -10.83 -7.39
O2D HEM L . 15.12 -9.53 -8.67
NA HEM L . 15.86 -6.01 -13.54
NB HEM L . 17.36 -4.80 -15.46
NC HEM L . 18.91 -7.09 -15.34
ND HEM L . 17.34 -8.20 -13.48
FE HEM L . 17.26 -6.52 -14.54
C1 U10 M . 8.90 -4.04 -10.94
C2 U10 M . 9.00 -5.35 -10.32
C3 U10 M . 9.76 -5.57 -9.18
C4 U10 M . 10.43 -4.48 -8.56
C5 U10 M . 10.36 -3.15 -9.13
C6 U10 M . 9.57 -2.87 -10.33
C1M U10 M . 8.04 -3.91 -12.20
C3M U10 M . 8.63 -7.39 -7.95
C4M U10 M . 10.53 -4.79 -6.16
C7 U10 M . 9.52 -1.39 -10.92
C8 U10 M . 9.49 -1.24 -12.38
C9 U10 M . 9.40 -0.10 -13.16
C10 U10 M . 9.36 -0.36 -14.66
C11 U10 M . 9.35 1.34 -12.63
C12 U10 M . 9.95 2.37 -13.62
C13 U10 M . 9.50 3.71 -13.26
C14 U10 M . 8.54 4.44 -14.35
C15 U10 M . 8.10 5.82 -13.95
C16 U10 M . 8.11 3.79 -15.67
C17 U10 M . 6.69 3.19 -15.73
C18 U10 M . 5.90 3.92 -16.74
C19 U10 M . 4.61 3.73 -17.11
C20 U10 M . 3.94 4.59 -18.18
C21 U10 M . 3.72 2.64 -16.49
C22 U10 M . 2.59 3.15 -15.63
O2 U10 M . 8.49 -6.36 -10.75
O3 U10 M . 9.79 -6.87 -8.65
O4 U10 M . 11.18 -4.71 -7.39
O5 U10 M . 10.97 -2.27 -8.54
C26 PEE N . 30.12 -7.47 -17.05
C25 PEE N . 30.58 -7.72 -15.57
C24 PEE N . 31.14 -9.19 -15.53
C23 PEE N . 30.79 -10.22 -14.35
C22 PEE N . 29.83 -9.84 -13.12
C21 PEE N . 30.29 -8.99 -12.18
C20 PEE N . 29.68 -7.61 -11.75
C19 PEE N . 30.43 -7.16 -10.43
C18 PEE N . 30.56 -5.60 -10.04
C17 PEE N . 29.48 -4.96 -9.05
C16 PEE N . 29.72 -5.44 -7.55
C15 PEE N . 28.73 -4.94 -6.43
C14 PEE N . 28.73 -6.12 -5.42
C13 PEE N . 27.36 -6.83 -5.24
C12 PEE N . 27.39 -6.96 -3.69
C11 PEE N . 26.00 -7.39 -3.07
C10 PEE N . 26.61 -7.40 -1.57
O4 PEE N . 26.42 -8.38 -2.36
O2 PEE N . 25.84 -7.65 -0.28
C2 PEE N . 26.57 -7.66 0.92
C1 PEE N . 25.83 -8.18 2.20
O3P PEE N . 25.99 -9.58 2.60
P PEE N . 24.63 -10.46 3.05
O2P PEE N . 25.16 -11.82 3.36
O1P PEE N . 23.52 -10.50 2.03
O4P PEE N . 23.88 -9.86 4.40
C4 PEE N . 22.86 -10.69 5.04
C5 PEE N . 21.53 -9.87 4.95
N PEE N . 21.30 -8.81 5.95
C3 PEE N . 28.02 -7.32 1.34
O3 PEE N . 28.31 -6.41 2.44
C30 PEE N . 28.84 -5.27 1.97
O5 PEE N . 30.32 -5.73 2.12
C31 PEE N . 28.72 -3.95 1.49
C32 PEE N . 29.32 -3.73 0.10
C33 PEE N . 29.49 -2.36 -0.55
C34 PEE N . 29.95 -2.77 -1.97
C35 PEE N . 30.20 -1.56 -2.92
C36 PEE N . 31.03 -2.13 -4.14
C37 PEE N . 31.64 -1.03 -5.10
C38 PEE N . 32.21 -1.63 -6.44
C39 PEE N . 32.68 -0.62 -7.60
C40 PEE N . 31.80 -0.43 -8.91
C41 PEE N . 32.79 -0.50 -10.13
C42 PEE N . 32.63 -1.04 -11.36
C43 PEE N . 33.86 -1.83 -11.95
C44 PEE N . 33.59 -3.11 -12.84
C45 PEE N . 33.17 -2.98 -14.34
C46 PEE N . 33.00 -4.45 -14.84
C1 SIG O . 37.85 3.28 -27.62
C2 SIG O . 36.78 2.48 -27.16
C3 SIG O . 36.92 1.04 -27.05
C4 SIG O . 38.12 0.41 -27.44
C5 SIG O . 39.23 1.20 -27.93
C6 SIG O . 39.07 2.62 -28.02
O7 SIG O . 35.84 0.23 -26.58
C8 SIG O . 35.91 -1.18 -26.44
C9 SIG O . 37.10 -1.85 -26.81
C10 SIG O . 38.22 -1.07 -27.31
O12 SIG O . 35.59 3.09 -26.79
O13 SIG O . 37.60 4.68 -27.66
O14 SIG O . 40.42 0.51 -28.29
O15 SIG O . 39.24 -1.69 -27.60
C16 SIG O . 41.53 1.25 -28.77
C20 SIG O . 34.52 -1.71 -25.88
C21 SIG O . 34.20 -3.16 -25.42
C22 SIG O . 33.13 -4.02 -26.30
C23 SIG O . 31.61 -3.70 -26.17
C24 SIG O . 30.95 -3.05 -27.31
C25 SIG O . 30.24 -4.01 -28.29
C26 SIG O . 38.62 5.56 -28.10
C27 SIG O . 33.26 -5.50 -25.95
C28 SIG O . 31.34 -2.92 -24.88
C29 SIG O . 29.43 -3.29 -29.33
C30 SIG O . 29.49 -3.45 -30.64
C31 SIG O . 29.10 -2.41 -31.68
C32 SIG O . 28.71 -2.73 -32.92
C33 SIG O . 37.36 -3.34 -26.72
C34 SIG O . 29.33 -4.95 -27.53
C35 SIG O . 31.88 -2.07 -28.11
C36 SIG O . 28.25 -1.81 -33.99
C37 SIG O . 27.07 -1.11 -33.95
C38 SIG O . 26.52 -0.17 -34.98
C39 SIG O . 29.25 -1.78 -35.14
C1 BOG P . 17.98 27.48 -11.65
O1 BOG P . 17.37 26.60 -10.75
C2 BOG P . 16.90 28.30 -12.44
O2 BOG P . 16.02 27.42 -13.17
C3 BOG P . 17.60 29.28 -13.41
O3 BOG P . 16.64 30.03 -14.15
C4 BOG P . 18.53 30.23 -12.60
O4 BOG P . 19.20 31.18 -13.47
C5 BOG P . 19.58 29.36 -11.79
O5 BOG P . 18.89 28.38 -10.91
C6 BOG P . 20.53 30.22 -10.91
O6 BOG P . 19.84 31.20 -10.14
C1' BOG P . 17.69 25.19 -10.83
C2' BOG P . 17.40 24.55 -9.49
C3' BOG P . 17.29 23.05 -9.58
C4' BOG P . 16.41 22.55 -8.44
C5' BOG P . 17.08 21.46 -7.63
C6' BOG P . 16.64 20.07 -8.09
C7' BOG P . 16.78 19.08 -6.97
C8' BOG P . 16.34 17.76 -7.48
CHA HEM Q . 50.04 26.35 -29.52
CHB HEM Q . 48.44 29.23 -26.12
CHC HEM Q . 49.82 32.99 -28.62
CHD HEM Q . 51.51 30.01 -32.05
C1A HEM Q . 49.43 26.82 -28.40
C2A HEM Q . 48.97 25.99 -27.30
C3A HEM Q . 48.39 26.75 -26.35
C4A HEM Q . 48.75 28.10 -26.80
CMA HEM Q . 47.57 26.28 -25.12
CAA HEM Q . 49.40 24.56 -27.30
CBA HEM Q . 48.82 23.54 -26.42
CGA HEM Q . 49.45 22.21 -26.70
O1A HEM Q . 49.54 21.87 -27.89
O2A HEM Q . 49.81 21.50 -25.73
C1B HEM Q . 48.64 30.49 -26.53
C2B HEM Q . 48.04 31.61 -25.85
C3B HEM Q . 48.50 32.69 -26.47
C4B HEM Q . 49.26 32.22 -27.61
CMB HEM Q . 47.03 31.62 -24.70
CAB HEM Q . 48.26 34.14 -26.18
CBB HEM Q . 48.64 34.38 -24.74
C1C HEM Q . 50.45 32.50 -29.78
C2C HEM Q . 50.89 33.33 -30.90
C3C HEM Q . 51.44 32.50 -31.80
C4C HEM Q . 51.23 31.13 -31.31
CMC HEM Q . 50.56 34.76 -31.24
CAC HEM Q . 51.85 32.72 -33.26
CBC HEM Q . 52.92 33.76 -33.47
C1D HEM Q . 51.28 28.73 -31.68
C2D HEM Q . 51.85 27.53 -32.33
C3D HEM Q . 51.42 26.49 -31.62
C4D HEM Q . 50.66 27.05 -30.49
CMD HEM Q . 52.78 27.32 -33.52
CAD HEM Q . 51.71 25.07 -32.06
CBD HEM Q . 52.59 24.33 -31.08
CGD HEM Q . 52.94 22.93 -31.54
O1D HEM Q . 51.99 22.14 -31.73
O2D HEM Q . 54.15 22.65 -31.71
NA HEM Q . 49.39 28.12 -28.03
NB HEM Q . 49.29 30.85 -27.65
NC HEM Q . 50.62 31.14 -30.09
ND HEM Q . 50.67 28.41 -30.50
FE HEM Q . 50.01 29.64 -29.08
FE1 FES R . -2.46 34.13 -46.24
FE2 FES R . -4.02 32.25 -45.32
S1 FES R . -4.58 33.81 -46.79
S2 FES R . -1.81 32.12 -45.58
C26 PEE S . 11.65 15.45 -12.59
C25 PEE S . 11.80 15.41 -11.02
C24 PEE S . 13.28 15.91 -10.72
C23 PEE S . 13.89 15.85 -9.26
C22 PEE S . 13.06 15.30 -8.05
C21 PEE S . 13.32 14.03 -7.68
C20 PEE S . 13.16 13.33 -6.28
C19 PEE S . 11.88 12.42 -6.34
C18 PEE S . 10.47 13.03 -5.91
C17 PEE S . 9.44 12.18 -5.08
C16 PEE S . 9.33 12.69 -3.61
C15 PEE S . 8.34 11.93 -2.67
C14 PEE S . 7.39 13.05 -2.15
C13 PEE S . 6.29 13.40 -3.14
C12 PEE S . 5.06 12.94 -2.36
C11 PEE S . 4.61 11.48 -2.74
C10 PEE S . 3.37 11.61 -1.72
O4 PEE S . 4.49 11.04 -1.54
O2 PEE S . 2.30 10.62 -1.49
C2 PEE S . 1.34 11.00 -0.54
C1 PEE S . 1.26 10.13 0.76
O3P PEE S . 1.76 10.69 2.00
P PEE S . 0.63 10.73 3.23
O2P PEE S . 1.32 11.34 4.44
O1P PEE S . 0.06 9.35 3.54
O4P PEE S . -0.65 11.68 2.74
C4 PEE S . -1.90 11.58 3.49
C5 PEE S . -2.61 12.96 3.30
N PEE S . -3.71 13.28 4.22
C3 PEE S . 0.27 12.12 -0.37
O3 PEE S . -0.94 12.15 -1.18
C30 PEE S . -1.13 13.39 -1.65
O5 PEE S . -2.63 13.15 -2.04
C31 PEE S . -0.68 14.70 -1.93
C32 PEE S . -0.54 14.99 -3.44
C33 PEE S . -1.27 16.12 -4.15
C34 PEE S . -0.11 17.12 -4.25
C35 PEE S . -0.51 18.43 -4.97
C36 PEE S . 0.61 18.56 -6.05
C37 PEE S . 0.43 19.73 -7.11
C38 PEE S . 1.57 20.82 -6.95
C39 PEE S . 1.63 22.06 -7.94
C40 PEE S . 2.45 21.97 -9.28
C41 PEE S . 2.45 23.40 -9.92
C42 PEE S . 3.45 24.31 -10.02
C43 PEE S . 3.73 25.16 -8.70
C44 PEE S . 5.22 25.54 -8.34
C45 PEE S . 5.53 26.91 -7.64
C46 PEE S . 7.08 26.93 -7.47
#